data_1NNX
# 
_entry.id   1NNX 
# 
_audit_conform.dict_name       mmcif_pdbx.dic 
_audit_conform.dict_version    5.386 
_audit_conform.dict_location   http://mmcif.pdb.org/dictionaries/ascii/mmcif_pdbx.dic 
# 
loop_
_database_2.database_id 
_database_2.database_code 
_database_2.pdbx_database_accession 
_database_2.pdbx_DOI 
PDB   1NNX         pdb_00001nnx 10.2210/pdb1nnx/pdb 
RCSB  RCSB018047   ?            ?                   
WWPDB D_1000018047 ?            ?                   
# 
loop_
_pdbx_audit_revision_history.ordinal 
_pdbx_audit_revision_history.data_content_type 
_pdbx_audit_revision_history.major_revision 
_pdbx_audit_revision_history.minor_revision 
_pdbx_audit_revision_history.revision_date 
1 'Structure model' 1 0 2004-03-09 
2 'Structure model' 1 1 2008-04-29 
3 'Structure model' 1 2 2011-07-13 
4 'Structure model' 1 3 2019-07-24 
5 'Structure model' 1 4 2024-02-14 
# 
_pdbx_audit_revision_details.ordinal             1 
_pdbx_audit_revision_details.revision_ordinal    1 
_pdbx_audit_revision_details.data_content_type   'Structure model' 
_pdbx_audit_revision_details.provider            repository 
_pdbx_audit_revision_details.type                'Initial release' 
_pdbx_audit_revision_details.description         ? 
_pdbx_audit_revision_details.details             ? 
# 
loop_
_pdbx_audit_revision_group.ordinal 
_pdbx_audit_revision_group.revision_ordinal 
_pdbx_audit_revision_group.data_content_type 
_pdbx_audit_revision_group.group 
1 2 'Structure model' 'Version format compliance' 
2 3 'Structure model' 'Version format compliance' 
3 4 'Structure model' 'Data collection'           
4 4 'Structure model' 'Refinement description'    
5 5 'Structure model' 'Data collection'           
6 5 'Structure model' 'Database references'       
7 5 'Structure model' 'Derived calculations'      
# 
loop_
_pdbx_audit_revision_category.ordinal 
_pdbx_audit_revision_category.revision_ordinal 
_pdbx_audit_revision_category.data_content_type 
_pdbx_audit_revision_category.category 
1 4 'Structure model' software       
2 5 'Structure model' chem_comp_atom 
3 5 'Structure model' chem_comp_bond 
4 5 'Structure model' database_2     
5 5 'Structure model' struct_site    
# 
loop_
_pdbx_audit_revision_item.ordinal 
_pdbx_audit_revision_item.revision_ordinal 
_pdbx_audit_revision_item.data_content_type 
_pdbx_audit_revision_item.item 
1 4 'Structure model' '_software.classification'            
2 4 'Structure model' '_software.name'                      
3 4 'Structure model' '_software.version'                   
4 5 'Structure model' '_database_2.pdbx_DOI'                
5 5 'Structure model' '_database_2.pdbx_database_accession' 
6 5 'Structure model' '_struct_site.pdbx_auth_asym_id'      
7 5 'Structure model' '_struct_site.pdbx_auth_comp_id'      
8 5 'Structure model' '_struct_site.pdbx_auth_seq_id'       
# 
_pdbx_database_status.status_code                     REL 
_pdbx_database_status.entry_id                        1NNX 
_pdbx_database_status.recvd_initial_deposition_date   2003-01-14 
_pdbx_database_status.deposit_site                    RCSB 
_pdbx_database_status.process_site                    RCSB 
_pdbx_database_status.status_code_sf                  REL 
_pdbx_database_status.SG_entry                        Y 
_pdbx_database_status.pdb_format_compatible           Y 
_pdbx_database_status.status_code_mr                  ? 
_pdbx_database_status.status_code_cs                  ? 
_pdbx_database_status.methods_development_category    ? 
_pdbx_database_status.status_code_nmr_data            ? 
# 
_pdbx_database_related.db_name        TargetDB 
_pdbx_database_related.db_id          ygiW 
_pdbx_database_related.details        . 
_pdbx_database_related.content_type   unspecified 
# 
loop_
_audit_author.name 
_audit_author.pdbx_ordinal 
'Lehmann, C.'                        1 
'Galkin, A.'                         2 
'Pullalarevu, S.'                    3 
'Sarikaya, E.'                       4 
'Krajewski, W.'                      5 
'Lim, K.'                            6 
'Howard, A.'                         7 
'Herzberg, O.'                       8 
'Structure 2 Function Project (S2F)' 9 
# 
_citation.id                        primary 
_citation.title                     'Structure of the hypothetical protein ygiW from E. coli.' 
_citation.journal_abbrev            'To be Published' 
_citation.journal_volume            ? 
_citation.page_first                ? 
_citation.page_last                 ? 
_citation.year                      ? 
_citation.journal_id_ASTM           ? 
_citation.country                   ? 
_citation.journal_id_ISSN           ? 
_citation.journal_id_CSD            0353 
_citation.book_publisher            ? 
_citation.pdbx_database_id_PubMed   ? 
_citation.pdbx_database_id_DOI      ? 
# 
loop_
_citation_author.citation_id 
_citation_author.name 
_citation_author.ordinal 
_citation_author.identifier_ORCID 
primary 'Lehmann, C.'     1 ? 
primary 'Galkin, A.'      2 ? 
primary 'Pullalarevu, S.' 3 ? 
primary 'Sarikaya, E.'    4 ? 
primary 'Krajewski, W.'   5 ? 
primary 'Lim, K.'         6 ? 
primary 'Howard, A.'      7 ? 
primary 'Herzberg, O.'    8 ? 
# 
loop_
_entity.id 
_entity.type 
_entity.src_method 
_entity.pdbx_description 
_entity.formula_weight 
_entity.pdbx_number_of_molecules 
_entity.pdbx_ec 
_entity.pdbx_mutation 
_entity.pdbx_fragment 
_entity.details 
1 polymer     man 'Protein ygiW' 11918.005 1   ? ? ? ? 
2 non-polymer syn 'SULFATE ION'  96.063    1   ? ? ? ? 
3 water       nat water          18.015    125 ? ? ? ? 
# 
_entity_poly.entity_id                      1 
_entity_poly.type                           'polypeptide(L)' 
_entity_poly.nstd_linkage                   no 
_entity_poly.nstd_monomer                   no 
_entity_poly.pdbx_seq_one_letter_code       
;EQGGFSGPSATQSQAGGFQGPNGSVTTVESAKSLRDDTWVTLRGNIVERISDDLYVFKDASGTINVDIDHKRWNGVTVTP
KDTVEIQGEVDKDWNSVEIDVKQIRKVNP
;
_entity_poly.pdbx_seq_one_letter_code_can   
;EQGGFSGPSATQSQAGGFQGPNGSVTTVESAKSLRDDTWVTLRGNIVERISDDLYVFKDASGTINVDIDHKRWNGVTVTP
KDTVEIQGEVDKDWNSVEIDVKQIRKVNP
;
_entity_poly.pdbx_strand_id                 A 
_entity_poly.pdbx_target_identifier         ygiW 
# 
loop_
_pdbx_entity_nonpoly.entity_id 
_pdbx_entity_nonpoly.name 
_pdbx_entity_nonpoly.comp_id 
2 'SULFATE ION' SO4 
3 water         HOH 
# 
loop_
_entity_poly_seq.entity_id 
_entity_poly_seq.num 
_entity_poly_seq.mon_id 
_entity_poly_seq.hetero 
1 1   GLU n 
1 2   GLN n 
1 3   GLY n 
1 4   GLY n 
1 5   PHE n 
1 6   SER n 
1 7   GLY n 
1 8   PRO n 
1 9   SER n 
1 10  ALA n 
1 11  THR n 
1 12  GLN n 
1 13  SER n 
1 14  GLN n 
1 15  ALA n 
1 16  GLY n 
1 17  GLY n 
1 18  PHE n 
1 19  GLN n 
1 20  GLY n 
1 21  PRO n 
1 22  ASN n 
1 23  GLY n 
1 24  SER n 
1 25  VAL n 
1 26  THR n 
1 27  THR n 
1 28  VAL n 
1 29  GLU n 
1 30  SER n 
1 31  ALA n 
1 32  LYS n 
1 33  SER n 
1 34  LEU n 
1 35  ARG n 
1 36  ASP n 
1 37  ASP n 
1 38  THR n 
1 39  TRP n 
1 40  VAL n 
1 41  THR n 
1 42  LEU n 
1 43  ARG n 
1 44  GLY n 
1 45  ASN n 
1 46  ILE n 
1 47  VAL n 
1 48  GLU n 
1 49  ARG n 
1 50  ILE n 
1 51  SER n 
1 52  ASP n 
1 53  ASP n 
1 54  LEU n 
1 55  TYR n 
1 56  VAL n 
1 57  PHE n 
1 58  LYS n 
1 59  ASP n 
1 60  ALA n 
1 61  SER n 
1 62  GLY n 
1 63  THR n 
1 64  ILE n 
1 65  ASN n 
1 66  VAL n 
1 67  ASP n 
1 68  ILE n 
1 69  ASP n 
1 70  HIS n 
1 71  LYS n 
1 72  ARG n 
1 73  TRP n 
1 74  ASN n 
1 75  GLY n 
1 76  VAL n 
1 77  THR n 
1 78  VAL n 
1 79  THR n 
1 80  PRO n 
1 81  LYS n 
1 82  ASP n 
1 83  THR n 
1 84  VAL n 
1 85  GLU n 
1 86  ILE n 
1 87  GLN n 
1 88  GLY n 
1 89  GLU n 
1 90  VAL n 
1 91  ASP n 
1 92  LYS n 
1 93  ASP n 
1 94  TRP n 
1 95  ASN n 
1 96  SER n 
1 97  VAL n 
1 98  GLU n 
1 99  ILE n 
1 100 ASP n 
1 101 VAL n 
1 102 LYS n 
1 103 GLN n 
1 104 ILE n 
1 105 ARG n 
1 106 LYS n 
1 107 VAL n 
1 108 ASN n 
1 109 PRO n 
# 
_entity_src_gen.entity_id                          1 
_entity_src_gen.pdbx_src_id                        1 
_entity_src_gen.pdbx_alt_source_flag               sample 
_entity_src_gen.pdbx_seq_type                      ? 
_entity_src_gen.pdbx_beg_seq_num                   ? 
_entity_src_gen.pdbx_end_seq_num                   ? 
_entity_src_gen.gene_src_common_name               ? 
_entity_src_gen.gene_src_genus                     Escherichia 
_entity_src_gen.pdbx_gene_src_gene                 YGIW 
_entity_src_gen.gene_src_species                   ? 
_entity_src_gen.gene_src_strain                    ? 
_entity_src_gen.gene_src_tissue                    ? 
_entity_src_gen.gene_src_tissue_fraction           ? 
_entity_src_gen.gene_src_details                   ? 
_entity_src_gen.pdbx_gene_src_fragment             ? 
_entity_src_gen.pdbx_gene_src_scientific_name      'Escherichia coli' 
_entity_src_gen.pdbx_gene_src_ncbi_taxonomy_id     562 
_entity_src_gen.pdbx_gene_src_variant              ? 
_entity_src_gen.pdbx_gene_src_cell_line            ? 
_entity_src_gen.pdbx_gene_src_atcc                 ? 
_entity_src_gen.pdbx_gene_src_organ                ? 
_entity_src_gen.pdbx_gene_src_organelle            ? 
_entity_src_gen.pdbx_gene_src_cell                 ? 
_entity_src_gen.pdbx_gene_src_cellular_location    ? 
_entity_src_gen.host_org_common_name               ? 
_entity_src_gen.pdbx_host_org_scientific_name      'Escherichia coli' 
_entity_src_gen.pdbx_host_org_ncbi_taxonomy_id     562 
_entity_src_gen.host_org_genus                     Escherichia 
_entity_src_gen.pdbx_host_org_gene                 ? 
_entity_src_gen.pdbx_host_org_organ                ? 
_entity_src_gen.host_org_species                   ? 
_entity_src_gen.pdbx_host_org_tissue               ? 
_entity_src_gen.pdbx_host_org_tissue_fraction      ? 
_entity_src_gen.pdbx_host_org_strain               'BL21(DE3)Star' 
_entity_src_gen.pdbx_host_org_variant              ? 
_entity_src_gen.pdbx_host_org_cell_line            ? 
_entity_src_gen.pdbx_host_org_atcc                 ? 
_entity_src_gen.pdbx_host_org_culture_collection   ? 
_entity_src_gen.pdbx_host_org_cell                 ? 
_entity_src_gen.pdbx_host_org_organelle            ? 
_entity_src_gen.pdbx_host_org_cellular_location    ? 
_entity_src_gen.pdbx_host_org_vector_type          pET100/D-TOPO 
_entity_src_gen.pdbx_host_org_vector               ? 
_entity_src_gen.host_org_details                   ? 
_entity_src_gen.expression_system_id               ? 
_entity_src_gen.plasmid_name                       pYGIW 
_entity_src_gen.plasmid_details                    ? 
_entity_src_gen.pdbx_description                   ? 
# 
loop_
_chem_comp.id 
_chem_comp.type 
_chem_comp.mon_nstd_flag 
_chem_comp.name 
_chem_comp.pdbx_synonyms 
_chem_comp.formula 
_chem_comp.formula_weight 
ALA 'L-peptide linking' y ALANINE         ? 'C3 H7 N O2'     89.093  
ARG 'L-peptide linking' y ARGININE        ? 'C6 H15 N4 O2 1' 175.209 
ASN 'L-peptide linking' y ASPARAGINE      ? 'C4 H8 N2 O3'    132.118 
ASP 'L-peptide linking' y 'ASPARTIC ACID' ? 'C4 H7 N O4'     133.103 
GLN 'L-peptide linking' y GLUTAMINE       ? 'C5 H10 N2 O3'   146.144 
GLU 'L-peptide linking' y 'GLUTAMIC ACID' ? 'C5 H9 N O4'     147.129 
GLY 'peptide linking'   y GLYCINE         ? 'C2 H5 N O2'     75.067  
HIS 'L-peptide linking' y HISTIDINE       ? 'C6 H10 N3 O2 1' 156.162 
HOH non-polymer         . WATER           ? 'H2 O'           18.015  
ILE 'L-peptide linking' y ISOLEUCINE      ? 'C6 H13 N O2'    131.173 
LEU 'L-peptide linking' y LEUCINE         ? 'C6 H13 N O2'    131.173 
LYS 'L-peptide linking' y LYSINE          ? 'C6 H15 N2 O2 1' 147.195 
PHE 'L-peptide linking' y PHENYLALANINE   ? 'C9 H11 N O2'    165.189 
PRO 'L-peptide linking' y PROLINE         ? 'C5 H9 N O2'     115.130 
SER 'L-peptide linking' y SERINE          ? 'C3 H7 N O3'     105.093 
SO4 non-polymer         . 'SULFATE ION'   ? 'O4 S -2'        96.063  
THR 'L-peptide linking' y THREONINE       ? 'C4 H9 N O3'     119.119 
TRP 'L-peptide linking' y TRYPTOPHAN      ? 'C11 H12 N2 O2'  204.225 
TYR 'L-peptide linking' y TYROSINE        ? 'C9 H11 N O3'    181.189 
VAL 'L-peptide linking' y VALINE          ? 'C5 H11 N O2'    117.146 
# 
loop_
_pdbx_poly_seq_scheme.asym_id 
_pdbx_poly_seq_scheme.entity_id 
_pdbx_poly_seq_scheme.seq_id 
_pdbx_poly_seq_scheme.mon_id 
_pdbx_poly_seq_scheme.ndb_seq_num 
_pdbx_poly_seq_scheme.pdb_seq_num 
_pdbx_poly_seq_scheme.auth_seq_num 
_pdbx_poly_seq_scheme.pdb_mon_id 
_pdbx_poly_seq_scheme.auth_mon_id 
_pdbx_poly_seq_scheme.pdb_strand_id 
_pdbx_poly_seq_scheme.pdb_ins_code 
_pdbx_poly_seq_scheme.hetero 
A 1 1   GLU 1   1   ?   ?   ?   A . n 
A 1 2   GLN 2   2   2   GLN GLN A . n 
A 1 3   GLY 3   3   3   GLY GLY A . n 
A 1 4   GLY 4   4   4   GLY GLY A . n 
A 1 5   PHE 5   5   5   PHE PHE A . n 
A 1 6   SER 6   6   6   SER SER A . n 
A 1 7   GLY 7   7   7   GLY GLY A . n 
A 1 8   PRO 8   8   8   PRO PRO A . n 
A 1 9   SER 9   9   9   SER SER A . n 
A 1 10  ALA 10  10  ?   ?   ?   A . n 
A 1 11  THR 11  11  ?   ?   ?   A . n 
A 1 12  GLN 12  12  ?   ?   ?   A . n 
A 1 13  SER 13  13  ?   ?   ?   A . n 
A 1 14  GLN 14  14  ?   ?   ?   A . n 
A 1 15  ALA 15  15  ?   ?   ?   A . n 
A 1 16  GLY 16  16  ?   ?   ?   A . n 
A 1 17  GLY 17  17  ?   ?   ?   A . n 
A 1 18  PHE 18  18  ?   ?   ?   A . n 
A 1 19  GLN 19  19  ?   ?   ?   A . n 
A 1 20  GLY 20  20  ?   ?   ?   A . n 
A 1 21  PRO 21  21  ?   ?   ?   A . n 
A 1 22  ASN 22  22  ?   ?   ?   A . n 
A 1 23  GLY 23  23  23  GLY GLY A . n 
A 1 24  SER 24  24  24  SER SER A . n 
A 1 25  VAL 25  25  25  VAL VAL A . n 
A 1 26  THR 26  26  26  THR THR A . n 
A 1 27  THR 27  27  27  THR THR A . n 
A 1 28  VAL 28  28  28  VAL VAL A . n 
A 1 29  GLU 29  29  29  GLU GLU A . n 
A 1 30  SER 30  30  30  SER SER A . n 
A 1 31  ALA 31  31  31  ALA ALA A . n 
A 1 32  LYS 32  32  32  LYS LYS A . n 
A 1 33  SER 33  33  33  SER SER A . n 
A 1 34  LEU 34  34  34  LEU LEU A . n 
A 1 35  ARG 35  35  35  ARG ARG A . n 
A 1 36  ASP 36  36  36  ASP ASP A . n 
A 1 37  ASP 37  37  37  ASP ASP A . n 
A 1 38  THR 38  38  38  THR THR A . n 
A 1 39  TRP 39  39  39  TRP TRP A . n 
A 1 40  VAL 40  40  40  VAL VAL A . n 
A 1 41  THR 41  41  41  THR THR A . n 
A 1 42  LEU 42  42  42  LEU LEU A . n 
A 1 43  ARG 43  43  43  ARG ARG A . n 
A 1 44  GLY 44  44  44  GLY GLY A . n 
A 1 45  ASN 45  45  45  ASN ASN A . n 
A 1 46  ILE 46  46  46  ILE ILE A . n 
A 1 47  VAL 47  47  47  VAL VAL A . n 
A 1 48  GLU 48  48  48  GLU GLU A . n 
A 1 49  ARG 49  49  49  ARG ARG A . n 
A 1 50  ILE 50  50  50  ILE ILE A . n 
A 1 51  SER 51  51  51  SER SER A . n 
A 1 52  ASP 52  52  52  ASP ASP A . n 
A 1 53  ASP 53  53  53  ASP ASP A . n 
A 1 54  LEU 54  54  54  LEU LEU A . n 
A 1 55  TYR 55  55  55  TYR TYR A . n 
A 1 56  VAL 56  56  56  VAL VAL A . n 
A 1 57  PHE 57  57  57  PHE PHE A . n 
A 1 58  LYS 58  58  58  LYS LYS A . n 
A 1 59  ASP 59  59  59  ASP ASP A . n 
A 1 60  ALA 60  60  60  ALA ALA A . n 
A 1 61  SER 61  61  61  SER SER A . n 
A 1 62  GLY 62  62  62  GLY GLY A . n 
A 1 63  THR 63  63  63  THR THR A . n 
A 1 64  ILE 64  64  64  ILE ILE A . n 
A 1 65  ASN 65  65  65  ASN ASN A . n 
A 1 66  VAL 66  66  66  VAL VAL A . n 
A 1 67  ASP 67  67  67  ASP ASP A . n 
A 1 68  ILE 68  68  68  ILE ILE A . n 
A 1 69  ASP 69  69  69  ASP ASP A . n 
A 1 70  HIS 70  70  70  HIS HIS A . n 
A 1 71  LYS 71  71  71  LYS LYS A . n 
A 1 72  ARG 72  72  72  ARG ARG A . n 
A 1 73  TRP 73  73  73  TRP TRP A . n 
A 1 74  ASN 74  74  74  ASN ASN A . n 
A 1 75  GLY 75  75  75  GLY GLY A . n 
A 1 76  VAL 76  76  76  VAL VAL A . n 
A 1 77  THR 77  77  77  THR THR A . n 
A 1 78  VAL 78  78  78  VAL VAL A . n 
A 1 79  THR 79  79  79  THR THR A . n 
A 1 80  PRO 80  80  80  PRO PRO A . n 
A 1 81  LYS 81  81  81  LYS LYS A . n 
A 1 82  ASP 82  82  82  ASP ASP A . n 
A 1 83  THR 83  83  83  THR THR A . n 
A 1 84  VAL 84  84  84  VAL VAL A . n 
A 1 85  GLU 85  85  85  GLU GLU A . n 
A 1 86  ILE 86  86  86  ILE ILE A . n 
A 1 87  GLN 87  87  87  GLN GLN A . n 
A 1 88  GLY 88  88  88  GLY GLY A . n 
A 1 89  GLU 89  89  89  GLU GLU A . n 
A 1 90  VAL 90  90  90  VAL VAL A . n 
A 1 91  ASP 91  91  91  ASP ASP A . n 
A 1 92  LYS 92  92  92  LYS LYS A . n 
A 1 93  ASP 93  93  93  ASP ASP A . n 
A 1 94  TRP 94  94  94  TRP TRP A . n 
A 1 95  ASN 95  95  95  ASN ASN A . n 
A 1 96  SER 96  96  96  SER SER A . n 
A 1 97  VAL 97  97  97  VAL VAL A . n 
A 1 98  GLU 98  98  98  GLU GLU A . n 
A 1 99  ILE 99  99  99  ILE ILE A . n 
A 1 100 ASP 100 100 100 ASP ASP A . n 
A 1 101 VAL 101 101 101 VAL VAL A . n 
A 1 102 LYS 102 102 102 LYS LYS A . n 
A 1 103 GLN 103 103 103 GLN GLN A . n 
A 1 104 ILE 104 104 104 ILE ILE A . n 
A 1 105 ARG 105 105 105 ARG ARG A . n 
A 1 106 LYS 106 106 106 LYS LYS A . n 
A 1 107 VAL 107 107 107 VAL VAL A . n 
A 1 108 ASN 108 108 ?   ?   ?   A . n 
A 1 109 PRO 109 109 ?   ?   ?   A . n 
# 
loop_
_pdbx_nonpoly_scheme.asym_id 
_pdbx_nonpoly_scheme.entity_id 
_pdbx_nonpoly_scheme.mon_id 
_pdbx_nonpoly_scheme.ndb_seq_num 
_pdbx_nonpoly_scheme.pdb_seq_num 
_pdbx_nonpoly_scheme.auth_seq_num 
_pdbx_nonpoly_scheme.pdb_mon_id 
_pdbx_nonpoly_scheme.auth_mon_id 
_pdbx_nonpoly_scheme.pdb_strand_id 
_pdbx_nonpoly_scheme.pdb_ins_code 
B 2 SO4 1   501  501  SO4 SO4 A . 
C 3 HOH 1   1001 1001 HOH HOH A . 
C 3 HOH 2   1002 1002 HOH HOH A . 
C 3 HOH 3   1003 1003 HOH HOH A . 
C 3 HOH 4   1004 1004 HOH HOH A . 
C 3 HOH 5   1005 1005 HOH HOH A . 
C 3 HOH 6   1006 1006 HOH HOH A . 
C 3 HOH 7   1007 1007 HOH HOH A . 
C 3 HOH 8   1008 1008 HOH HOH A . 
C 3 HOH 9   1009 1009 HOH HOH A . 
C 3 HOH 10  1010 1010 HOH HOH A . 
C 3 HOH 11  1011 1011 HOH HOH A . 
C 3 HOH 12  1012 1012 HOH HOH A . 
C 3 HOH 13  1013 1013 HOH HOH A . 
C 3 HOH 14  1014 1014 HOH HOH A . 
C 3 HOH 15  1015 1015 HOH HOH A . 
C 3 HOH 16  1016 1016 HOH HOH A . 
C 3 HOH 17  1017 1017 HOH HOH A . 
C 3 HOH 18  1018 1018 HOH HOH A . 
C 3 HOH 19  1019 1019 HOH HOH A . 
C 3 HOH 20  1020 1020 HOH HOH A . 
C 3 HOH 21  1021 1021 HOH HOH A . 
C 3 HOH 22  1022 1022 HOH HOH A . 
C 3 HOH 23  1023 1023 HOH HOH A . 
C 3 HOH 24  1024 1024 HOH HOH A . 
C 3 HOH 25  1025 1025 HOH HOH A . 
C 3 HOH 26  1026 1026 HOH HOH A . 
C 3 HOH 27  1027 1027 HOH HOH A . 
C 3 HOH 28  1028 1028 HOH HOH A . 
C 3 HOH 29  1029 1029 HOH HOH A . 
C 3 HOH 30  1030 1030 HOH HOH A . 
C 3 HOH 31  1031 1031 HOH HOH A . 
C 3 HOH 32  1032 1032 HOH HOH A . 
C 3 HOH 33  1033 1033 HOH HOH A . 
C 3 HOH 34  1034 1034 HOH HOH A . 
C 3 HOH 35  1035 1035 HOH HOH A . 
C 3 HOH 36  1036 1036 HOH HOH A . 
C 3 HOH 37  1037 1037 HOH HOH A . 
C 3 HOH 38  1038 1038 HOH HOH A . 
C 3 HOH 39  1039 1039 HOH HOH A . 
C 3 HOH 40  1040 1040 HOH HOH A . 
C 3 HOH 41  1041 1041 HOH HOH A . 
C 3 HOH 42  1042 1042 HOH HOH A . 
C 3 HOH 43  1043 1043 HOH HOH A . 
C 3 HOH 44  1044 1044 HOH HOH A . 
C 3 HOH 45  1045 1045 HOH HOH A . 
C 3 HOH 46  1046 1046 HOH HOH A . 
C 3 HOH 47  1047 1047 HOH HOH A . 
C 3 HOH 48  1048 1048 HOH HOH A . 
C 3 HOH 49  1049 1049 HOH HOH A . 
C 3 HOH 50  1051 1051 HOH HOH A . 
C 3 HOH 51  1053 1053 HOH HOH A . 
C 3 HOH 52  1054 1054 HOH HOH A . 
C 3 HOH 53  1055 1055 HOH HOH A . 
C 3 HOH 54  1056 1056 HOH HOH A . 
C 3 HOH 55  1057 1057 HOH HOH A . 
C 3 HOH 56  1058 1058 HOH HOH A . 
C 3 HOH 57  1059 1059 HOH HOH A . 
C 3 HOH 58  1060 1060 HOH HOH A . 
C 3 HOH 59  1061 1061 HOH HOH A . 
C 3 HOH 60  1062 1062 HOH HOH A . 
C 3 HOH 61  1063 1063 HOH HOH A . 
C 3 HOH 62  1064 1064 HOH HOH A . 
C 3 HOH 63  1065 1065 HOH HOH A . 
C 3 HOH 64  1066 1066 HOH HOH A . 
C 3 HOH 65  1067 1067 HOH HOH A . 
C 3 HOH 66  1068 1068 HOH HOH A . 
C 3 HOH 67  1069 1069 HOH HOH A . 
C 3 HOH 68  1070 1070 HOH HOH A . 
C 3 HOH 69  1071 1071 HOH HOH A . 
C 3 HOH 70  1072 1072 HOH HOH A . 
C 3 HOH 71  1073 1073 HOH HOH A . 
C 3 HOH 72  1075 1075 HOH HOH A . 
C 3 HOH 73  1076 1076 HOH HOH A . 
C 3 HOH 74  1077 1077 HOH HOH A . 
C 3 HOH 75  1078 1078 HOH HOH A . 
C 3 HOH 76  1079 1079 HOH HOH A . 
C 3 HOH 77  1080 1080 HOH HOH A . 
C 3 HOH 78  1081 1081 HOH HOH A . 
C 3 HOH 79  1082 1082 HOH HOH A . 
C 3 HOH 80  1083 1083 HOH HOH A . 
C 3 HOH 81  1084 1084 HOH HOH A . 
C 3 HOH 82  1085 1085 HOH HOH A . 
C 3 HOH 83  1086 1086 HOH HOH A . 
C 3 HOH 84  1087 1087 HOH HOH A . 
C 3 HOH 85  1089 1089 HOH HOH A . 
C 3 HOH 86  1090 1090 HOH HOH A . 
C 3 HOH 87  1091 1091 HOH HOH A . 
C 3 HOH 88  1093 1093 HOH HOH A . 
C 3 HOH 89  1094 1094 HOH HOH A . 
C 3 HOH 90  1095 1095 HOH HOH A . 
C 3 HOH 91  1096 1096 HOH HOH A . 
C 3 HOH 92  1097 1097 HOH HOH A . 
C 3 HOH 93  1098 1098 HOH HOH A . 
C 3 HOH 94  1099 1099 HOH HOH A . 
C 3 HOH 95  1100 1100 HOH HOH A . 
C 3 HOH 96  1101 1101 HOH HOH A . 
C 3 HOH 97  1102 1102 HOH HOH A . 
C 3 HOH 98  1103 1103 HOH HOH A . 
C 3 HOH 99  1104 1104 HOH HOH A . 
C 3 HOH 100 1105 1105 HOH HOH A . 
C 3 HOH 101 1106 1106 HOH HOH A . 
C 3 HOH 102 1107 1107 HOH HOH A . 
C 3 HOH 103 1108 1108 HOH HOH A . 
C 3 HOH 104 1109 1109 HOH HOH A . 
C 3 HOH 105 1110 1110 HOH HOH A . 
C 3 HOH 106 1111 1111 HOH HOH A . 
C 3 HOH 107 1112 1112 HOH HOH A . 
C 3 HOH 108 1113 1113 HOH HOH A . 
C 3 HOH 109 1114 1114 HOH HOH A . 
C 3 HOH 110 1115 1115 HOH HOH A . 
C 3 HOH 111 1117 1117 HOH HOH A . 
C 3 HOH 112 1118 1118 HOH HOH A . 
C 3 HOH 113 1119 1119 HOH HOH A . 
C 3 HOH 114 1120 1120 HOH HOH A . 
C 3 HOH 115 1121 1121 HOH HOH A . 
C 3 HOH 116 1123 1123 HOH HOH A . 
C 3 HOH 117 1125 1125 HOH HOH A . 
C 3 HOH 118 1127 1127 HOH HOH A . 
C 3 HOH 119 1128 1128 HOH HOH A . 
C 3 HOH 120 1129 1129 HOH HOH A . 
C 3 HOH 121 1131 1131 HOH HOH A . 
C 3 HOH 122 1132 1132 HOH HOH A . 
C 3 HOH 123 1133 1133 HOH HOH A . 
C 3 HOH 124 1137 1137 HOH HOH A . 
C 3 HOH 125 1138 1138 HOH HOH A . 
# 
loop_
_software.name 
_software.classification 
_software.version 
_software.citation_id 
_software.pdbx_ordinal 
CNS       refinement       1.1 ? 1 
SHELXL-97 refinement       .   ? 2 
HKL-2000  'data reduction' .   ? 3 
HKL-2000  'data scaling'   .   ? 4 
SOLVE     phasing          .   ? 5 
SHELX     'model building' .   ? 6 
# 
_cell.entry_id           1NNX 
_cell.length_a           54.802 
_cell.length_b           60.638 
_cell.length_c           54.888 
_cell.angle_alpha        90.00 
_cell.angle_beta         90.00 
_cell.angle_gamma        90.00 
_cell.Z_PDB              8 
_cell.pdbx_unique_axis   ? 
# 
_symmetry.entry_id                         1NNX 
_symmetry.space_group_name_H-M             'C 2 2 21' 
_symmetry.pdbx_full_space_group_name_H-M   ? 
_symmetry.cell_setting                     ? 
_symmetry.Int_Tables_number                20 
# 
_exptl.entry_id          1NNX 
_exptl.method            'X-RAY DIFFRACTION' 
_exptl.crystals_number   1 
# 
_exptl_crystal.id                    1 
_exptl_crystal.density_meas          ? 
_exptl_crystal.density_Matthews      1.89 
_exptl_crystal.density_percent_sol   35.68 
_exptl_crystal.description           ? 
# 
_exptl_crystal_grow.crystal_id      1 
_exptl_crystal_grow.method          ? 
_exptl_crystal_grow.temp            294 
_exptl_crystal_grow.temp_details    ? 
_exptl_crystal_grow.pH              2.40 
_exptl_crystal_grow.pdbx_details    
'1.25 M (NH4)2SO4, 0.1 M Na acetate, pH 2.4, VAPOR DIFFUSION, HANGING DROP, temperature 294K, pH 2.40' 
_exptl_crystal_grow.pdbx_pH_range   . 
# 
_diffrn.id                     1 
_diffrn.ambient_temp           173.0 
_diffrn.ambient_temp_details   ? 
_diffrn.crystal_id             1 
# 
_diffrn_detector.diffrn_id              1 
_diffrn_detector.detector               CCD 
_diffrn_detector.type                   MARRESEARCH 
_diffrn_detector.pdbx_collection_date   2002-12-01 
_diffrn_detector.details                MIRROR 
# 
_diffrn_radiation.diffrn_id                        1 
_diffrn_radiation.wavelength_id                    1 
_diffrn_radiation.pdbx_monochromatic_or_laue_m_l   M 
_diffrn_radiation.monochromator                    'SI(111) DOUBLE CRYSTAL SYSTEM' 
_diffrn_radiation.pdbx_diffrn_protocol             'SINGLE WAVELENGTH' 
_diffrn_radiation.pdbx_scattering_type             x-ray 
# 
_diffrn_radiation_wavelength.id           1 
_diffrn_radiation_wavelength.wavelength   1.0000 
_diffrn_radiation_wavelength.wt           1.0 
# 
_diffrn_source.diffrn_id                   1 
_diffrn_source.source                      SYNCHROTRON 
_diffrn_source.type                        'APS BEAMLINE 17-BM' 
_diffrn_source.pdbx_synchrotron_site       APS 
_diffrn_source.pdbx_synchrotron_beamline   17-BM 
_diffrn_source.pdbx_wavelength             1.0000 
_diffrn_source.pdbx_wavelength_list        ? 
# 
_reflns.entry_id                     1NNX 
_reflns.observed_criterion_sigma_I   0.000 
_reflns.observed_criterion_sigma_F   ? 
_reflns.d_resolution_low             27.400 
_reflns.d_resolution_high            1.450 
_reflns.number_obs                   15321 
_reflns.number_all                   ? 
_reflns.percent_possible_obs         92.5 
_reflns.pdbx_Rmerge_I_obs            0.048 
_reflns.pdbx_Rsym_value              ? 
_reflns.pdbx_netI_over_sigmaI        17.7300 
_reflns.B_iso_Wilson_estimate        18.0 
_reflns.pdbx_redundancy              0.930 
_reflns.R_free_details               ? 
_reflns.limit_h_max                  ? 
_reflns.limit_h_min                  ? 
_reflns.limit_k_max                  ? 
_reflns.limit_k_min                  ? 
_reflns.limit_l_max                  ? 
_reflns.limit_l_min                  ? 
_reflns.observed_criterion_F_max     ? 
_reflns.observed_criterion_F_min     ? 
_reflns.pdbx_diffrn_id               1 
_reflns.pdbx_ordinal                 1 
# 
_reflns_shell.d_res_high             1.45 
_reflns_shell.d_res_low              1.50 
_reflns_shell.percent_possible_all   77.4 
_reflns_shell.Rmerge_I_obs           0.334 
_reflns_shell.pdbx_Rsym_value        ? 
_reflns_shell.meanI_over_sigI_obs    2.070 
_reflns_shell.pdbx_redundancy        0.77 
_reflns_shell.percent_possible_obs   ? 
_reflns_shell.number_unique_all      ? 
_reflns_shell.pdbx_diffrn_id         ? 
_reflns_shell.pdbx_ordinal           1 
# 
_refine.entry_id                                 1NNX 
_refine.ls_number_reflns_obs                     14682 
_refine.ls_number_reflns_all                     14208 
_refine.pdbx_ls_sigma_I                          ? 
_refine.pdbx_ls_sigma_F                          0.0 
_refine.pdbx_data_cutoff_high_absF               973969.20 
_refine.pdbx_data_cutoff_low_absF                0.000 
_refine.pdbx_data_cutoff_high_rms_absF           ? 
_refine.ls_d_res_low                             9.94 
_refine.ls_d_res_high                            1.45 
_refine.ls_percent_reflns_obs                    89.0 
_refine.ls_R_factor_obs                          0.196 
_refine.ls_R_factor_all                          ? 
_refine.ls_R_factor_R_work                       0.196 
_refine.ls_R_factor_R_free                       0.251 
_refine.ls_R_factor_R_free_error                 0.008 
_refine.ls_R_factor_R_free_error_details         ? 
_refine.ls_percent_reflns_R_free                 7.0 
_refine.ls_number_reflns_R_free                  1030 
_refine.ls_number_parameters                     8321 
_refine.ls_number_restraints                     10416 
_refine.occupancy_min                            ? 
_refine.occupancy_max                            ? 
_refine.correlation_coeff_Fo_to_Fc               ? 
_refine.correlation_coeff_Fo_to_Fc_free          ? 
_refine.B_iso_mean                               25.8 
_refine.aniso_B[1][1]                            -4.79 
_refine.aniso_B[2][2]                            3.44 
_refine.aniso_B[3][3]                            1.34 
_refine.aniso_B[1][2]                            0.00 
_refine.aniso_B[1][3]                            0.00 
_refine.aniso_B[2][3]                            0.00 
_refine.solvent_model_details                    'FLAT MODEL' 
_refine.solvent_model_param_ksol                 0.304212 
_refine.solvent_model_param_bsol                 53.6835 
_refine.pdbx_solvent_vdw_probe_radii             ? 
_refine.pdbx_solvent_ion_probe_radii             ? 
_refine.pdbx_solvent_shrinkage_radii             ? 
_refine.pdbx_ls_cross_valid_method               THROUGHOUT 
_refine.details                                  ? 
_refine.pdbx_starting_model                      ? 
_refine.pdbx_method_to_determine_struct          SAD 
_refine.pdbx_isotropic_thermal_model             RESTRAINED 
_refine.pdbx_stereochemistry_target_values       'ENGH AND HUBER' 
_refine.pdbx_stereochem_target_val_spec_case     ? 
_refine.pdbx_R_Free_selection_details            RANDOM 
_refine.pdbx_overall_ESU_R                       ? 
_refine.pdbx_overall_ESU_R_Free                  ? 
_refine.overall_SU_ML                            ? 
_refine.overall_SU_B                             ? 
_refine.ls_redundancy_reflns_obs                 ? 
_refine.B_iso_min                                ? 
_refine.B_iso_max                                ? 
_refine.overall_SU_R_Cruickshank_DPI             ? 
_refine.overall_SU_R_free                        ? 
_refine.pdbx_refine_id                           'X-RAY DIFFRACTION' 
_refine.pdbx_diffrn_id                           1 
_refine.pdbx_TLS_residual_ADP_flag               ? 
_refine.pdbx_overall_phase_error                 ? 
_refine.pdbx_overall_SU_R_free_Cruickshank_DPI   ? 
_refine.pdbx_overall_SU_R_Blow_DPI               ? 
_refine.pdbx_overall_SU_R_free_Blow_DPI          ? 
# 
_refine_analyze.entry_id                        1NNX 
_refine_analyze.Luzzati_coordinate_error_obs    0.16 
_refine_analyze.Luzzati_sigma_a_obs             0.13 
_refine_analyze.Luzzati_d_res_low_obs           10.00 
_refine_analyze.Luzzati_coordinate_error_free   0.20 
_refine_analyze.Luzzati_sigma_a_free            0.14 
_refine_analyze.Luzzati_d_res_low_free          ? 
_refine_analyze.number_disordered_residues      12 
_refine_analyze.occupancy_sum_hydrogen          0.00 
_refine_analyze.occupancy_sum_non_hydrogen      854.50 
_refine_analyze.pdbx_Luzzati_d_res_high_obs     ? 
_refine_analyze.pdbx_refine_id                  'X-RAY DIFFRACTION' 
# 
_refine_hist.pdbx_refine_id                   'X-RAY DIFFRACTION' 
_refine_hist.cycle_id                         LAST 
_refine_hist.pdbx_number_atoms_protein        780 
_refine_hist.pdbx_number_atoms_nucleic_acid   0 
_refine_hist.pdbx_number_atoms_ligand         5 
_refine_hist.number_atoms_solvent             125 
_refine_hist.number_atoms_total               910 
_refine_hist.d_res_high                       1.45 
_refine_hist.d_res_low                        9.94 
# 
loop_
_refine_ls_restr.type 
_refine_ls_restr.dev_ideal 
_refine_ls_restr.dev_ideal_target 
_refine_ls_restr.weight 
_refine_ls_restr.number 
_refine_ls_restr.pdbx_refine_id 
_refine_ls_restr.pdbx_restraint_function 
c_bond_d                0.023 ?    ? ? 'X-RAY DIFFRACTION' ? 
c_bond_d_na             ?     ?    ? ? 'X-RAY DIFFRACTION' ? 
c_bond_d_prot           ?     ?    ? ? 'X-RAY DIFFRACTION' ? 
c_angle_d               ?     ?    ? ? 'X-RAY DIFFRACTION' ? 
c_angle_d_na            ?     ?    ? ? 'X-RAY DIFFRACTION' ? 
c_angle_d_prot          ?     ?    ? ? 'X-RAY DIFFRACTION' ? 
c_angle_deg             2.5   ?    ? ? 'X-RAY DIFFRACTION' ? 
c_angle_deg_na          ?     ?    ? ? 'X-RAY DIFFRACTION' ? 
c_angle_deg_prot        ?     ?    ? ? 'X-RAY DIFFRACTION' ? 
c_dihedral_angle_d      26.3  ?    ? ? 'X-RAY DIFFRACTION' ? 
c_dihedral_angle_d_na   ?     ?    ? ? 'X-RAY DIFFRACTION' ? 
c_dihedral_angle_d_prot ?     ?    ? ? 'X-RAY DIFFRACTION' ? 
c_improper_angle_d      2.16  ?    ? ? 'X-RAY DIFFRACTION' ? 
c_improper_angle_d_na   ?     ?    ? ? 'X-RAY DIFFRACTION' ? 
c_improper_angle_d_prot ?     ?    ? ? 'X-RAY DIFFRACTION' ? 
c_mcbond_it             2.50  1.50 ? ? 'X-RAY DIFFRACTION' ? 
c_mcangle_it            3.69  2.00 ? ? 'X-RAY DIFFRACTION' ? 
c_scbond_it             4.65  2.00 ? ? 'X-RAY DIFFRACTION' ? 
c_scangle_it            6.51  2.50 ? ? 'X-RAY DIFFRACTION' ? 
# 
_refine_ls_shell.pdbx_total_number_of_bins_used   10 
_refine_ls_shell.d_res_high                       1.45 
_refine_ls_shell.d_res_low                        1.50 
_refine_ls_shell.number_reflns_R_work             887 
_refine_ls_shell.R_factor_R_work                  0.273 
_refine_ls_shell.percent_reflns_obs               59.3 
_refine_ls_shell.R_factor_R_free                  0.3 
_refine_ls_shell.R_factor_R_free_error            0.038 
_refine_ls_shell.percent_reflns_R_free            6.7 
_refine_ls_shell.number_reflns_R_free             64 
_refine_ls_shell.redundancy_reflns_obs            ? 
_refine_ls_shell.number_reflns_all                ? 
_refine_ls_shell.number_reflns_obs                ? 
_refine_ls_shell.pdbx_refine_id                   'X-RAY DIFFRACTION' 
_refine_ls_shell.R_factor_all                     ? 
# 
_pdbx_refine.entry_id                                    1NNX 
_pdbx_refine.R_factor_all_no_cutoff                      0.1455 
_pdbx_refine.R_factor_obs_no_cutoff                      0.1393 
_pdbx_refine.free_R_factor_no_cutoff                     0.2517 
_pdbx_refine.free_R_val_test_set_size_perc_no_cutoff     7.5 
_pdbx_refine.free_R_val_test_set_ct_no_cutoff            1072 
_pdbx_refine.R_factor_all_4sig_cutoff                    0.1307 
_pdbx_refine.R_factor_obs_4sig_cutoff                    0.125 
_pdbx_refine.free_R_factor_4sig_cutoff                   0.2354 
_pdbx_refine.free_R_val_test_set_size_perc_4sig_cutoff   7.6 
_pdbx_refine.free_R_val_test_set_ct_4sig_cutoff          866 
_pdbx_refine.number_reflns_obs_4sig_cutoff               11470 
_pdbx_refine.number_reflns_obs_no_cutoff                 ? 
_pdbx_refine.pdbx_refine_id                              'X-RAY DIFFRACTION' 
_pdbx_refine.free_R_error_no_cutoff                      ? 
# 
_struct.entry_id                  1NNX 
_struct.title                     'Structure of the hypothetical protein ygiW from E. coli.' 
_struct.pdbx_model_details        ? 
_struct.pdbx_CASP_flag            ? 
_struct.pdbx_model_type_details   ? 
# 
_struct_keywords.entry_id        1NNX 
_struct_keywords.pdbx_keywords   'STRUCTURAL GENOMICS, UNKNOWN FUNCTION' 
_struct_keywords.text            
'ygiW, Structural Genomics, hypothetical protein, OB-fold, Structure 2 Function Project, S2F, UNKNOWN FUNCTION' 
# 
loop_
_struct_asym.id 
_struct_asym.pdbx_blank_PDB_chainid_flag 
_struct_asym.pdbx_modified 
_struct_asym.entity_id 
_struct_asym.details 
A N N 1 ? 
B N N 2 ? 
C N N 3 ? 
# 
_struct_ref.id                         1 
_struct_ref.db_name                    UNP 
_struct_ref.db_code                    YGIW_ECOLI 
_struct_ref.pdbx_db_accession          P52083 
_struct_ref.entity_id                  1 
_struct_ref.pdbx_seq_one_letter_code   
;EQGGFSGPSATQSQAGGFQGPNGSVTTVESAKSLRDDTWVTLRGNIVERISDDLYVFKDASGTINVDIDHKRWNGVTVTP
KDTVEIQGEVDKDWNSVEIDVKQIRKVNP
;
_struct_ref.pdbx_align_begin           22 
_struct_ref.pdbx_db_isoform            ? 
# 
_struct_ref_seq.align_id                      1 
_struct_ref_seq.ref_id                        1 
_struct_ref_seq.pdbx_PDB_id_code              1NNX 
_struct_ref_seq.pdbx_strand_id                A 
_struct_ref_seq.seq_align_beg                 1 
_struct_ref_seq.pdbx_seq_align_beg_ins_code   ? 
_struct_ref_seq.seq_align_end                 109 
_struct_ref_seq.pdbx_seq_align_end_ins_code   ? 
_struct_ref_seq.pdbx_db_accession             P52083 
_struct_ref_seq.db_align_beg                  22 
_struct_ref_seq.pdbx_db_align_beg_ins_code    ? 
_struct_ref_seq.db_align_end                  130 
_struct_ref_seq.pdbx_db_align_end_ins_code    ? 
_struct_ref_seq.pdbx_auth_seq_align_beg       1 
_struct_ref_seq.pdbx_auth_seq_align_end       109 
# 
_pdbx_struct_assembly.id                   1 
_pdbx_struct_assembly.details              author_defined_assembly 
_pdbx_struct_assembly.method_details       ? 
_pdbx_struct_assembly.oligomeric_details   monomeric 
_pdbx_struct_assembly.oligomeric_count     1 
# 
_pdbx_struct_assembly_gen.assembly_id       1 
_pdbx_struct_assembly_gen.oper_expression   1 
_pdbx_struct_assembly_gen.asym_id_list      A,B,C 
# 
_pdbx_struct_oper_list.id                   1 
_pdbx_struct_oper_list.type                 'identity operation' 
_pdbx_struct_oper_list.name                 1_555 
_pdbx_struct_oper_list.symmetry_operation   x,y,z 
_pdbx_struct_oper_list.matrix[1][1]         1.0000000000 
_pdbx_struct_oper_list.matrix[1][2]         0.0000000000 
_pdbx_struct_oper_list.matrix[1][3]         0.0000000000 
_pdbx_struct_oper_list.vector[1]            0.0000000000 
_pdbx_struct_oper_list.matrix[2][1]         0.0000000000 
_pdbx_struct_oper_list.matrix[2][2]         1.0000000000 
_pdbx_struct_oper_list.matrix[2][3]         0.0000000000 
_pdbx_struct_oper_list.vector[2]            0.0000000000 
_pdbx_struct_oper_list.matrix[3][1]         0.0000000000 
_pdbx_struct_oper_list.matrix[3][2]         0.0000000000 
_pdbx_struct_oper_list.matrix[3][3]         1.0000000000 
_pdbx_struct_oper_list.vector[3]            0.0000000000 
# 
_struct_biol.id                    1 
_struct_biol.pdbx_parent_biol_id   ? 
_struct_biol.details               ? 
# 
loop_
_struct_conf.conf_type_id 
_struct_conf.id 
_struct_conf.pdbx_PDB_helix_id 
_struct_conf.beg_label_comp_id 
_struct_conf.beg_label_asym_id 
_struct_conf.beg_label_seq_id 
_struct_conf.pdbx_beg_PDB_ins_code 
_struct_conf.end_label_comp_id 
_struct_conf.end_label_asym_id 
_struct_conf.end_label_seq_id 
_struct_conf.pdbx_end_PDB_ins_code 
_struct_conf.beg_auth_comp_id 
_struct_conf.beg_auth_asym_id 
_struct_conf.beg_auth_seq_id 
_struct_conf.end_auth_comp_id 
_struct_conf.end_auth_asym_id 
_struct_conf.end_auth_seq_id 
_struct_conf.pdbx_PDB_helix_class 
_struct_conf.details 
_struct_conf.pdbx_PDB_helix_length 
HELX_P HELX_P1 1 THR A 27 ? LYS A 32 ? THR A 27 LYS A 32 1 ? 6 
HELX_P HELX_P2 2 ASP A 69 ? TRP A 73 ? ASP A 69 TRP A 73 5 ? 5 
# 
_struct_conf_type.id          HELX_P 
_struct_conf_type.criteria    ? 
_struct_conf_type.reference   ? 
# 
_struct_sheet.id               A 
_struct_sheet.type             ? 
_struct_sheet.number_strands   6 
_struct_sheet.details          ? 
# 
loop_
_struct_sheet_order.sheet_id 
_struct_sheet_order.range_id_1 
_struct_sheet_order.range_id_2 
_struct_sheet_order.offset 
_struct_sheet_order.sense 
A 1 2 ? anti-parallel 
A 2 3 ? anti-parallel 
A 3 4 ? parallel      
A 4 5 ? anti-parallel 
A 5 6 ? anti-parallel 
# 
loop_
_struct_sheet_range.sheet_id 
_struct_sheet_range.id 
_struct_sheet_range.beg_label_comp_id 
_struct_sheet_range.beg_label_asym_id 
_struct_sheet_range.beg_label_seq_id 
_struct_sheet_range.pdbx_beg_PDB_ins_code 
_struct_sheet_range.end_label_comp_id 
_struct_sheet_range.end_label_asym_id 
_struct_sheet_range.end_label_seq_id 
_struct_sheet_range.pdbx_end_PDB_ins_code 
_struct_sheet_range.beg_auth_comp_id 
_struct_sheet_range.beg_auth_asym_id 
_struct_sheet_range.beg_auth_seq_id 
_struct_sheet_range.end_auth_comp_id 
_struct_sheet_range.end_auth_asym_id 
_struct_sheet_range.end_auth_seq_id 
A 1 VAL A 40 ? SER A 51  ? VAL A 40 SER A 51  
A 2 LEU A 54 ? ASP A 59  ? LEU A 54 ASP A 59  
A 3 GLY A 62 ? ASP A 67  ? GLY A 62 ASP A 67  
A 4 SER A 96 ? LYS A 106 ? SER A 96 LYS A 106 
A 5 VAL A 84 ? ASP A 93  ? VAL A 84 ASP A 93  
A 6 VAL A 40 ? SER A 51  ? VAL A 40 SER A 51  
# 
loop_
_pdbx_struct_sheet_hbond.sheet_id 
_pdbx_struct_sheet_hbond.range_id_1 
_pdbx_struct_sheet_hbond.range_id_2 
_pdbx_struct_sheet_hbond.range_1_label_atom_id 
_pdbx_struct_sheet_hbond.range_1_label_comp_id 
_pdbx_struct_sheet_hbond.range_1_label_asym_id 
_pdbx_struct_sheet_hbond.range_1_label_seq_id 
_pdbx_struct_sheet_hbond.range_1_PDB_ins_code 
_pdbx_struct_sheet_hbond.range_1_auth_atom_id 
_pdbx_struct_sheet_hbond.range_1_auth_comp_id 
_pdbx_struct_sheet_hbond.range_1_auth_asym_id 
_pdbx_struct_sheet_hbond.range_1_auth_seq_id 
_pdbx_struct_sheet_hbond.range_2_label_atom_id 
_pdbx_struct_sheet_hbond.range_2_label_comp_id 
_pdbx_struct_sheet_hbond.range_2_label_asym_id 
_pdbx_struct_sheet_hbond.range_2_label_seq_id 
_pdbx_struct_sheet_hbond.range_2_PDB_ins_code 
_pdbx_struct_sheet_hbond.range_2_auth_atom_id 
_pdbx_struct_sheet_hbond.range_2_auth_comp_id 
_pdbx_struct_sheet_hbond.range_2_auth_asym_id 
_pdbx_struct_sheet_hbond.range_2_auth_seq_id 
A 1 2 N ASN A 45 ? N ASN A 45 O LYS A 58 ? O LYS A 58 
A 2 3 N PHE A 57 ? N PHE A 57 O ILE A 64 ? O ILE A 64 
A 3 4 N ASP A 67 ? N ASP A 67 O ILE A 99 ? O ILE A 99 
A 4 5 O GLU A 98 ? O GLU A 98 N ASP A 91 ? N ASP A 91 
A 5 6 O GLY A 88 ? O GLY A 88 N VAL A 40 ? N VAL A 40 
# 
_struct_site.id                   AC1 
_struct_site.pdbx_evidence_code   Software 
_struct_site.pdbx_auth_asym_id    A 
_struct_site.pdbx_auth_comp_id    SO4 
_struct_site.pdbx_auth_seq_id     501 
_struct_site.pdbx_auth_ins_code   ? 
_struct_site.pdbx_num_residues    9 
_struct_site.details              'BINDING SITE FOR RESIDUE SO4 A 501' 
# 
loop_
_struct_site_gen.id 
_struct_site_gen.site_id 
_struct_site_gen.pdbx_num_res 
_struct_site_gen.label_comp_id 
_struct_site_gen.label_asym_id 
_struct_site_gen.label_seq_id 
_struct_site_gen.pdbx_auth_ins_code 
_struct_site_gen.auth_comp_id 
_struct_site_gen.auth_asym_id 
_struct_site_gen.auth_seq_id 
_struct_site_gen.label_atom_id 
_struct_site_gen.label_alt_id 
_struct_site_gen.symmetry 
_struct_site_gen.details 
1 AC1 9 GLU A 29 ? GLU A 29   . ? 1_555 ? 
2 AC1 9 LYS A 32 ? LYS A 32   . ? 3_755 ? 
3 AC1 9 LYS A 32 ? LYS A 32   . ? 1_555 ? 
4 AC1 9 GLY A 62 ? GLY A 62   . ? 1_555 ? 
5 AC1 9 THR A 63 ? THR A 63   . ? 1_555 ? 
6 AC1 9 HOH C .  ? HOH A 1036 . ? 1_555 ? 
7 AC1 9 HOH C .  ? HOH A 1039 . ? 1_555 ? 
8 AC1 9 HOH C .  ? HOH A 1082 . ? 1_555 ? 
9 AC1 9 HOH C .  ? HOH A 1112 . ? 1_555 ? 
# 
_pdbx_validate_close_contact.id               1 
_pdbx_validate_close_contact.PDB_model_num    1 
_pdbx_validate_close_contact.auth_atom_id_1   OE1 
_pdbx_validate_close_contact.auth_asym_id_1   A 
_pdbx_validate_close_contact.auth_comp_id_1   GLU 
_pdbx_validate_close_contact.auth_seq_id_1    85 
_pdbx_validate_close_contact.PDB_ins_code_1   ? 
_pdbx_validate_close_contact.label_alt_id_1   B 
_pdbx_validate_close_contact.auth_atom_id_2   NH1 
_pdbx_validate_close_contact.auth_asym_id_2   A 
_pdbx_validate_close_contact.auth_comp_id_2   ARG 
_pdbx_validate_close_contact.auth_seq_id_2    105 
_pdbx_validate_close_contact.PDB_ins_code_2   ? 
_pdbx_validate_close_contact.label_alt_id_2   ? 
_pdbx_validate_close_contact.dist             2.11 
# 
_pdbx_validate_symm_contact.id                1 
_pdbx_validate_symm_contact.PDB_model_num     1 
_pdbx_validate_symm_contact.auth_atom_id_1    O 
_pdbx_validate_symm_contact.auth_asym_id_1    A 
_pdbx_validate_symm_contact.auth_comp_id_1    HOH 
_pdbx_validate_symm_contact.auth_seq_id_1     1055 
_pdbx_validate_symm_contact.PDB_ins_code_1    ? 
_pdbx_validate_symm_contact.label_alt_id_1    ? 
_pdbx_validate_symm_contact.site_symmetry_1   1_555 
_pdbx_validate_symm_contact.auth_atom_id_2    O 
_pdbx_validate_symm_contact.auth_asym_id_2    A 
_pdbx_validate_symm_contact.auth_comp_id_2    HOH 
_pdbx_validate_symm_contact.auth_seq_id_2     1087 
_pdbx_validate_symm_contact.PDB_ins_code_2    ? 
_pdbx_validate_symm_contact.label_alt_id_2    ? 
_pdbx_validate_symm_contact.site_symmetry_2   3_754 
_pdbx_validate_symm_contact.dist              2.16 
# 
loop_
_pdbx_validate_rmsd_angle.id 
_pdbx_validate_rmsd_angle.PDB_model_num 
_pdbx_validate_rmsd_angle.auth_atom_id_1 
_pdbx_validate_rmsd_angle.auth_asym_id_1 
_pdbx_validate_rmsd_angle.auth_comp_id_1 
_pdbx_validate_rmsd_angle.auth_seq_id_1 
_pdbx_validate_rmsd_angle.PDB_ins_code_1 
_pdbx_validate_rmsd_angle.label_alt_id_1 
_pdbx_validate_rmsd_angle.auth_atom_id_2 
_pdbx_validate_rmsd_angle.auth_asym_id_2 
_pdbx_validate_rmsd_angle.auth_comp_id_2 
_pdbx_validate_rmsd_angle.auth_seq_id_2 
_pdbx_validate_rmsd_angle.PDB_ins_code_2 
_pdbx_validate_rmsd_angle.label_alt_id_2 
_pdbx_validate_rmsd_angle.auth_atom_id_3 
_pdbx_validate_rmsd_angle.auth_asym_id_3 
_pdbx_validate_rmsd_angle.auth_comp_id_3 
_pdbx_validate_rmsd_angle.auth_seq_id_3 
_pdbx_validate_rmsd_angle.PDB_ins_code_3 
_pdbx_validate_rmsd_angle.label_alt_id_3 
_pdbx_validate_rmsd_angle.angle_value 
_pdbx_validate_rmsd_angle.angle_target_value 
_pdbx_validate_rmsd_angle.angle_deviation 
_pdbx_validate_rmsd_angle.angle_standard_deviation 
_pdbx_validate_rmsd_angle.linker_flag 
1 1 N   A ARG 35 ? ? CA A ARG 35 ? ? CB  A ARG 35 ? A 121.98 110.60 11.38  1.80 N 
2 1 CB  A VAL 40 ? B CA A VAL 40 ? ? C   A VAL 40 ? ? 94.09  111.40 -17.31 1.90 N 
3 1 CG1 A VAL 40 ? B CB A VAL 40 ? B CG2 A VAL 40 ? B 96.03  110.90 -14.87 1.60 N 
4 1 CG1 A ILE 46 ? B CB A ILE 46 ? ? CG2 A ILE 46 ? ? 126.04 111.40 14.64  2.20 N 
5 1 CB  A HIS 70 ? B CA A HIS 70 ? ? C   A HIS 70 ? ? 124.01 110.40 13.61  2.00 N 
6 1 N   A HIS 70 ? ? CA A HIS 70 ? ? CB  A HIS 70 ? B 98.38  110.60 -12.22 1.80 N 
# 
_pdbx_validate_torsion.id              1 
_pdbx_validate_torsion.PDB_model_num   1 
_pdbx_validate_torsion.auth_comp_id    SER 
_pdbx_validate_torsion.auth_asym_id    A 
_pdbx_validate_torsion.auth_seq_id     51 
_pdbx_validate_torsion.PDB_ins_code    ? 
_pdbx_validate_torsion.label_alt_id    ? 
_pdbx_validate_torsion.phi             -176.51 
_pdbx_validate_torsion.psi             -166.76 
# 
_pdbx_SG_project.id                    1 
_pdbx_SG_project.project_name          ? 
_pdbx_SG_project.full_name_of_center   'Structure 2 Function Project' 
_pdbx_SG_project.initial_of_center     S2F 
# 
_pdbx_struct_special_symmetry.id              1 
_pdbx_struct_special_symmetry.PDB_model_num   1 
_pdbx_struct_special_symmetry.auth_asym_id    A 
_pdbx_struct_special_symmetry.auth_comp_id    HOH 
_pdbx_struct_special_symmetry.auth_seq_id     1023 
_pdbx_struct_special_symmetry.PDB_ins_code    ? 
_pdbx_struct_special_symmetry.label_asym_id   C 
_pdbx_struct_special_symmetry.label_comp_id   HOH 
_pdbx_struct_special_symmetry.label_seq_id    . 
# 
loop_
_pdbx_unobs_or_zero_occ_residues.id 
_pdbx_unobs_or_zero_occ_residues.PDB_model_num 
_pdbx_unobs_or_zero_occ_residues.polymer_flag 
_pdbx_unobs_or_zero_occ_residues.occupancy_flag 
_pdbx_unobs_or_zero_occ_residues.auth_asym_id 
_pdbx_unobs_or_zero_occ_residues.auth_comp_id 
_pdbx_unobs_or_zero_occ_residues.auth_seq_id 
_pdbx_unobs_or_zero_occ_residues.PDB_ins_code 
_pdbx_unobs_or_zero_occ_residues.label_asym_id 
_pdbx_unobs_or_zero_occ_residues.label_comp_id 
_pdbx_unobs_or_zero_occ_residues.label_seq_id 
1  1 Y 1 A GLU 1   ? A GLU 1   
2  1 Y 1 A ALA 10  ? A ALA 10  
3  1 Y 1 A THR 11  ? A THR 11  
4  1 Y 1 A GLN 12  ? A GLN 12  
5  1 Y 1 A SER 13  ? A SER 13  
6  1 Y 1 A GLN 14  ? A GLN 14  
7  1 Y 1 A ALA 15  ? A ALA 15  
8  1 Y 1 A GLY 16  ? A GLY 16  
9  1 Y 1 A GLY 17  ? A GLY 17  
10 1 Y 1 A PHE 18  ? A PHE 18  
11 1 Y 1 A GLN 19  ? A GLN 19  
12 1 Y 1 A GLY 20  ? A GLY 20  
13 1 Y 1 A PRO 21  ? A PRO 21  
14 1 Y 1 A ASN 22  ? A ASN 22  
15 1 Y 1 A ASN 108 ? A ASN 108 
16 1 Y 1 A PRO 109 ? A PRO 109 
# 
loop_
_chem_comp_atom.comp_id 
_chem_comp_atom.atom_id 
_chem_comp_atom.type_symbol 
_chem_comp_atom.pdbx_aromatic_flag 
_chem_comp_atom.pdbx_stereo_config 
_chem_comp_atom.pdbx_ordinal 
ALA N    N N N 1   
ALA CA   C N S 2   
ALA C    C N N 3   
ALA O    O N N 4   
ALA CB   C N N 5   
ALA OXT  O N N 6   
ALA H    H N N 7   
ALA H2   H N N 8   
ALA HA   H N N 9   
ALA HB1  H N N 10  
ALA HB2  H N N 11  
ALA HB3  H N N 12  
ALA HXT  H N N 13  
ARG N    N N N 14  
ARG CA   C N S 15  
ARG C    C N N 16  
ARG O    O N N 17  
ARG CB   C N N 18  
ARG CG   C N N 19  
ARG CD   C N N 20  
ARG NE   N N N 21  
ARG CZ   C N N 22  
ARG NH1  N N N 23  
ARG NH2  N N N 24  
ARG OXT  O N N 25  
ARG H    H N N 26  
ARG H2   H N N 27  
ARG HA   H N N 28  
ARG HB2  H N N 29  
ARG HB3  H N N 30  
ARG HG2  H N N 31  
ARG HG3  H N N 32  
ARG HD2  H N N 33  
ARG HD3  H N N 34  
ARG HE   H N N 35  
ARG HH11 H N N 36  
ARG HH12 H N N 37  
ARG HH21 H N N 38  
ARG HH22 H N N 39  
ARG HXT  H N N 40  
ASN N    N N N 41  
ASN CA   C N S 42  
ASN C    C N N 43  
ASN O    O N N 44  
ASN CB   C N N 45  
ASN CG   C N N 46  
ASN OD1  O N N 47  
ASN ND2  N N N 48  
ASN OXT  O N N 49  
ASN H    H N N 50  
ASN H2   H N N 51  
ASN HA   H N N 52  
ASN HB2  H N N 53  
ASN HB3  H N N 54  
ASN HD21 H N N 55  
ASN HD22 H N N 56  
ASN HXT  H N N 57  
ASP N    N N N 58  
ASP CA   C N S 59  
ASP C    C N N 60  
ASP O    O N N 61  
ASP CB   C N N 62  
ASP CG   C N N 63  
ASP OD1  O N N 64  
ASP OD2  O N N 65  
ASP OXT  O N N 66  
ASP H    H N N 67  
ASP H2   H N N 68  
ASP HA   H N N 69  
ASP HB2  H N N 70  
ASP HB3  H N N 71  
ASP HD2  H N N 72  
ASP HXT  H N N 73  
GLN N    N N N 74  
GLN CA   C N S 75  
GLN C    C N N 76  
GLN O    O N N 77  
GLN CB   C N N 78  
GLN CG   C N N 79  
GLN CD   C N N 80  
GLN OE1  O N N 81  
GLN NE2  N N N 82  
GLN OXT  O N N 83  
GLN H    H N N 84  
GLN H2   H N N 85  
GLN HA   H N N 86  
GLN HB2  H N N 87  
GLN HB3  H N N 88  
GLN HG2  H N N 89  
GLN HG3  H N N 90  
GLN HE21 H N N 91  
GLN HE22 H N N 92  
GLN HXT  H N N 93  
GLU N    N N N 94  
GLU CA   C N S 95  
GLU C    C N N 96  
GLU O    O N N 97  
GLU CB   C N N 98  
GLU CG   C N N 99  
GLU CD   C N N 100 
GLU OE1  O N N 101 
GLU OE2  O N N 102 
GLU OXT  O N N 103 
GLU H    H N N 104 
GLU H2   H N N 105 
GLU HA   H N N 106 
GLU HB2  H N N 107 
GLU HB3  H N N 108 
GLU HG2  H N N 109 
GLU HG3  H N N 110 
GLU HE2  H N N 111 
GLU HXT  H N N 112 
GLY N    N N N 113 
GLY CA   C N N 114 
GLY C    C N N 115 
GLY O    O N N 116 
GLY OXT  O N N 117 
GLY H    H N N 118 
GLY H2   H N N 119 
GLY HA2  H N N 120 
GLY HA3  H N N 121 
GLY HXT  H N N 122 
HIS N    N N N 123 
HIS CA   C N S 124 
HIS C    C N N 125 
HIS O    O N N 126 
HIS CB   C N N 127 
HIS CG   C Y N 128 
HIS ND1  N Y N 129 
HIS CD2  C Y N 130 
HIS CE1  C Y N 131 
HIS NE2  N Y N 132 
HIS OXT  O N N 133 
HIS H    H N N 134 
HIS H2   H N N 135 
HIS HA   H N N 136 
HIS HB2  H N N 137 
HIS HB3  H N N 138 
HIS HD1  H N N 139 
HIS HD2  H N N 140 
HIS HE1  H N N 141 
HIS HE2  H N N 142 
HIS HXT  H N N 143 
HOH O    O N N 144 
HOH H1   H N N 145 
HOH H2   H N N 146 
ILE N    N N N 147 
ILE CA   C N S 148 
ILE C    C N N 149 
ILE O    O N N 150 
ILE CB   C N S 151 
ILE CG1  C N N 152 
ILE CG2  C N N 153 
ILE CD1  C N N 154 
ILE OXT  O N N 155 
ILE H    H N N 156 
ILE H2   H N N 157 
ILE HA   H N N 158 
ILE HB   H N N 159 
ILE HG12 H N N 160 
ILE HG13 H N N 161 
ILE HG21 H N N 162 
ILE HG22 H N N 163 
ILE HG23 H N N 164 
ILE HD11 H N N 165 
ILE HD12 H N N 166 
ILE HD13 H N N 167 
ILE HXT  H N N 168 
LEU N    N N N 169 
LEU CA   C N S 170 
LEU C    C N N 171 
LEU O    O N N 172 
LEU CB   C N N 173 
LEU CG   C N N 174 
LEU CD1  C N N 175 
LEU CD2  C N N 176 
LEU OXT  O N N 177 
LEU H    H N N 178 
LEU H2   H N N 179 
LEU HA   H N N 180 
LEU HB2  H N N 181 
LEU HB3  H N N 182 
LEU HG   H N N 183 
LEU HD11 H N N 184 
LEU HD12 H N N 185 
LEU HD13 H N N 186 
LEU HD21 H N N 187 
LEU HD22 H N N 188 
LEU HD23 H N N 189 
LEU HXT  H N N 190 
LYS N    N N N 191 
LYS CA   C N S 192 
LYS C    C N N 193 
LYS O    O N N 194 
LYS CB   C N N 195 
LYS CG   C N N 196 
LYS CD   C N N 197 
LYS CE   C N N 198 
LYS NZ   N N N 199 
LYS OXT  O N N 200 
LYS H    H N N 201 
LYS H2   H N N 202 
LYS HA   H N N 203 
LYS HB2  H N N 204 
LYS HB3  H N N 205 
LYS HG2  H N N 206 
LYS HG3  H N N 207 
LYS HD2  H N N 208 
LYS HD3  H N N 209 
LYS HE2  H N N 210 
LYS HE3  H N N 211 
LYS HZ1  H N N 212 
LYS HZ2  H N N 213 
LYS HZ3  H N N 214 
LYS HXT  H N N 215 
PHE N    N N N 216 
PHE CA   C N S 217 
PHE C    C N N 218 
PHE O    O N N 219 
PHE CB   C N N 220 
PHE CG   C Y N 221 
PHE CD1  C Y N 222 
PHE CD2  C Y N 223 
PHE CE1  C Y N 224 
PHE CE2  C Y N 225 
PHE CZ   C Y N 226 
PHE OXT  O N N 227 
PHE H    H N N 228 
PHE H2   H N N 229 
PHE HA   H N N 230 
PHE HB2  H N N 231 
PHE HB3  H N N 232 
PHE HD1  H N N 233 
PHE HD2  H N N 234 
PHE HE1  H N N 235 
PHE HE2  H N N 236 
PHE HZ   H N N 237 
PHE HXT  H N N 238 
PRO N    N N N 239 
PRO CA   C N S 240 
PRO C    C N N 241 
PRO O    O N N 242 
PRO CB   C N N 243 
PRO CG   C N N 244 
PRO CD   C N N 245 
PRO OXT  O N N 246 
PRO H    H N N 247 
PRO HA   H N N 248 
PRO HB2  H N N 249 
PRO HB3  H N N 250 
PRO HG2  H N N 251 
PRO HG3  H N N 252 
PRO HD2  H N N 253 
PRO HD3  H N N 254 
PRO HXT  H N N 255 
SER N    N N N 256 
SER CA   C N S 257 
SER C    C N N 258 
SER O    O N N 259 
SER CB   C N N 260 
SER OG   O N N 261 
SER OXT  O N N 262 
SER H    H N N 263 
SER H2   H N N 264 
SER HA   H N N 265 
SER HB2  H N N 266 
SER HB3  H N N 267 
SER HG   H N N 268 
SER HXT  H N N 269 
SO4 S    S N N 270 
SO4 O1   O N N 271 
SO4 O2   O N N 272 
SO4 O3   O N N 273 
SO4 O4   O N N 274 
THR N    N N N 275 
THR CA   C N S 276 
THR C    C N N 277 
THR O    O N N 278 
THR CB   C N R 279 
THR OG1  O N N 280 
THR CG2  C N N 281 
THR OXT  O N N 282 
THR H    H N N 283 
THR H2   H N N 284 
THR HA   H N N 285 
THR HB   H N N 286 
THR HG1  H N N 287 
THR HG21 H N N 288 
THR HG22 H N N 289 
THR HG23 H N N 290 
THR HXT  H N N 291 
TRP N    N N N 292 
TRP CA   C N S 293 
TRP C    C N N 294 
TRP O    O N N 295 
TRP CB   C N N 296 
TRP CG   C Y N 297 
TRP CD1  C Y N 298 
TRP CD2  C Y N 299 
TRP NE1  N Y N 300 
TRP CE2  C Y N 301 
TRP CE3  C Y N 302 
TRP CZ2  C Y N 303 
TRP CZ3  C Y N 304 
TRP CH2  C Y N 305 
TRP OXT  O N N 306 
TRP H    H N N 307 
TRP H2   H N N 308 
TRP HA   H N N 309 
TRP HB2  H N N 310 
TRP HB3  H N N 311 
TRP HD1  H N N 312 
TRP HE1  H N N 313 
TRP HE3  H N N 314 
TRP HZ2  H N N 315 
TRP HZ3  H N N 316 
TRP HH2  H N N 317 
TRP HXT  H N N 318 
TYR N    N N N 319 
TYR CA   C N S 320 
TYR C    C N N 321 
TYR O    O N N 322 
TYR CB   C N N 323 
TYR CG   C Y N 324 
TYR CD1  C Y N 325 
TYR CD2  C Y N 326 
TYR CE1  C Y N 327 
TYR CE2  C Y N 328 
TYR CZ   C Y N 329 
TYR OH   O N N 330 
TYR OXT  O N N 331 
TYR H    H N N 332 
TYR H2   H N N 333 
TYR HA   H N N 334 
TYR HB2  H N N 335 
TYR HB3  H N N 336 
TYR HD1  H N N 337 
TYR HD2  H N N 338 
TYR HE1  H N N 339 
TYR HE2  H N N 340 
TYR HH   H N N 341 
TYR HXT  H N N 342 
VAL N    N N N 343 
VAL CA   C N S 344 
VAL C    C N N 345 
VAL O    O N N 346 
VAL CB   C N N 347 
VAL CG1  C N N 348 
VAL CG2  C N N 349 
VAL OXT  O N N 350 
VAL H    H N N 351 
VAL H2   H N N 352 
VAL HA   H N N 353 
VAL HB   H N N 354 
VAL HG11 H N N 355 
VAL HG12 H N N 356 
VAL HG13 H N N 357 
VAL HG21 H N N 358 
VAL HG22 H N N 359 
VAL HG23 H N N 360 
VAL HXT  H N N 361 
# 
loop_
_chem_comp_bond.comp_id 
_chem_comp_bond.atom_id_1 
_chem_comp_bond.atom_id_2 
_chem_comp_bond.value_order 
_chem_comp_bond.pdbx_aromatic_flag 
_chem_comp_bond.pdbx_stereo_config 
_chem_comp_bond.pdbx_ordinal 
ALA N   CA   sing N N 1   
ALA N   H    sing N N 2   
ALA N   H2   sing N N 3   
ALA CA  C    sing N N 4   
ALA CA  CB   sing N N 5   
ALA CA  HA   sing N N 6   
ALA C   O    doub N N 7   
ALA C   OXT  sing N N 8   
ALA CB  HB1  sing N N 9   
ALA CB  HB2  sing N N 10  
ALA CB  HB3  sing N N 11  
ALA OXT HXT  sing N N 12  
ARG N   CA   sing N N 13  
ARG N   H    sing N N 14  
ARG N   H2   sing N N 15  
ARG CA  C    sing N N 16  
ARG CA  CB   sing N N 17  
ARG CA  HA   sing N N 18  
ARG C   O    doub N N 19  
ARG C   OXT  sing N N 20  
ARG CB  CG   sing N N 21  
ARG CB  HB2  sing N N 22  
ARG CB  HB3  sing N N 23  
ARG CG  CD   sing N N 24  
ARG CG  HG2  sing N N 25  
ARG CG  HG3  sing N N 26  
ARG CD  NE   sing N N 27  
ARG CD  HD2  sing N N 28  
ARG CD  HD3  sing N N 29  
ARG NE  CZ   sing N N 30  
ARG NE  HE   sing N N 31  
ARG CZ  NH1  sing N N 32  
ARG CZ  NH2  doub N N 33  
ARG NH1 HH11 sing N N 34  
ARG NH1 HH12 sing N N 35  
ARG NH2 HH21 sing N N 36  
ARG NH2 HH22 sing N N 37  
ARG OXT HXT  sing N N 38  
ASN N   CA   sing N N 39  
ASN N   H    sing N N 40  
ASN N   H2   sing N N 41  
ASN CA  C    sing N N 42  
ASN CA  CB   sing N N 43  
ASN CA  HA   sing N N 44  
ASN C   O    doub N N 45  
ASN C   OXT  sing N N 46  
ASN CB  CG   sing N N 47  
ASN CB  HB2  sing N N 48  
ASN CB  HB3  sing N N 49  
ASN CG  OD1  doub N N 50  
ASN CG  ND2  sing N N 51  
ASN ND2 HD21 sing N N 52  
ASN ND2 HD22 sing N N 53  
ASN OXT HXT  sing N N 54  
ASP N   CA   sing N N 55  
ASP N   H    sing N N 56  
ASP N   H2   sing N N 57  
ASP CA  C    sing N N 58  
ASP CA  CB   sing N N 59  
ASP CA  HA   sing N N 60  
ASP C   O    doub N N 61  
ASP C   OXT  sing N N 62  
ASP CB  CG   sing N N 63  
ASP CB  HB2  sing N N 64  
ASP CB  HB3  sing N N 65  
ASP CG  OD1  doub N N 66  
ASP CG  OD2  sing N N 67  
ASP OD2 HD2  sing N N 68  
ASP OXT HXT  sing N N 69  
GLN N   CA   sing N N 70  
GLN N   H    sing N N 71  
GLN N   H2   sing N N 72  
GLN CA  C    sing N N 73  
GLN CA  CB   sing N N 74  
GLN CA  HA   sing N N 75  
GLN C   O    doub N N 76  
GLN C   OXT  sing N N 77  
GLN CB  CG   sing N N 78  
GLN CB  HB2  sing N N 79  
GLN CB  HB3  sing N N 80  
GLN CG  CD   sing N N 81  
GLN CG  HG2  sing N N 82  
GLN CG  HG3  sing N N 83  
GLN CD  OE1  doub N N 84  
GLN CD  NE2  sing N N 85  
GLN NE2 HE21 sing N N 86  
GLN NE2 HE22 sing N N 87  
GLN OXT HXT  sing N N 88  
GLU N   CA   sing N N 89  
GLU N   H    sing N N 90  
GLU N   H2   sing N N 91  
GLU CA  C    sing N N 92  
GLU CA  CB   sing N N 93  
GLU CA  HA   sing N N 94  
GLU C   O    doub N N 95  
GLU C   OXT  sing N N 96  
GLU CB  CG   sing N N 97  
GLU CB  HB2  sing N N 98  
GLU CB  HB3  sing N N 99  
GLU CG  CD   sing N N 100 
GLU CG  HG2  sing N N 101 
GLU CG  HG3  sing N N 102 
GLU CD  OE1  doub N N 103 
GLU CD  OE2  sing N N 104 
GLU OE2 HE2  sing N N 105 
GLU OXT HXT  sing N N 106 
GLY N   CA   sing N N 107 
GLY N   H    sing N N 108 
GLY N   H2   sing N N 109 
GLY CA  C    sing N N 110 
GLY CA  HA2  sing N N 111 
GLY CA  HA3  sing N N 112 
GLY C   O    doub N N 113 
GLY C   OXT  sing N N 114 
GLY OXT HXT  sing N N 115 
HIS N   CA   sing N N 116 
HIS N   H    sing N N 117 
HIS N   H2   sing N N 118 
HIS CA  C    sing N N 119 
HIS CA  CB   sing N N 120 
HIS CA  HA   sing N N 121 
HIS C   O    doub N N 122 
HIS C   OXT  sing N N 123 
HIS CB  CG   sing N N 124 
HIS CB  HB2  sing N N 125 
HIS CB  HB3  sing N N 126 
HIS CG  ND1  sing Y N 127 
HIS CG  CD2  doub Y N 128 
HIS ND1 CE1  doub Y N 129 
HIS ND1 HD1  sing N N 130 
HIS CD2 NE2  sing Y N 131 
HIS CD2 HD2  sing N N 132 
HIS CE1 NE2  sing Y N 133 
HIS CE1 HE1  sing N N 134 
HIS NE2 HE2  sing N N 135 
HIS OXT HXT  sing N N 136 
HOH O   H1   sing N N 137 
HOH O   H2   sing N N 138 
ILE N   CA   sing N N 139 
ILE N   H    sing N N 140 
ILE N   H2   sing N N 141 
ILE CA  C    sing N N 142 
ILE CA  CB   sing N N 143 
ILE CA  HA   sing N N 144 
ILE C   O    doub N N 145 
ILE C   OXT  sing N N 146 
ILE CB  CG1  sing N N 147 
ILE CB  CG2  sing N N 148 
ILE CB  HB   sing N N 149 
ILE CG1 CD1  sing N N 150 
ILE CG1 HG12 sing N N 151 
ILE CG1 HG13 sing N N 152 
ILE CG2 HG21 sing N N 153 
ILE CG2 HG22 sing N N 154 
ILE CG2 HG23 sing N N 155 
ILE CD1 HD11 sing N N 156 
ILE CD1 HD12 sing N N 157 
ILE CD1 HD13 sing N N 158 
ILE OXT HXT  sing N N 159 
LEU N   CA   sing N N 160 
LEU N   H    sing N N 161 
LEU N   H2   sing N N 162 
LEU CA  C    sing N N 163 
LEU CA  CB   sing N N 164 
LEU CA  HA   sing N N 165 
LEU C   O    doub N N 166 
LEU C   OXT  sing N N 167 
LEU CB  CG   sing N N 168 
LEU CB  HB2  sing N N 169 
LEU CB  HB3  sing N N 170 
LEU CG  CD1  sing N N 171 
LEU CG  CD2  sing N N 172 
LEU CG  HG   sing N N 173 
LEU CD1 HD11 sing N N 174 
LEU CD1 HD12 sing N N 175 
LEU CD1 HD13 sing N N 176 
LEU CD2 HD21 sing N N 177 
LEU CD2 HD22 sing N N 178 
LEU CD2 HD23 sing N N 179 
LEU OXT HXT  sing N N 180 
LYS N   CA   sing N N 181 
LYS N   H    sing N N 182 
LYS N   H2   sing N N 183 
LYS CA  C    sing N N 184 
LYS CA  CB   sing N N 185 
LYS CA  HA   sing N N 186 
LYS C   O    doub N N 187 
LYS C   OXT  sing N N 188 
LYS CB  CG   sing N N 189 
LYS CB  HB2  sing N N 190 
LYS CB  HB3  sing N N 191 
LYS CG  CD   sing N N 192 
LYS CG  HG2  sing N N 193 
LYS CG  HG3  sing N N 194 
LYS CD  CE   sing N N 195 
LYS CD  HD2  sing N N 196 
LYS CD  HD3  sing N N 197 
LYS CE  NZ   sing N N 198 
LYS CE  HE2  sing N N 199 
LYS CE  HE3  sing N N 200 
LYS NZ  HZ1  sing N N 201 
LYS NZ  HZ2  sing N N 202 
LYS NZ  HZ3  sing N N 203 
LYS OXT HXT  sing N N 204 
PHE N   CA   sing N N 205 
PHE N   H    sing N N 206 
PHE N   H2   sing N N 207 
PHE CA  C    sing N N 208 
PHE CA  CB   sing N N 209 
PHE CA  HA   sing N N 210 
PHE C   O    doub N N 211 
PHE C   OXT  sing N N 212 
PHE CB  CG   sing N N 213 
PHE CB  HB2  sing N N 214 
PHE CB  HB3  sing N N 215 
PHE CG  CD1  doub Y N 216 
PHE CG  CD2  sing Y N 217 
PHE CD1 CE1  sing Y N 218 
PHE CD1 HD1  sing N N 219 
PHE CD2 CE2  doub Y N 220 
PHE CD2 HD2  sing N N 221 
PHE CE1 CZ   doub Y N 222 
PHE CE1 HE1  sing N N 223 
PHE CE2 CZ   sing Y N 224 
PHE CE2 HE2  sing N N 225 
PHE CZ  HZ   sing N N 226 
PHE OXT HXT  sing N N 227 
PRO N   CA   sing N N 228 
PRO N   CD   sing N N 229 
PRO N   H    sing N N 230 
PRO CA  C    sing N N 231 
PRO CA  CB   sing N N 232 
PRO CA  HA   sing N N 233 
PRO C   O    doub N N 234 
PRO C   OXT  sing N N 235 
PRO CB  CG   sing N N 236 
PRO CB  HB2  sing N N 237 
PRO CB  HB3  sing N N 238 
PRO CG  CD   sing N N 239 
PRO CG  HG2  sing N N 240 
PRO CG  HG3  sing N N 241 
PRO CD  HD2  sing N N 242 
PRO CD  HD3  sing N N 243 
PRO OXT HXT  sing N N 244 
SER N   CA   sing N N 245 
SER N   H    sing N N 246 
SER N   H2   sing N N 247 
SER CA  C    sing N N 248 
SER CA  CB   sing N N 249 
SER CA  HA   sing N N 250 
SER C   O    doub N N 251 
SER C   OXT  sing N N 252 
SER CB  OG   sing N N 253 
SER CB  HB2  sing N N 254 
SER CB  HB3  sing N N 255 
SER OG  HG   sing N N 256 
SER OXT HXT  sing N N 257 
SO4 S   O1   doub N N 258 
SO4 S   O2   doub N N 259 
SO4 S   O3   sing N N 260 
SO4 S   O4   sing N N 261 
THR N   CA   sing N N 262 
THR N   H    sing N N 263 
THR N   H2   sing N N 264 
THR CA  C    sing N N 265 
THR CA  CB   sing N N 266 
THR CA  HA   sing N N 267 
THR C   O    doub N N 268 
THR C   OXT  sing N N 269 
THR CB  OG1  sing N N 270 
THR CB  CG2  sing N N 271 
THR CB  HB   sing N N 272 
THR OG1 HG1  sing N N 273 
THR CG2 HG21 sing N N 274 
THR CG2 HG22 sing N N 275 
THR CG2 HG23 sing N N 276 
THR OXT HXT  sing N N 277 
TRP N   CA   sing N N 278 
TRP N   H    sing N N 279 
TRP N   H2   sing N N 280 
TRP CA  C    sing N N 281 
TRP CA  CB   sing N N 282 
TRP CA  HA   sing N N 283 
TRP C   O    doub N N 284 
TRP C   OXT  sing N N 285 
TRP CB  CG   sing N N 286 
TRP CB  HB2  sing N N 287 
TRP CB  HB3  sing N N 288 
TRP CG  CD1  doub Y N 289 
TRP CG  CD2  sing Y N 290 
TRP CD1 NE1  sing Y N 291 
TRP CD1 HD1  sing N N 292 
TRP CD2 CE2  doub Y N 293 
TRP CD2 CE3  sing Y N 294 
TRP NE1 CE2  sing Y N 295 
TRP NE1 HE1  sing N N 296 
TRP CE2 CZ2  sing Y N 297 
TRP CE3 CZ3  doub Y N 298 
TRP CE3 HE3  sing N N 299 
TRP CZ2 CH2  doub Y N 300 
TRP CZ2 HZ2  sing N N 301 
TRP CZ3 CH2  sing Y N 302 
TRP CZ3 HZ3  sing N N 303 
TRP CH2 HH2  sing N N 304 
TRP OXT HXT  sing N N 305 
TYR N   CA   sing N N 306 
TYR N   H    sing N N 307 
TYR N   H2   sing N N 308 
TYR CA  C    sing N N 309 
TYR CA  CB   sing N N 310 
TYR CA  HA   sing N N 311 
TYR C   O    doub N N 312 
TYR C   OXT  sing N N 313 
TYR CB  CG   sing N N 314 
TYR CB  HB2  sing N N 315 
TYR CB  HB3  sing N N 316 
TYR CG  CD1  doub Y N 317 
TYR CG  CD2  sing Y N 318 
TYR CD1 CE1  sing Y N 319 
TYR CD1 HD1  sing N N 320 
TYR CD2 CE2  doub Y N 321 
TYR CD2 HD2  sing N N 322 
TYR CE1 CZ   doub Y N 323 
TYR CE1 HE1  sing N N 324 
TYR CE2 CZ   sing Y N 325 
TYR CE2 HE2  sing N N 326 
TYR CZ  OH   sing N N 327 
TYR OH  HH   sing N N 328 
TYR OXT HXT  sing N N 329 
VAL N   CA   sing N N 330 
VAL N   H    sing N N 331 
VAL N   H2   sing N N 332 
VAL CA  C    sing N N 333 
VAL CA  CB   sing N N 334 
VAL CA  HA   sing N N 335 
VAL C   O    doub N N 336 
VAL C   OXT  sing N N 337 
VAL CB  CG1  sing N N 338 
VAL CB  CG2  sing N N 339 
VAL CB  HB   sing N N 340 
VAL CG1 HG11 sing N N 341 
VAL CG1 HG12 sing N N 342 
VAL CG1 HG13 sing N N 343 
VAL CG2 HG21 sing N N 344 
VAL CG2 HG22 sing N N 345 
VAL CG2 HG23 sing N N 346 
VAL OXT HXT  sing N N 347 
# 
_atom_sites.entry_id                    1NNX 
_atom_sites.fract_transf_matrix[1][1]   -0.01319898 
_atom_sites.fract_transf_matrix[1][2]   -0.01252760 
_atom_sites.fract_transf_matrix[1][3]   -0.00135489 
_atom_sites.fract_transf_matrix[2][1]   -0.01034250 
_atom_sites.fract_transf_matrix[2][2]   0.01002881 
_atom_sites.fract_transf_matrix[2][3]   0.00802551 
_atom_sites.fract_transf_matrix[3][1]   -0.00526434 
_atom_sites.fract_transf_matrix[3][2]   0.00726159 
_atom_sites.fract_transf_matrix[3][3]   -0.01585838 
_atom_sites.fract_transf_vector[1]      0.876374 
_atom_sites.fract_transf_vector[2]      0.301304 
_atom_sites.fract_transf_vector[3]      0.051593 
# 
loop_
_atom_type.symbol 
C 
N 
O 
S 
# 
loop_
_atom_site.group_PDB 
_atom_site.id 
_atom_site.type_symbol 
_atom_site.label_atom_id 
_atom_site.label_alt_id 
_atom_site.label_comp_id 
_atom_site.label_asym_id 
_atom_site.label_entity_id 
_atom_site.label_seq_id 
_atom_site.pdbx_PDB_ins_code 
_atom_site.Cartn_x 
_atom_site.Cartn_y 
_atom_site.Cartn_z 
_atom_site.occupancy 
_atom_site.B_iso_or_equiv 
_atom_site.pdbx_formal_charge 
_atom_site.auth_seq_id 
_atom_site.auth_comp_id 
_atom_site.auth_asym_id 
_atom_site.auth_atom_id 
_atom_site.pdbx_PDB_model_num 
ATOM   1   N N   . GLN A 1 2   ? 8.637   24.810  2.948   1.00 48.47  ? 2    GLN A N   1 
ATOM   2   C CA  . GLN A 1 2   ? 7.517   23.833  3.023   1.00 46.23  ? 2    GLN A CA  1 
ATOM   3   C C   . GLN A 1 2   ? 7.922   22.483  2.429   1.00 45.98  ? 2    GLN A C   1 
ATOM   4   O O   . GLN A 1 2   ? 7.287   21.992  1.493   1.00 49.44  ? 2    GLN A O   1 
ATOM   5   C CB  . GLN A 1 2   ? 6.294   24.370  2.267   1.00 49.44  ? 2    GLN A CB  1 
ATOM   6   C CG  . GLN A 1 2   ? 5.387   25.313  3.049   1.00 50.89  ? 2    GLN A CG  1 
ATOM   7   C CD  . GLN A 1 2   ? 4.307   25.920  2.160   1.00 52.33  ? 2    GLN A CD  1 
ATOM   8   O OE1 . GLN A 1 2   ? 4.599   26.743  1.290   1.00 53.34  ? 2    GLN A OE1 1 
ATOM   9   N NE2 . GLN A 1 2   ? 3.059   25.499  2.360   1.00 52.57  ? 2    GLN A NE2 1 
ATOM   10  N N   . GLY A 1 3   ? 8.982   21.888  2.968   1.00 39.70  ? 3    GLY A N   1 
ATOM   11  C CA  . GLY A 1 3   ? 9.425   20.590  2.490   1.00 37.03  ? 3    GLY A CA  1 
ATOM   12  C C   . GLY A 1 3   ? 9.857   19.734  3.667   1.00 34.44  ? 3    GLY A C   1 
ATOM   13  O O   . GLY A 1 3   ? 9.657   20.111  4.832   1.00 35.91  ? 3    GLY A O   1 
ATOM   14  N N   . GLY A 1 4   ? 10.449  18.576  3.386   1.00 23.23  ? 4    GLY A N   1 
ATOM   15  C CA  . GLY A 1 4   ? 10.897  17.740  4.473   1.00 19.02  ? 4    GLY A CA  1 
ATOM   16  C C   . GLY A 1 4   ? 10.858  16.297  4.093   1.00 17.71  ? 4    GLY A C   1 
ATOM   17  O O   . GLY A 1 4   ? 10.546  15.927  3.005   1.00 21.75  ? 4    GLY A O   1 
ATOM   18  N N   . PHE A 1 5   ? 11.182  15.493  5.071   1.00 16.32  ? 5    PHE A N   1 
ATOM   19  C CA  . PHE A 1 5   ? 11.156  14.042  4.870   1.00 14.79  ? 5    PHE A CA  1 
ATOM   20  C C   . PHE A 1 5   ? 9.751   13.488  5.175   1.00 17.19  ? 5    PHE A C   1 
ATOM   21  O O   . PHE A 1 5   ? 9.178   13.763  6.269   1.00 20.70  ? 5    PHE A O   1 
ATOM   22  C CB  . PHE A 1 5   ? 12.156  13.387  5.845   1.00 16.57  ? 5    PHE A CB  1 
ATOM   23  C CG  . PHE A 1 5   ? 12.203  11.885  5.769   1.00 12.47  ? 5    PHE A CG  1 
ATOM   24  C CD1 . PHE A 1 5   ? 11.881  11.112  6.904   1.00 15.83  ? 5    PHE A CD1 1 
ATOM   25  C CD2 . PHE A 1 5   ? 12.631  11.231  4.603   1.00 14.37  ? 5    PHE A CD2 1 
ATOM   26  C CE1 . PHE A 1 5   ? 12.002  9.722   6.901   1.00 16.10  ? 5    PHE A CE1 1 
ATOM   27  C CE2 . PHE A 1 5   ? 12.750  9.825   4.604   1.00 15.79  ? 5    PHE A CE2 1 
ATOM   28  C CZ  . PHE A 1 5   ? 12.458  9.069   5.700   1.00 15.70  ? 5    PHE A CZ  1 
ATOM   29  N N   . SER A 1 6   ? 9.217   12.715  4.217   1.00 15.65  ? 6    SER A N   1 
ATOM   30  C CA  . SER A 1 6   ? 7.943   11.982  4.403   1.00 16.35  ? 6    SER A CA  1 
ATOM   31  C C   . SER A 1 6   ? 8.362   10.504  4.466   1.00 15.77  ? 6    SER A C   1 
ATOM   32  O O   . SER A 1 6   ? 8.703   9.922   3.441   1.00 17.75  ? 6    SER A O   1 
ATOM   33  C CB  . SER A 1 6   ? 7.024   12.252  3.216   1.00 18.05  ? 6    SER A CB  1 
ATOM   34  O OG  . SER A 1 6   ? 5.771   11.585  3.411   1.00 17.39  ? 6    SER A OG  1 
ATOM   35  N N   . GLY A 1 7   ? 8.370   9.913   5.653   1.00 14.90  ? 7    GLY A N   1 
ATOM   36  C CA  . GLY A 1 7   ? 8.812   8.542   5.802   1.00 17.53  ? 7    GLY A CA  1 
ATOM   37  C C   . GLY A 1 7   ? 8.735   8.134   7.240   1.00 19.62  ? 7    GLY A C   1 
ATOM   38  O O   . GLY A 1 7   ? 8.316   8.921   8.085   1.00 21.13  ? 7    GLY A O   1 
ATOM   39  N N   . PRO A 1 8   ? 9.184   6.944   7.577   1.00 16.37  ? 8    PRO A N   1 
ATOM   40  C CA  . PRO A 1 8   ? 9.137   6.428   8.952   1.00 21.00  ? 8    PRO A CA  1 
ATOM   41  C C   . PRO A 1 8   ? 10.111  7.039   9.933   1.00 19.89  ? 8    PRO A C   1 
ATOM   42  O O   . PRO A 1 8   ? 11.173  7.522   9.553   1.00 17.61  ? 8    PRO A O   1 
ATOM   43  C CB  . PRO A 1 8   ? 9.364   4.954   8.763   1.00 21.46  ? 8    PRO A CB  1 
ATOM   44  C CG  . PRO A 1 8   ? 10.201  4.880   7.558   1.00 20.02  ? 8    PRO A CG  1 
ATOM   45  C CD  . PRO A 1 8   ? 9.892   6.028   6.661   1.00 18.20  ? 8    PRO A CD  1 
ATOM   46  N N   . SER A 1 9   ? 9.710   7.056   11.208  1.00 25.12  ? 9    SER A N   1 
ATOM   47  C CA  . SER A 1 9   ? 10.533  7.601   12.270  1.00 26.40  ? 9    SER A CA  1 
ATOM   48  C C   . SER A 1 9   ? 10.849  6.487   13.268  1.00 33.15  ? 9    SER A C   1 
ATOM   49  O O   . SER A 1 9   ? 10.067  5.514   13.357  1.00 33.21  ? 9    SER A O   1 
ATOM   50  C CB  . SER A 1 9   ? 9.805   8.753   12.969  1.00 26.74  ? 9    SER A CB  1 
ATOM   51  O OG  . SER A 1 9   ? 9.684   9.897   12.132  1.00 33.27  ? 9    SER A OG  1 
ATOM   52  N N   . GLY A 1 23  ? 2.653   5.998   13.248  1.00 41.97  ? 23   GLY A N   1 
ATOM   53  C CA  . GLY A 1 23  ? 1.564   5.381   14.069  1.00 37.35  ? 23   GLY A CA  1 
ATOM   54  C C   . GLY A 1 23  ? 0.197   5.475   13.420  1.00 32.31  ? 23   GLY A C   1 
ATOM   55  O O   . GLY A 1 23  ? -0.678  4.632   13.658  1.00 35.40  ? 23   GLY A O   1 
ATOM   56  N N   . SER A 1 24  ? -0.011  6.483   12.580  1.00 31.85  ? 24   SER A N   1 
ATOM   57  C CA  . SER A 1 24  ? -1.304  6.619   11.935  1.00 25.36  ? 24   SER A CA  1 
ATOM   58  C C   . SER A 1 24  ? -1.476  5.670   10.750  1.00 17.85  ? 24   SER A C   1 
ATOM   59  O O   . SER A 1 24  ? -0.581  5.536   9.893   1.00 20.24  ? 24   SER A O   1 
ATOM   60  C CB  . SER A 1 24  ? -1.552  8.039   11.404  1.00 28.92  ? 24   SER A CB  1 
ATOM   61  O OG  . SER A 1 24  ? -1.550  9.018   12.434  1.00 37.77  ? 24   SER A OG  1 
ATOM   62  N N   . VAL A 1 25  ? -2.631  5.044   10.738  1.00 14.91  ? 25   VAL A N   1 
ATOM   63  C CA  . VAL A 1 25  ? -3.063  4.183   9.628   1.00 14.11  ? 25   VAL A CA  1 
ATOM   64  C C   . VAL A 1 25  ? -4.067  4.995   8.851   1.00 14.47  ? 25   VAL A C   1 
ATOM   65  O O   . VAL A 1 25  ? -5.057  5.449   9.451   1.00 17.25  ? 25   VAL A O   1 
ATOM   66  C CB  . VAL A 1 25  ? -3.735  2.894   10.106  1.00 12.68  ? 25   VAL A CB  1 
ATOM   67  C CG1 . VAL A 1 25  ? -4.281  2.097   8.902   1.00 18.16  ? 25   VAL A CG1 1 
ATOM   68  C CG2 . VAL A 1 25  ? -2.711  2.057   10.873  1.00 18.07  ? 25   VAL A CG2 1 
ATOM   69  N N   . THR A 1 26  ? -3.871  5.192   7.562   1.00 14.08  ? 26   THR A N   1 
ATOM   70  C CA  . THR A 1 26  ? -4.718  5.987   6.704   1.00 13.74  ? 26   THR A CA  1 
ATOM   71  C C   . THR A 1 26  ? -5.663  5.095   5.930   1.00 16.99  ? 26   THR A C   1 
ATOM   72  O O   . THR A 1 26  ? -5.326  3.981   5.551   1.00 17.11  ? 26   THR A O   1 
ATOM   73  C CB  . THR A 1 26  ? -3.822  6.758   5.722   1.00 15.04  ? 26   THR A CB  1 
ATOM   74  O OG1 . THR A 1 26  ? -2.920  7.627   6.463   1.00 18.02  ? 26   THR A OG1 1 
ATOM   75  C CG2 . THR A 1 26  ? -4.634  7.576   4.651   1.00 22.02  ? 26   THR A CG2 1 
ATOM   76  N N   . THR A 1 27  ? -6.851  5.584   5.623   1.00 13.10  ? 27   THR A N   1 
ATOM   77  C CA  . THR A 1 27  ? -7.781  4.764   4.857   1.00 13.35  ? 27   THR A CA  1 
ATOM   78  C C   . THR A 1 27  ? -7.390  4.781   3.378   1.00 11.09  ? 27   THR A C   1 
ATOM   79  O O   . THR A 1 27  ? -6.770  5.742   2.891   1.00 13.74  ? 27   THR A O   1 
ATOM   80  C CB  . THR A 1 27  ? -9.246  5.324   4.965   1.00 12.08  ? 27   THR A CB  1 
ATOM   81  O OG1 . THR A 1 27  ? -9.285  6.599   4.355   1.00 15.61  ? 27   THR A OG1 1 
ATOM   82  C CG2 . THR A 1 27  ? -9.681  5.407   6.457   1.00 16.28  ? 27   THR A CG2 1 
ATOM   83  N N   . VAL A 1 28  ? -7.714  3.667   2.705   1.00 13.37  ? 28   VAL A N   1 
ATOM   84  C CA  . VAL A 1 28  ? -7.438  3.587   1.250   1.00 15.64  ? 28   VAL A CA  1 
ATOM   85  C C   . VAL A 1 28  ? -8.068  4.745   0.472   1.00 15.17  ? 28   VAL A C   1 
ATOM   86  O O   . VAL A 1 28  ? -7.411  5.392   -0.318  1.00 15.50  ? 28   VAL A O   1 
ATOM   87  C CB  . VAL A 1 28  ? -7.934  2.289   0.660   1.00 16.51  ? 28   VAL A CB  1 
ATOM   88  C CG1 . VAL A 1 28  ? -7.953  2.411   -0.898  1.00 16.75  ? 28   VAL A CG1 1 
ATOM   89  C CG2 . VAL A 1 28  ? -6.984  1.160   1.095   1.00 18.14  ? 28   VAL A CG2 1 
ATOM   90  N N   . GLU A 1 29  ? -9.331  5.060   0.791   1.00 12.97  ? 29   GLU A N   1 
ATOM   91  C CA  . GLU A 1 29  ? -9.999  6.126   0.086   1.00 17.94  ? 29   GLU A CA  1 
ATOM   92  C C   . GLU A 1 29  ? -9.328  7.465   0.251   1.00 17.82  ? 29   GLU A C   1 
ATOM   93  O O   . GLU A 1 29  ? -9.149  8.214   -0.728  1.00 21.62  ? 29   GLU A O   1 
ATOM   94  C CB  A GLU A 1 29  ? -11.553 6.124   0.165   0.66 23.79  ? 29   GLU A CB  1 
ATOM   95  C CB  B GLU A 1 29  ? -11.407 6.161   0.774   0.34 11.09  ? 29   GLU A CB  1 
ATOM   96  C CG  A GLU A 1 29  ? -12.293 6.936   -1.027  0.66 27.65  ? 29   GLU A CG  1 
ATOM   97  C CG  B GLU A 1 29  ? -11.776 7.254   1.903   0.34 24.47  ? 29   GLU A CG  1 
ATOM   98  C CD  A GLU A 1 29  ? -12.087 6.305   -2.379  0.66 33.82  ? 29   GLU A CD  1 
ATOM   99  C CD  B GLU A 1 29  ? -13.313 7.383   2.075   0.34 25.73  ? 29   GLU A CD  1 
ATOM   100 O OE1 A GLU A 1 29  ? -12.200 7.037   -3.388  0.66 38.29  ? 29   GLU A OE1 1 
ATOM   101 O OE1 B GLU A 1 29  ? -13.963 7.971   1.183   0.34 31.92  ? 29   GLU A OE1 1 
ATOM   102 O OE2 A GLU A 1 29  ? -11.824 5.078   -2.432  0.66 32.10  ? 29   GLU A OE2 1 
ATOM   103 O OE2 B GLU A 1 29  ? -13.864 6.884   3.077   0.34 25.83  ? 29   GLU A OE2 1 
ATOM   104 N N   . SER A 1 30  ? -8.866  7.801   1.469   1.00 15.11  ? 30   SER A N   1 
ATOM   105 C CA  . SER A 1 30  ? -8.201  9.048   1.608   1.00 13.56  ? 30   SER A CA  1 
ATOM   106 C C   . SER A 1 30  ? -6.767  9.064   1.030   1.00 15.00  ? 30   SER A C   1 
ATOM   107 O O   . SER A 1 30  ? -6.293  10.101  0.607   1.00 18.75  ? 30   SER A O   1 
ATOM   108 C CB  . SER A 1 30  ? -8.218  9.548   3.069   1.00 17.69  ? 30   SER A CB  1 
ATOM   109 O OG  . SER A 1 30  ? -7.413  8.768   3.895   1.00 17.32  ? 30   SER A OG  1 
ATOM   110 N N   . ALA A 1 31  ? -6.102  7.899   1.018   1.00 14.29  ? 31   ALA A N   1 
ATOM   111 C CA  . ALA A 1 31  ? -4.764  7.829   0.456   1.00 17.04  ? 31   ALA A CA  1 
ATOM   112 C C   . ALA A 1 31  ? -4.792  8.194   -1.016  1.00 16.77  ? 31   ALA A C   1 
ATOM   113 O O   . ALA A 1 31  ? -3.830  8.766   -1.529  1.00 18.82  ? 31   ALA A O   1 
ATOM   114 C CB  . ALA A 1 31  ? -4.202  6.424   0.639   1.00 15.16  ? 31   ALA A CB  1 
ATOM   115 N N   . LYS A 1 32  ? -5.881  7.907   -1.682  1.00 17.97  ? 32   LYS A N   1 
ATOM   116 C CA  . LYS A 1 32  ? -5.967  8.252   -3.097  1.00 21.31  ? 32   LYS A CA  1 
ATOM   117 C C   . LYS A 1 32  ? -5.921  9.738   -3.324  1.00 25.36  ? 32   LYS A C   1 
ATOM   118 O O   . LYS A 1 32  ? -5.574  10.219  -4.430  1.00 27.29  ? 32   LYS A O   1 
ATOM   119 C CB  . LYS A 1 32  ? -7.252  7.731   -3.721  1.00 20.02  ? 32   LYS A CB  1 
ATOM   120 C CG  . LYS A 1 32  ? -7.392  6.296   -3.719  1.00 24.41  ? 32   LYS A CG  1 
ATOM   121 C CD  . LYS A 1 32  ? -8.673  5.974   -4.480  1.00 27.82  ? 32   LYS A CD  1 
ATOM   122 C CE  . LYS A 1 32  ? -9.007  4.531   -4.264  1.00 28.49  ? 32   LYS A CE  1 
ATOM   123 N NZ  . LYS A 1 32  ? -10.322 4.138   -4.822  1.00 26.12  ? 32   LYS A NZ  1 
ATOM   124 N N   . SER A 1 33  ? -6.253  10.494  -2.298  1.00 22.08  ? 33   SER A N   1 
ATOM   125 C CA  . SER A 1 33  ? -6.288  11.958  -2.428  1.00 25.87  ? 33   SER A CA  1 
ATOM   126 C C   . SER A 1 33  ? -5.005  12.624  -2.053  1.00 25.61  ? 33   SER A C   1 
ATOM   127 O O   . SER A 1 33  ? -4.867  13.836  -2.152  1.00 25.52  ? 33   SER A O   1 
ATOM   128 C CB  . SER A 1 33  ? -7.400  12.561  -1.538  1.00 29.55  ? 33   SER A CB  1 
ATOM   129 O OG  . SER A 1 33  ? -7.039  12.568  -0.136  1.00 34.02  ? 33   SER A OG  1 
ATOM   130 N N   . LEU A 1 34  ? -4.021  11.848  -1.626  1.00 17.88  ? 34   LEU A N   1 
ATOM   131 C CA  . LEU A 1 34  ? -2.828  12.489  -1.138  1.00 19.56  ? 34   LEU A CA  1 
ATOM   132 C C   . LEU A 1 34  ? -1.915  12.860  -2.286  1.00 16.74  ? 34   LEU A C   1 
ATOM   133 O O   . LEU A 1 34  ? -2.063  12.325  -3.405  1.00 21.36  ? 34   LEU A O   1 
ATOM   134 C CB  . LEU A 1 34  ? -2.102  11.520  -0.181  1.00 21.42  ? 34   LEU A CB  1 
ATOM   135 C CG  . LEU A 1 34  ? -2.841  11.165  1.112   1.00 21.57  ? 34   LEU A CG  1 
ATOM   136 C CD1 . LEU A 1 34  ? -2.097  10.161  1.907   1.00 20.85  ? 34   LEU A CD1 1 
ATOM   137 C CD2 . LEU A 1 34  ? -2.936  12.421  1.979   1.00 28.60  ? 34   LEU A CD2 1 
ATOM   138 N N   . ARG A 1 35  ? -0.984  13.734  -2.006  1.00 20.48  ? 35   ARG A N   1 
ATOM   139 C CA  . ARG A 1 35  ? -0.022  14.143  -3.004  1.00 22.26  ? 35   ARG A CA  1 
ATOM   140 C C   . ARG A 1 35  ? 0.935   13.015  -3.373  1.00 21.52  ? 35   ARG A C   1 
ATOM   141 O O   . ARG A 1 35  ? 1.241   12.131  -2.554  1.00 20.46  ? 35   ARG A O   1 
ATOM   142 C CB  A ARG A 1 35  ? 0.836   15.414  -2.838  0.50 24.27  ? 35   ARG A CB  1 
ATOM   143 C CB  B ARG A 1 35  ? 0.737   15.237  -2.232  0.50 24.62  ? 35   ARG A CB  1 
ATOM   144 C CG  A ARG A 1 35  ? 1.281   16.030  -4.250  0.50 33.77  ? 35   ARG A CG  1 
ATOM   145 C CG  B ARG A 1 35  ? -0.027  15.827  -0.917  0.50 31.99  ? 35   ARG A CG  1 
ATOM   146 C CD  A ARG A 1 35  ? 1.658   17.510  -4.165  0.50 34.43  ? 35   ARG A CD  1 
ATOM   147 C CD  B ARG A 1 35  ? -0.309  14.764  0.150   0.50 31.44  ? 35   ARG A CD  1 
ATOM   148 N NE  A ARG A 1 35  ? 1.675   18.164  -5.476  0.50 38.23  ? 35   ARG A NE  1 
ATOM   149 N NE  B ARG A 1 35  ? -1.120  15.226  1.276   0.50 34.25  ? 35   ARG A NE  1 
ATOM   150 C CZ  A ARG A 1 35  ? 2.238   17.655  -6.568  0.50 36.01  ? 35   ARG A CZ  1 
ATOM   151 C CZ  B ARG A 1 35  ? -2.238  15.947  1.194   0.50 36.38  ? 35   ARG A CZ  1 
ATOM   152 N NH1 A ARG A 1 35  ? 2.198   18.340  -7.701  0.50 38.74  ? 35   ARG A NH1 1 
ATOM   153 N NH1 B ARG A 1 35  ? -2.727  16.335  0.022   0.50 36.37  ? 35   ARG A NH1 1 
ATOM   154 N NH2 A ARG A 1 35  ? 2.830   16.463  -6.546  0.50 35.04  ? 35   ARG A NH2 1 
ATOM   155 N NH2 B ARG A 1 35  ? -2.889  16.262  2.306   0.50 33.41  ? 35   ARG A NH2 1 
ATOM   156 N N   . ASP A 1 36  ? 1.433   13.083  -4.591  1.00 18.54  ? 36   ASP A N   1 
ATOM   157 C CA  . ASP A 1 36  ? 2.421   12.138  -5.015  1.00 19.27  ? 36   ASP A CA  1 
ATOM   158 C C   . ASP A 1 36  ? 3.610   12.227  -4.046  1.00 18.77  ? 36   ASP A C   1 
ATOM   159 O O   . ASP A 1 36  ? 3.963   13.288  -3.533  1.00 18.49  ? 36   ASP A O   1 
ATOM   160 C CB  . ASP A 1 36  ? 2.863   12.489  -6.424  1.00 21.26  ? 36   ASP A CB  1 
ATOM   161 C CG  . ASP A 1 36  ? 3.978   11.637  -6.892  1.00 25.83  ? 36   ASP A CG  1 
ATOM   162 O OD1 . ASP A 1 36  ? 5.003   12.202  -7.321  1.00 28.68  ? 36   ASP A OD1 1 
ATOM   163 O OD2 . ASP A 1 36  ? 3.846   10.402  -6.857  1.00 22.12  ? 36   ASP A OD2 1 
ATOM   164 N N   . ASP A 1 37  ? 4.236   11.071  -3.791  1.00 19.13  ? 37   ASP A N   1 
ATOM   165 C CA  . ASP A 1 37  ? 5.390   11.014  -2.900  1.00 19.32  ? 37   ASP A CA  1 
ATOM   166 C C   . ASP A 1 37  ? 5.111   11.341  -1.438  1.00 18.53  ? 37   ASP A C   1 
ATOM   167 O O   . ASP A 1 37  ? 5.764   12.169  -0.806  1.00 22.80  ? 37   ASP A O   1 
ATOM   168 C CB  . ASP A 1 37  ? 6.550   11.896  -3.457  1.00 23.15  ? 37   ASP A CB  1 
ATOM   169 C CG  . ASP A 1 37  ? 7.935   11.314  -3.177  1.00 18.38  ? 37   ASP A CG  1 
ATOM   170 O OD1 . ASP A 1 37  ? 8.888   12.131  -3.064  1.00 24.65  ? 37   ASP A OD1 1 
ATOM   171 O OD2 . ASP A 1 37  ? 8.097   10.065  -3.048  1.00 21.63  ? 37   ASP A OD2 1 
ATOM   172 N N   . THR A 1 38  ? 4.104   10.677  -0.912  1.00 14.75  ? 38   THR A N   1 
ATOM   173 C CA  . THR A 1 38  ? 3.694   10.797  0.470   1.00 17.48  ? 38   THR A CA  1 
ATOM   174 C C   . THR A 1 38  ? 3.785   9.405   1.106   1.00 13.84  ? 38   THR A C   1 
ATOM   175 O O   . THR A 1 38  ? 3.179   8.475   0.584   1.00 15.49  ? 38   THR A O   1 
ATOM   176 C CB  . THR A 1 38  ? 2.226   11.283  0.561   1.00 17.68  ? 38   THR A CB  1 
ATOM   177 O OG1 . THR A 1 38  ? 2.119   12.584  -0.036  1.00 22.64  ? 38   THR A OG1 1 
ATOM   178 C CG2 . THR A 1 38  ? 1.789   11.360  2.009   1.00 22.29  ? 38   THR A CG2 1 
ATOM   179 N N   . TRP A 1 39  ? 4.424   9.308   2.273   1.00 14.22  ? 39   TRP A N   1 
ATOM   180 C CA  . TRP A 1 39  ? 4.534   8.059   3.027   1.00 13.03  ? 39   TRP A CA  1 
ATOM   181 C C   . TRP A 1 39  ? 3.224   7.748   3.738   1.00 12.82  ? 39   TRP A C   1 
ATOM   182 O O   . TRP A 1 39  ? 2.636   8.644   4.428   1.00 15.07  ? 39   TRP A O   1 
ATOM   183 C CB  . TRP A 1 39  ? 5.651   8.186   4.054   1.00 14.36  ? 39   TRP A CB  1 
ATOM   184 C CG  . TRP A 1 39  ? 5.871   6.949   4.811   1.00 16.41  ? 39   TRP A CG  1 
ATOM   185 C CD1 . TRP A 1 39  ? 5.424   6.669   6.054   1.00 17.77  ? 39   TRP A CD1 1 
ATOM   186 C CD2 . TRP A 1 39  ? 6.649   5.827   4.389   1.00 16.75  ? 39   TRP A CD2 1 
ATOM   187 N NE1 . TRP A 1 39  ? 5.861   5.429   6.435   1.00 22.11  ? 39   TRP A NE1 1 
ATOM   188 C CE2 . TRP A 1 39  ? 6.616   4.887   5.436   1.00 20.71  ? 39   TRP A CE2 1 
ATOM   189 C CE3 . TRP A 1 39  ? 7.376   5.522   3.226   1.00 16.92  ? 39   TRP A CE3 1 
ATOM   190 C CZ2 . TRP A 1 39  ? 7.297   3.648   5.371   1.00 17.54  ? 39   TRP A CZ2 1 
ATOM   191 C CZ3 . TRP A 1 39  ? 8.066   4.252   3.156   1.00 21.51  ? 39   TRP A CZ3 1 
ATOM   192 C CH2 . TRP A 1 39  ? 8.002   3.358   4.232   1.00 18.34  ? 39   TRP A CH2 1 
ATOM   193 N N   . VAL A 1 40  ? 2.733   6.527   3.587   1.00 11.73  ? 40   VAL A N   1 
ATOM   194 C CA  . VAL A 1 40  ? 1.473   6.098   4.227   1.00 11.40  ? 40   VAL A CA  1 
ATOM   195 C C   . VAL A 1 40  ? 1.593   4.691   4.795   1.00 12.33  ? 40   VAL A C   1 
ATOM   196 O O   . VAL A 1 40  ? 2.420   3.886   4.341   1.00 13.24  ? 40   VAL A O   1 
ATOM   197 C CB  A VAL A 1 40  ? 0.063   6.494   3.480   0.25 8.30   ? 40   VAL A CB  1 
ATOM   198 C CB  B VAL A 1 40  ? 0.290   5.689   3.149   0.75 17.52  ? 40   VAL A CB  1 
ATOM   199 C CG1 A VAL A 1 40  ? -1.095  6.638   4.582   0.25 16.84  ? 40   VAL A CG1 1 
ATOM   200 C CG1 B VAL A 1 40  ? 0.803   5.212   1.833   0.75 14.87  ? 40   VAL A CG1 1 
ATOM   201 C CG2 A VAL A 1 40  ? 0.086   7.853   2.814   0.25 4.07   ? 40   VAL A CG2 1 
ATOM   202 C CG2 B VAL A 1 40  ? -0.451  4.298   3.559   0.75 33.77  ? 40   VAL A CG2 1 
ATOM   203 N N   . THR A 1 41  ? 0.740   4.357   5.735   1.00 13.35  ? 41   THR A N   1 
ATOM   204 C CA  . THR A 1 41  ? 0.569   3.063   6.301   1.00 12.17  ? 41   THR A CA  1 
ATOM   205 C C   . THR A 1 41  ? -0.917  2.750   6.114   1.00 14.59  ? 41   THR A C   1 
ATOM   206 O O   . THR A 1 41  ? -1.795  3.571   6.430   1.00 13.02  ? 41   THR A O   1 
ATOM   207 C CB  . THR A 1 41  ? 0.886   3.022   7.815   1.00 14.27  ? 41   THR A CB  1 
ATOM   208 O OG1 . THR A 1 41  ? 2.244   3.435   8.068   1.00 17.95  ? 41   THR A OG1 1 
ATOM   209 C CG2 . THR A 1 41  ? 0.608   1.649   8.356   1.00 17.09  ? 41   THR A CG2 1 
ATOM   210 N N   . LEU A 1 42  ? -1.253  1.591   5.573   1.00 11.85  ? 42   LEU A N   1 
ATOM   211 C CA  . LEU A 1 42  ? -2.626  1.133   5.360   1.00 10.68  ? 42   LEU A CA  1 
ATOM   212 C C   . LEU A 1 42  ? -2.809  -0.249  5.948   1.00 12.34  ? 42   LEU A C   1 
ATOM   213 O O   . LEU A 1 42  ? -1.817  -1.029  6.075   1.00 12.89  ? 42   LEU A O   1 
ATOM   214 C CB  . LEU A 1 42  ? -2.938  1.070   3.834   1.00 13.32  ? 42   LEU A CB  1 
ATOM   215 C CG  . LEU A 1 42  ? -2.678  2.370   3.089   1.00 15.99  ? 42   LEU A CG  1 
ATOM   216 C CD1 . LEU A 1 42  ? -2.807  2.031   1.565   1.00 26.82  ? 42   LEU A CD1 1 
ATOM   217 C CD2 . LEU A 1 42  ? -3.582  3.444   3.485   1.00 24.85  ? 42   LEU A CD2 1 
ATOM   218 N N   . ARG A 1 43  ? -4.037  -0.605  6.284   1.00 11.65  ? 43   ARG A N   1 
ATOM   219 C CA  . ARG A 1 43  ? -4.318  -1.920  6.765   1.00 10.49  ? 43   ARG A CA  1 
ATOM   220 C C   . ARG A 1 43  ? -5.498  -2.480  6.013   1.00 14.07  ? 43   ARG A C   1 
ATOM   221 O O   . ARG A 1 43  ? -6.487  -1.766  5.776   1.00 16.38  ? 43   ARG A O   1 
ATOM   222 C CB  . ARG A 1 43  ? -4.613  -1.932  8.280   1.00 13.45  ? 43   ARG A CB  1 
ATOM   223 C CG  A ARG A 1 43  ? -3.341  -1.827  9.086   0.80 14.04  ? 43   ARG A CG  1 
ATOM   224 C CG  B ARG A 1 43  ? -5.409  -3.180  8.673   0.20 18.85  ? 43   ARG A CG  1 
ATOM   225 C CD  A ARG A 1 43  ? -3.652  -1.903  10.630  0.80 15.85  ? 43   ARG A CD  1 
ATOM   226 C CD  B ARG A 1 43  ? -6.134  -3.127  10.027  0.20 23.60  ? 43   ARG A CD  1 
ATOM   227 N NE  A ARG A 1 43  ? -2.432  -2.051  11.411  0.80 21.18  ? 43   ARG A NE  1 
ATOM   228 N NE  B ARG A 1 43  ? -6.967  -4.315  10.201  0.20 25.40  ? 43   ARG A NE  1 
ATOM   229 C CZ  A ARG A 1 43  ? -2.368  -2.783  12.519  0.80 24.38  ? 43   ARG A CZ  1 
ATOM   230 C CZ  B ARG A 1 43  ? -7.600  -4.645  11.321  0.20 24.38  ? 43   ARG A CZ  1 
ATOM   231 N NH1 A ARG A 1 43  ? -3.448  -3.425  12.940  0.80 28.56  ? 43   ARG A NH1 1 
ATOM   232 N NH1 B ARG A 1 43  ? -7.503  -3.878  12.395  0.20 28.98  ? 43   ARG A NH1 1 
ATOM   233 N NH2 A ARG A 1 43  ? -1.250  -2.837  13.222  0.80 29.55  ? 43   ARG A NH2 1 
ATOM   234 N NH2 B ARG A 1 43  ? -8.338  -5.748  11.362  0.20 28.10  ? 43   ARG A NH2 1 
ATOM   235 N N   . GLY A 1 44  ? -5.407  -3.736  5.580   1.00 12.24  ? 44   GLY A N   1 
ATOM   236 C CA  . GLY A 1 44  ? -6.494  -4.296  4.821   1.00 13.03  ? 44   GLY A CA  1 
ATOM   237 C C   . GLY A 1 44  ? -6.090  -5.636  4.298   1.00 12.36  ? 44   GLY A C   1 
ATOM   238 O O   . GLY A 1 44  ? -5.372  -6.376  4.957   1.00 14.24  ? 44   GLY A O   1 
ATOM   239 N N   . ASN A 1 45  ? -6.616  -5.955  3.145   1.00 12.44  ? 45   ASN A N   1 
ATOM   240 C CA  . ASN A 1 45  ? -6.374  -7.259  2.546   1.00 13.84  ? 45   ASN A CA  1 
ATOM   241 C C   . ASN A 1 45  ? -5.927  -7.164  1.103   1.00 12.94  ? 45   ASN A C   1 
ATOM   242 O O   . ASN A 1 45  ? -6.417  -6.303  0.317   1.00 13.52  ? 45   ASN A O   1 
ATOM   243 C CB  . ASN A 1 45  ? -7.689  -8.058  2.610   1.00 14.27  ? 45   ASN A CB  1 
ATOM   244 C CG  . ASN A 1 45  ? -8.194  -8.234  4.083   1.00 17.13  ? 45   ASN A CG  1 
ATOM   245 O OD1 . ASN A 1 45  ? -8.846  -7.348  4.597   1.00 27.88  ? 45   ASN A OD1 1 
ATOM   246 N ND2 . ASN A 1 45  ? -7.835  -9.286  4.725   1.00 23.54  ? 45   ASN A ND2 1 
ATOM   247 N N   . ILE A 1 46  ? -4.987  -8.043  0.746   1.00 12.59  ? 46   ILE A N   1 
ATOM   248 C CA  . ILE A 1 46  ? -4.550  -8.154  -0.661  1.00 14.10  ? 46   ILE A CA  1 
ATOM   249 C C   . ILE A 1 46  ? -5.561  -9.177  -1.253  1.00 13.54  ? 46   ILE A C   1 
ATOM   250 O O   . ILE A 1 46  ? -5.593  -10.344 -0.803  1.00 13.71  ? 46   ILE A O   1 
ATOM   251 C CB  . ILE A 1 46  ? -3.126  -8.700  -0.768  1.00 14.45  ? 46   ILE A CB  1 
ATOM   252 C CG1 A ILE A 1 46  ? -2.099  -7.628  -0.258  0.75 18.87  ? 46   ILE A CG1 1 
ATOM   253 C CG1 B ILE A 1 46  ? -2.239  -8.145  0.366   0.25 20.35  ? 46   ILE A CG1 1 
ATOM   254 C CG2 . ILE A 1 46  ? -2.739  -8.784  -2.287  1.00 15.27  ? 46   ILE A CG2 1 
ATOM   255 C CD1 A ILE A 1 46  ? -1.952  -6.320  -1.023  0.75 20.74  ? 46   ILE A CD1 1 
ATOM   256 C CD1 B ILE A 1 46  ? -2.514  -8.746  1.784   0.25 22.40  ? 46   ILE A CD1 1 
ATOM   257 N N   . VAL A 1 47  ? -6.366  -8.745  -2.208  1.00 12.48  ? 47   VAL A N   1 
ATOM   258 C CA  . VAL A 1 47  ? -7.432  -9.602  -2.748  1.00 15.60  ? 47   VAL A CA  1 
ATOM   259 C C   . VAL A 1 47  ? -7.238  -10.144 -4.143  1.00 15.15  ? 47   VAL A C   1 
ATOM   260 O O   . VAL A 1 47  ? -7.993  -11.037 -4.500  1.00 15.51  ? 47   VAL A O   1 
ATOM   261 C CB  . VAL A 1 47  ? -8.806  -8.889  -2.640  1.00 15.69  ? 47   VAL A CB  1 
ATOM   262 C CG1 . VAL A 1 47  ? -9.068  -8.526  -1.174  1.00 15.41  ? 47   VAL A CG1 1 
ATOM   263 C CG2 . VAL A 1 47  ? -8.859  -7.606  -3.460  1.00 16.34  ? 47   VAL A CG2 1 
ATOM   264 N N   . GLU A 1 48  ? -6.252  -9.659  -4.903  1.00 13.50  ? 48   GLU A N   1 
ATOM   265 C CA  . GLU A 1 48  ? -6.024  -10.168 -6.272  1.00 15.35  ? 48   GLU A CA  1 
ATOM   266 C C   . GLU A 1 48  ? -4.674  -9.707  -6.746  1.00 15.20  ? 48   GLU A C   1 
ATOM   267 O O   . GLU A 1 48  ? -4.162  -8.624  -6.361  1.00 16.64  ? 48   GLU A O   1 
ATOM   268 C CB  . GLU A 1 48  ? -7.147  -9.643  -7.176  1.00 21.19  ? 48   GLU A CB  1 
ATOM   269 C CG  . GLU A 1 48  ? -7.105  -10.099 -8.618  1.00 29.38  ? 48   GLU A CG  1 
ATOM   270 C CD  . GLU A 1 48  ? -8.278  -9.562  -9.441  1.00 37.69  ? 48   GLU A CD  1 
ATOM   271 O OE1 . GLU A 1 48  ? -8.579  -8.338  -9.385  1.00 39.03  ? 48   GLU A OE1 1 
ATOM   272 O OE2 . GLU A 1 48  ? -8.872  -10.376 -10.178 1.00 46.07  ? 48   GLU A OE2 1 
ATOM   273 N N   . ARG A 1 49  ? -4.036  -10.554 -7.560  1.00 15.04  ? 49   ARG A N   1 
ATOM   274 C CA  . ARG A 1 49  ? -2.789  -10.161 -8.184  1.00 17.85  ? 49   ARG A CA  1 
ATOM   275 C C   . ARG A 1 49  ? -3.196  -9.754  -9.609  1.00 20.63  ? 49   ARG A C   1 
ATOM   276 O O   . ARG A 1 49  ? -3.872  -10.523 -10.320 1.00 22.40  ? 49   ARG A O   1 
ATOM   277 C CB  . ARG A 1 49  ? -1.824  -11.358 -8.221  1.00 18.79  ? 49   ARG A CB  1 
ATOM   278 C CG  . ARG A 1 49  ? -0.508  -11.006 -8.902  1.00 23.00  ? 49   ARG A CG  1 
ATOM   279 C CD  . ARG A 1 49  ? 0.489   -12.114 -8.677  1.00 25.32  ? 49   ARG A CD  1 
ATOM   280 N NE  . ARG A 1 49  ? 1.840   -11.691 -9.029  1.00 28.47  ? 49   ARG A NE  1 
ATOM   281 C CZ  . ARG A 1 49  ? 2.915   -12.435 -8.805  1.00 30.23  ? 49   ARG A CZ  1 
ATOM   282 N NH1 . ARG A 1 49  ? 2.785   -13.614 -8.256  1.00 34.51  ? 49   ARG A NH1 1 
ATOM   283 N NH2 . ARG A 1 49  ? 4.123   -11.984 -9.092  1.00 32.21  ? 49   ARG A NH2 1 
ATOM   284 N N   . ILE A 1 50  ? -2.860  -8.542  -10.024 1.00 19.94  ? 50   ILE A N   1 
ATOM   285 C CA  . ILE A 1 50  ? -3.251  -8.081  -11.360 1.00 27.12  ? 50   ILE A CA  1 
ATOM   286 C C   . ILE A 1 50  ? -2.211  -8.272  -12.456 1.00 31.70  ? 50   ILE A C   1 
ATOM   287 O O   . ILE A 1 50  ? -2.568  -8.359  -13.629 1.00 37.49  ? 50   ILE A O   1 
ATOM   288 C CB  A ILE A 1 50  ? -3.333  -6.505  -11.186 0.26 25.98  ? 50   ILE A CB  1 
ATOM   289 C CB  B ILE A 1 50  ? -4.231  -6.787  -11.519 0.74 30.96  ? 50   ILE A CB  1 
ATOM   290 C CG1 A ILE A 1 50  ? -2.151  -5.804  -11.865 0.26 28.65  ? 50   ILE A CG1 1 
ATOM   291 C CG1 B ILE A 1 50  ? -5.590  -6.985  -10.791 0.74 30.62  ? 50   ILE A CG1 1 
ATOM   292 C CG2 A ILE A 1 50  ? -3.145  -6.081  -9.655  0.26 31.51  ? 50   ILE A CG2 1 
ATOM   293 C CG2 B ILE A 1 50  ? -4.702  -6.694  -13.031 0.74 36.97  ? 50   ILE A CG2 1 
ATOM   294 C CD1 A ILE A 1 50  ? -2.454  -4.398  -11.961 0.26 27.35  ? 50   ILE A CD1 1 
ATOM   295 C CD1 B ILE A 1 50  ? -6.354  -8.207  -11.223 0.74 38.10  ? 50   ILE A CD1 1 
ATOM   296 N N   . SER A 1 51  ? -0.947  -8.356  -12.094 1.00 29.34  ? 51   SER A N   1 
ATOM   297 C CA  . SER A 1 51  ? 0.114   -8.556  -13.072 1.00 35.65  ? 51   SER A CA  1 
ATOM   298 C C   . SER A 1 51  ? 1.402   -8.688  -12.276 1.00 37.18  ? 51   SER A C   1 
ATOM   299 O O   . SER A 1 51  ? 1.346   -8.891  -11.047 1.00 39.43  ? 51   SER A O   1 
ATOM   300 C CB  . SER A 1 51  ? 0.186   -7.350  -14.010 1.00 41.30  ? 51   SER A CB  1 
ATOM   301 O OG  . SER A 1 51  ? 0.498   -6.168  -13.290 1.00 44.38  ? 51   SER A OG  1 
ATOM   302 N N   . ASP A 1 52  ? 2.556   -8.609  -12.950 1.00 36.19  ? 52   ASP A N   1 
ATOM   303 C CA  . ASP A 1 52  ? 3.816   -8.708  -12.221 1.00 36.68  ? 52   ASP A CA  1 
ATOM   304 C C   . ASP A 1 52  ? 3.979   -7.599  -11.181 1.00 35.01  ? 52   ASP A C   1 
ATOM   305 O O   . ASP A 1 52  ? 4.060   -6.396  -11.470 1.00 38.41  ? 52   ASP A O   1 
ATOM   306 C CB  . ASP A 1 52  ? 5.044   -8.682  -13.122 1.00 43.60  ? 52   ASP A CB  1 
ATOM   307 C CG  . ASP A 1 52  ? 6.306   -9.157  -12.387 1.00 48.47  ? 52   ASP A CG  1 
ATOM   308 O OD1 . ASP A 1 52  ? 7.402   -8.594  -12.635 1.00 50.47  ? 52   ASP A OD1 1 
ATOM   309 O OD2 . ASP A 1 52  ? 6.200   -10.103 -11.555 1.00 51.50  ? 52   ASP A OD2 1 
ATOM   310 N N   . ASP A 1 53  ? 4.066   -8.046  -9.961  1.00 33.92  ? 53   ASP A N   1 
ATOM   311 C CA  . ASP A 1 53  ? 4.206   -7.154  -8.841  1.00 27.26  ? 53   ASP A CA  1 
ATOM   312 C C   . ASP A 1 53  ? 3.035   -6.190  -8.573  1.00 21.86  ? 53   ASP A C   1 
ATOM   313 O O   . ASP A 1 53  ? 3.106   -5.479  -7.602  1.00 22.33  ? 53   ASP A O   1 
ATOM   314 C CB  . ASP A 1 53  ? 5.532   -6.369  -8.936  1.00 32.84  ? 53   ASP A CB  1 
ATOM   315 C CG  . ASP A 1 53  ? 6.749   -7.284  -9.066  1.00 35.76  ? 53   ASP A CG  1 
ATOM   316 O OD1 . ASP A 1 53  ? 6.679   -8.451  -8.639  1.00 42.69  ? 53   ASP A OD1 1 
ATOM   317 O OD2 . ASP A 1 53  ? 7.783   -6.835  -9.585  1.00 44.63  ? 53   ASP A OD2 1 
ATOM   318 N N   . LEU A 1 54  ? 1.940   -6.198  -9.345  1.00 18.92  ? 54   LEU A N   1 
ATOM   319 C CA  . LEU A 1 54  ? 0.804   -5.276  -9.062  1.00 17.36  ? 54   LEU A CA  1 
ATOM   320 C C   . LEU A 1 54  ? -0.386  -6.065  -8.500  1.00 16.76  ? 54   LEU A C   1 
ATOM   321 O O   . LEU A 1 54  ? -0.857  -7.046  -9.050  1.00 16.84  ? 54   LEU A O   1 
ATOM   322 C CB  . LEU A 1 54  ? 0.402   -4.554  -10.332 1.00 23.02  ? 54   LEU A CB  1 
ATOM   323 C CG  . LEU A 1 54  ? -0.322  -3.214  -10.094 1.00 28.21  ? 54   LEU A CG  1 
ATOM   324 C CD1 . LEU A 1 54  ? 0.485   -2.256  -9.162  1.00 25.51  ? 54   LEU A CD1 1 
ATOM   325 C CD2 . LEU A 1 54  ? -0.494  -2.535  -11.462 1.00 35.63  ? 54   LEU A CD2 1 
ATOM   326 N N   . TYR A 1 55  ? -0.851  -5.615  -7.343  1.00 14.15  ? 55   TYR A N   1 
ATOM   327 C CA  . TYR A 1 55  ? -1.927  -6.246  -6.592  1.00 14.51  ? 55   TYR A CA  1 
ATOM   328 C C   . TYR A 1 55  ? -3.024  -5.311  -6.231  1.00 14.12  ? 55   TYR A C   1 
ATOM   329 O O   . TYR A 1 55  ? -2.796  -4.117  -6.205  1.00 15.37  ? 55   TYR A O   1 
ATOM   330 C CB  . TYR A 1 55  ? -1.370  -6.858  -5.295  1.00 15.23  ? 55   TYR A CB  1 
ATOM   331 C CG  . TYR A 1 55  ? -0.246  -7.880  -5.453  1.00 11.70  ? 55   TYR A CG  1 
ATOM   332 C CD1 . TYR A 1 55  ? -0.527  -9.250  -5.403  1.00 12.68  ? 55   TYR A CD1 1 
ATOM   333 C CD2 . TYR A 1 55  ? 1.052   -7.457  -5.684  1.00 14.89  ? 55   TYR A CD2 1 
ATOM   334 C CE1 . TYR A 1 55  ? 0.514   -10.214 -5.579  1.00 15.72  ? 55   TYR A CE1 1 
ATOM   335 C CE2 . TYR A 1 55  ? 2.108   -8.399  -5.860  1.00 15.84  ? 55   TYR A CE2 1 
ATOM   336 C CZ  . TYR A 1 55  ? 1.816   -9.764  -5.807  1.00 17.88  ? 55   TYR A CZ  1 
ATOM   337 O OH  . TYR A 1 55  ? 2.842   -10.677 -6.022  1.00 19.58  ? 55   TYR A OH  1 
ATOM   338 N N   . VAL A 1 56  ? -4.198  -5.861  -5.945  1.00 14.45  ? 56   VAL A N   1 
ATOM   339 C CA  . VAL A 1 56  ? -5.308  -5.012  -5.476  1.00 14.47  ? 56   VAL A CA  1 
ATOM   340 C C   . VAL A 1 56  ? -5.412  -5.131  -3.947  1.00 12.76  ? 56   VAL A C   1 
ATOM   341 O O   . VAL A 1 56  ? -5.465  -6.234  -3.397  1.00 14.56  ? 56   VAL A O   1 
ATOM   342 C CB  . VAL A 1 56  ? -6.654  -5.448  -6.072  1.00 14.45  ? 56   VAL A CB  1 
ATOM   343 C CG1 . VAL A 1 56  ? -7.814  -4.506  -5.581  1.00 19.40  ? 56   VAL A CG1 1 
ATOM   344 C CG2 . VAL A 1 56  ? -6.575  -5.294  -7.655  1.00 20.46  ? 56   VAL A CG2 1 
ATOM   345 N N   . PHE A 1 57  ? -5.382  -3.982  -3.280  1.00 13.07  ? 57   PHE A N   1 
ATOM   346 C CA  . PHE A 1 57  ? -5.469  -3.908  -1.819  1.00 11.18  ? 57   PHE A CA  1 
ATOM   347 C C   . PHE A 1 57  ? -6.826  -3.282  -1.467  1.00 14.25  ? 57   PHE A C   1 
ATOM   348 O O   . PHE A 1 57  ? -7.190  -2.260  -1.999  1.00 14.80  ? 57   PHE A O   1 
ATOM   349 C CB  . PHE A 1 57  ? -4.320  -3.033  -1.338  1.00 12.77  ? 57   PHE A CB  1 
ATOM   350 C CG  . PHE A 1 57  ? -4.288  -2.883  0.144   1.00 14.53  ? 57   PHE A CG  1 
ATOM   351 C CD1 . PHE A 1 57  ? -3.695  -3.813  0.973   1.00 16.50  ? 57   PHE A CD1 1 
ATOM   352 C CD2 . PHE A 1 57  ? -4.845  -1.740  0.707   1.00 16.27  ? 57   PHE A CD2 1 
ATOM   353 C CE1 . PHE A 1 57  ? -3.630  -3.587  2.377   1.00 19.06  ? 57   PHE A CE1 1 
ATOM   354 C CE2 . PHE A 1 57  ? -4.774  -1.530  2.093   1.00 20.51  ? 57   PHE A CE2 1 
ATOM   355 C CZ  . PHE A 1 57  ? -4.158  -2.463  2.894   1.00 16.70  ? 57   PHE A CZ  1 
ATOM   356 N N   . LYS A 1 58  ? -7.526  -3.905  -0.531  1.00 13.29  ? 58   LYS A N   1 
ATOM   357 C CA  . LYS A 1 58  ? -8.863  -3.431  -0.124  1.00 11.93  ? 58   LYS A CA  1 
ATOM   358 C C   . LYS A 1 58  ? -8.973  -3.245  1.374   1.00 15.89  ? 58   LYS A C   1 
ATOM   359 O O   . LYS A 1 58  ? -8.474  -4.017  2.154   1.00 15.66  ? 58   LYS A O   1 
ATOM   360 C CB  . LYS A 1 58  ? -9.883  -4.453  -0.614  1.00 18.26  ? 58   LYS A CB  1 
ATOM   361 C CG  . LYS A 1 58  ? -11.349 -4.163  -0.330  1.00 23.27  ? 58   LYS A CG  1 
ATOM   362 C CD  . LYS A 1 58  ? -12.155 -5.361  -0.774  1.00 27.66  ? 58   LYS A CD  1 
ATOM   363 C CE  . LYS A 1 58  ? -13.647 -5.174  -0.654  1.00 35.70  ? 58   LYS A CE  1 
ATOM   364 N NZ  . LYS A 1 58  ? -14.351 -6.305  -1.326  1.00 37.79  ? 58   LYS A NZ  1 
ATOM   365 N N   . ASP A 1 59  ? -9.605  -2.150  1.738   1.00 14.75  ? 59   ASP A N   1 
ATOM   366 C CA  . ASP A 1 59  ? -9.960  -1.917  3.172   1.00 16.12  ? 59   ASP A CA  1 
ATOM   367 C C   . ASP A 1 59  ? -11.436 -1.539  3.121   1.00 16.83  ? 59   ASP A C   1 
ATOM   368 O O   . ASP A 1 59  ? -12.090 -1.527  2.080   1.00 18.35  ? 59   ASP A O   1 
ATOM   369 C CB  . ASP A 1 59  ? -9.074  -0.925  3.950   1.00 16.80  ? 59   ASP A CB  1 
ATOM   370 C CG  . ASP A 1 59  ? -9.268  0.524   3.623   1.00 19.79  ? 59   ASP A CG  1 
ATOM   371 O OD1 . ASP A 1 59  ? -10.148 0.866   2.811   1.00 19.72  ? 59   ASP A OD1 1 
ATOM   372 O OD2 . ASP A 1 59  ? -8.516  1.340   4.227   1.00 19.62  ? 59   ASP A OD2 1 
ATOM   373 N N   . ALA A 1 60  ? -12.014 -1.268  4.299   1.00 18.15  ? 60   ALA A N   1 
ATOM   374 C CA  . ALA A 1 60  ? -13.426 -0.923  4.290   1.00 20.77  ? 60   ALA A CA  1 
ATOM   375 C C   . ALA A 1 60  ? -13.844 0.310   3.470   1.00 19.75  ? 60   ALA A C   1 
ATOM   376 O O   . ALA A 1 60  ? -15.025 0.462   3.141   1.00 23.61  ? 60   ALA A O   1 
ATOM   377 C CB  . ALA A 1 60  ? -13.870 -0.722  5.724   1.00 22.33  ? 60   ALA A CB  1 
ATOM   378 N N   . SER A 1 61  ? -12.917 1.207   3.167   1.00 17.33  ? 61   SER A N   1 
ATOM   379 C CA  . SER A 1 61  ? -13.210 2.401   2.426   1.00 16.80  ? 61   SER A CA  1 
ATOM   380 C C   . SER A 1 61  ? -13.043 2.339   0.910   1.00 19.75  ? 61   SER A C   1 
ATOM   381 O O   . SER A 1 61  ? -13.548 3.198   0.225   1.00 21.99  ? 61   SER A O   1 
ATOM   382 C CB  . SER A 1 61  ? -12.361 3.549   2.951   1.00 18.22  ? 61   SER A CB  1 
ATOM   383 O OG  . SER A 1 61  ? -10.951 3.423   2.581   1.00 17.71  ? 61   SER A OG  1 
ATOM   384 N N   . GLY A 1 62  ? -12.336 1.334   0.400   1.00 17.15  ? 62   GLY A N   1 
ATOM   385 C CA  . GLY A 1 62  ? -12.100 1.301   -1.041  1.00 18.47  ? 62   GLY A CA  1 
ATOM   386 C C   . GLY A 1 62  ? -10.941 0.394   -1.387  1.00 15.70  ? 62   GLY A C   1 
ATOM   387 O O   . GLY A 1 62  ? -10.421 -0.355  -0.541  1.00 15.43  ? 62   GLY A O   1 
ATOM   388 N N   . THR A 1 63  ? -10.585 0.402   -2.664  1.00 14.82  ? 63   THR A N   1 
ATOM   389 C CA  . THR A 1 63  ? -9.452  -0.442  -3.133  1.00 13.93  ? 63   THR A CA  1 
ATOM   390 C C   . THR A 1 63  ? -8.449  0.426   -3.858  1.00 14.37  ? 63   THR A C   1 
ATOM   391 O O   . THR A 1 63  ? -8.759  1.538   -4.370  1.00 15.98  ? 63   THR A O   1 
ATOM   392 C CB  . THR A 1 63  ? -9.892  -1.557  -4.109  1.00 18.63  ? 63   THR A CB  1 
ATOM   393 O OG1 . THR A 1 63  ? -10.442 -0.964  -5.314  1.00 26.34  ? 63   THR A OG1 1 
ATOM   394 C CG2 . THR A 1 63  ? -10.889 -2.515  -3.437  1.00 18.96  ? 63   THR A CG2 1 
ATOM   395 N N   . ILE A 1 64  ? -7.196  -0.041  -3.888  1.00 12.63  ? 64   ILE A N   1 
ATOM   396 C CA  . ILE A 1 64  ? -6.146  0.702   -4.549  1.00 12.83  ? 64   ILE A CA  1 
ATOM   397 C C   . ILE A 1 64  ? -5.134  -0.323  -5.013  1.00 12.41  ? 64   ILE A C   1 
ATOM   398 O O   . ILE A 1 64  ? -4.957  -1.403  -4.370  1.00 15.02  ? 64   ILE A O   1 
ATOM   399 C CB  . ILE A 1 64  ? -5.479  1.722   -3.589  1.00 13.80  ? 64   ILE A CB  1 
ATOM   400 C CG1 . ILE A 1 64  ? -4.545  2.647   -4.381  1.00 14.35  ? 64   ILE A CG1 1 
ATOM   401 C CG2 . ILE A 1 64  ? -4.740  1.004   -2.403  1.00 14.86  ? 64   ILE A CG2 1 
ATOM   402 C CD1 . ILE A 1 64  ? -4.017  3.822   -3.497  1.00 18.19  ? 64   ILE A CD1 1 
ATOM   403 N N   . ASN A 1 65  ? -4.443  0.002   -6.093  1.00 13.06  ? 65   ASN A N   1 
ATOM   404 C CA  . ASN A 1 65  ? -3.423  -0.935  -6.576  1.00 12.11  ? 65   ASN A CA  1 
ATOM   405 C C   . ASN A 1 65  ? -2.121  -0.691  -5.806  1.00 13.50  ? 65   ASN A C   1 
ATOM   406 O O   . ASN A 1 65  ? -1.803  0.451   -5.493  1.00 14.85  ? 65   ASN A O   1 
ATOM   407 C CB  . ASN A 1 65  ? -3.170  -0.725  -8.088  1.00 14.24  ? 65   ASN A CB  1 
ATOM   408 C CG  . ASN A 1 65  ? -4.372  -1.082  -8.919  1.00 16.19  ? 65   ASN A CG  1 
ATOM   409 O OD1 . ASN A 1 65  ? -5.215  -1.904  -8.514  1.00 22.10  ? 65   ASN A OD1 1 
ATOM   410 N ND2 . ASN A 1 65  ? -4.444  -0.490  -10.130 1.00 21.61  ? 65   ASN A ND2 1 
ATOM   411 N N   . VAL A 1 66  ? -1.407  -1.764  -5.502  1.00 11.47  ? 66   VAL A N   1 
ATOM   412 C CA  . VAL A 1 66  ? -0.155  -1.672  -4.760  1.00 12.25  ? 66   VAL A CA  1 
ATOM   413 C C   . VAL A 1 66  ? 0.942   -2.472  -5.491  1.00 12.30  ? 66   VAL A C   1 
ATOM   414 O O   . VAL A 1 66  ? 0.694   -3.542  -6.085  1.00 15.22  ? 66   VAL A O   1 
ATOM   415 C CB  . VAL A 1 66  ? -0.299  -2.156  -3.300  1.00 11.99  ? 66   VAL A CB  1 
ATOM   416 C CG1 . VAL A 1 66  ? -1.399  -1.288  -2.571  1.00 13.09  ? 66   VAL A CG1 1 
ATOM   417 C CG2 . VAL A 1 66  ? -0.698  -3.622  -3.195  1.00 13.31  ? 66   VAL A CG2 1 
ATOM   418 N N   . ASP A 1 67  ? 2.130   -1.905  -5.513  1.00 12.66  ? 67   ASP A N   1 
ATOM   419 C CA  . ASP A 1 67  ? 3.289   -2.578  -6.153  1.00 13.86  ? 67   ASP A CA  1 
ATOM   420 C C   . ASP A 1 67  ? 4.131   -3.205  -5.068  1.00 14.79  ? 67   ASP A C   1 
ATOM   421 O O   . ASP A 1 67  ? 4.668   -2.497  -4.228  1.00 15.78  ? 67   ASP A O   1 
ATOM   422 C CB  . ASP A 1 67  ? 4.102   -1.545  -6.945  1.00 18.23  ? 67   ASP A CB  1 
ATOM   423 C CG  . ASP A 1 67  ? 5.421   -2.115  -7.550  1.00 30.49  ? 67   ASP A CG  1 
ATOM   424 O OD1 . ASP A 1 67  ? 5.941   -1.456  -8.482  1.00 41.66  ? 67   ASP A OD1 1 
ATOM   425 O OD2 . ASP A 1 67  ? 5.950   -3.166  -7.106  1.00 35.93  ? 67   ASP A OD2 1 
ATOM   426 N N   . ILE A 1 68  ? 4.239   -4.531  -5.093  1.00 15.49  ? 68   ILE A N   1 
ATOM   427 C CA  . ILE A 1 68  ? 4.991   -5.307  -4.085  1.00 13.86  ? 68   ILE A CA  1 
ATOM   428 C C   . ILE A 1 68  ? 6.037   -6.166  -4.814  1.00 18.77  ? 68   ILE A C   1 
ATOM   429 O O   . ILE A 1 68  ? 5.664   -7.096  -5.511  1.00 22.06  ? 68   ILE A O   1 
ATOM   430 C CB  . ILE A 1 68  ? 4.084   -6.229  -3.312  1.00 15.52  ? 68   ILE A CB  1 
ATOM   431 C CG1 . ILE A 1 68  ? 2.950   -5.420  -2.638  1.00 15.93  ? 68   ILE A CG1 1 
ATOM   432 C CG2 . ILE A 1 68  ? 4.886   -6.915  -2.261  1.00 19.74  ? 68   ILE A CG2 1 
ATOM   433 C CD1 A ILE A 1 68  ? 1.852   -6.254  -2.000  0.70 19.83  ? 68   ILE A CD1 1 
ATOM   434 C CD1 B ILE A 1 68  ? 2.088   -6.157  -1.652  0.30 15.41  ? 68   ILE A CD1 1 
ATOM   435 N N   . ASP A 1 69  ? 7.278   -5.745  -4.699  1.00 18.19  ? 69   ASP A N   1 
ATOM   436 C CA  . ASP A 1 69  ? 8.399   -6.507  -5.324  1.00 19.30  ? 69   ASP A CA  1 
ATOM   437 C C   . ASP A 1 69  ? 8.504   -7.832  -4.618  1.00 21.68  ? 69   ASP A C   1 
ATOM   438 O O   . ASP A 1 69  ? 8.197   -8.008  -3.436  1.00 20.35  ? 69   ASP A O   1 
ATOM   439 C CB  . ASP A 1 69  ? 9.698   -5.743  -5.133  1.00 21.21  ? 69   ASP A CB  1 
ATOM   440 C CG  . ASP A 1 69  ? 10.896  -6.389  -5.875  1.00 33.15  ? 69   ASP A CG  1 
ATOM   441 O OD1 . ASP A 1 69  ? 11.060  -6.115  -7.094  1.00 41.10  ? 69   ASP A OD1 1 
ATOM   442 O OD2 . ASP A 1 69  ? 11.662  -7.168  -5.241  1.00 38.79  ? 69   ASP A OD2 1 
ATOM   443 N N   . HIS A 1 70  ? 9.006   -8.813  -5.362  1.00 19.25  ? 70   HIS A N   1 
ATOM   444 C CA  . HIS A 1 70  ? 9.198   -10.145 -4.843  1.00 19.56  ? 70   HIS A CA  1 
ATOM   445 C C   . HIS A 1 70  ? 9.973   -10.122 -3.463  1.00 18.70  ? 70   HIS A C   1 
ATOM   446 O O   . HIS A 1 70  ? 9.683   -10.907 -2.542  1.00 20.63  ? 70   HIS A O   1 
ATOM   447 C CB  A HIS A 1 70  ? 10.176  -11.016 -5.701  0.70 19.31  ? 70   HIS A CB  1 
ATOM   448 C CB  B HIS A 1 70  ? 9.745   -10.818 -6.142  0.30 18.39  ? 70   HIS A CB  1 
ATOM   449 C CG  A HIS A 1 70  ? 10.470  -12.392 -5.142  0.70 23.05  ? 70   HIS A CG  1 
ATOM   450 C CG  B HIS A 1 70  ? 8.734   -10.905 -7.283  0.30 24.28  ? 70   HIS A CG  1 
ATOM   451 N ND1 A HIS A 1 70  ? 9.610   -13.456 -5.305  0.70 28.94  ? 70   HIS A ND1 1 
ATOM   452 N ND1 B HIS A 1 70  ? 9.118   -10.933 -8.609  0.30 27.59  ? 70   HIS A ND1 1 
ATOM   453 C CD2 A HIS A 1 70  ? 11.534  -12.866 -4.451  0.70 21.65  ? 70   HIS A CD2 1 
ATOM   454 C CD2 B HIS A 1 70  ? 7.388   -11.075 -7.283  0.30 19.93  ? 70   HIS A CD2 1 
ATOM   455 C CE1 A HIS A 1 70  ? 10.129  -14.526 -4.730  0.70 28.88  ? 70   HIS A CE1 1 
ATOM   456 C CE1 B HIS A 1 70  ? 8.057   -11.124 -9.371  0.30 27.28  ? 70   HIS A CE1 1 
ATOM   457 N NE2 A HIS A 1 70  ? 11.294  -14.192 -4.202  0.70 26.27  ? 70   HIS A NE2 1 
ATOM   458 N NE2 B HIS A 1 70  ? 6.996   -11.214 -8.591  0.30 28.21  ? 70   HIS A NE2 1 
ATOM   459 N N   . LYS A 1 71  ? 10.960  -9.235  -3.295  1.00 19.35  ? 71   LYS A N   1 
ATOM   460 C CA  . LYS A 1 71  ? 11.713  -9.217  -2.060  1.00 23.29  ? 71   LYS A CA  1 
ATOM   461 C C   . LYS A 1 71  ? 10.971  -8.749  -0.827  1.00 22.04  ? 71   LYS A C   1 
ATOM   462 O O   . LYS A 1 71  ? 11.452  -8.918  0.289   1.00 22.83  ? 71   LYS A O   1 
ATOM   463 C CB  . LYS A 1 71  ? 12.990  -8.374  -2.208  1.00 29.74  ? 71   LYS A CB  1 
ATOM   464 C CG  . LYS A 1 71  ? 12.771  -6.882  -2.419  1.00 37.57  ? 71   LYS A CG  1 
ATOM   465 C CD  . LYS A 1 71  ? 14.114  -6.151  -2.549  1.00 43.17  ? 71   LYS A CD  1 
ATOM   466 C CE  . LYS A 1 71  ? 14.030  -4.698  -2.063  1.00 44.33  ? 71   LYS A CE  1 
ATOM   467 N NZ  . LYS A 1 71  ? 15.407  -4.127  -1.795  1.00 43.95  ? 71   LYS A NZ  1 
ATOM   468 N N   . ARG A 1 72  ? 9.766   -8.198  -0.991  1.00 20.86  ? 72   ARG A N   1 
ATOM   469 C CA  . ARG A 1 72  ? 9.063   -7.729  0.214   1.00 22.46  ? 72   ARG A CA  1 
ATOM   470 C C   . ARG A 1 72  ? 8.397   -8.835  1.026   1.00 22.54  ? 72   ARG A C   1 
ATOM   471 O O   . ARG A 1 72  ? 8.146   -8.688  2.213   1.00 21.93  ? 72   ARG A O   1 
ATOM   472 C CB  . ARG A 1 72  ? 7.973   -6.693  -0.156  1.00 22.51  ? 72   ARG A CB  1 
ATOM   473 C CG  . ARG A 1 72  ? 8.444   -5.578  -0.977  1.00 21.99  ? 72   ARG A CG  1 
ATOM   474 C CD  . ARG A 1 72  ? 9.583   -4.805  -0.244  1.00 24.40  ? 72   ARG A CD  1 
ATOM   475 N NE  . ARG A 1 72  ? 10.178  -3.831  -1.152  1.00 30.20  ? 72   ARG A NE  1 
ATOM   476 C CZ  . ARG A 1 72  ? 11.287  -3.146  -0.907  1.00 34.25  ? 72   ARG A CZ  1 
ATOM   477 N NH1 . ARG A 1 72  ? 11.942  -3.320  0.232   1.00 34.53  ? 72   ARG A NH1 1 
ATOM   478 N NH2 . ARG A 1 72  ? 11.741  -2.279  -1.813  1.00 38.56  ? 72   ARG A NH2 1 
ATOM   479 N N   . TRP A 1 73  ? 8.182   -10.000 0.417   1.00 21.06  ? 73   TRP A N   1 
ATOM   480 C CA  . TRP A 1 73  ? 7.461   -11.029 1.143   1.00 25.02  ? 73   TRP A CA  1 
ATOM   481 C C   . TRP A 1 73  ? 8.210   -11.610 2.340   1.00 28.21  ? 73   TRP A C   1 
ATOM   482 O O   . TRP A 1 73  ? 7.611   -11.917 3.361   1.00 28.21  ? 73   TRP A O   1 
ATOM   483 C CB  . TRP A 1 73  ? 6.991   -12.132 0.173   1.00 24.76  ? 73   TRP A CB  1 
ATOM   484 C CG  . TRP A 1 73  ? 6.091   -11.606 -0.959  1.00 24.22  ? 73   TRP A CG  1 
ATOM   485 C CD1 . TRP A 1 73  ? 6.456   -11.398 -2.248  1.00 23.11  ? 73   TRP A CD1 1 
ATOM   486 C CD2 . TRP A 1 73  ? 4.724   -11.150 -0.855  1.00 20.02  ? 73   TRP A CD2 1 
ATOM   487 N NE1 . TRP A 1 73  ? 5.432   -10.864 -2.956  1.00 24.24  ? 73   TRP A NE1 1 
ATOM   488 C CE2 . TRP A 1 73  ? 4.346   -10.694 -2.133  1.00 22.20  ? 73   TRP A CE2 1 
ATOM   489 C CE3 . TRP A 1 73  ? 3.784   -11.095 0.185   1.00 24.23  ? 73   TRP A CE3 1 
ATOM   490 C CZ2 . TRP A 1 73  ? 3.072   -10.180 -2.413  1.00 19.28  ? 73   TRP A CZ2 1 
ATOM   491 C CZ3 . TRP A 1 73  ? 2.494   -10.579 -0.100  1.00 19.64  ? 73   TRP A CZ3 1 
ATOM   492 C CH2 . TRP A 1 73  ? 2.152   -10.126 -1.383  1.00 18.71  ? 73   TRP A CH2 1 
ATOM   493 N N   . ASN A 1 74  ? 9.523   -11.769 2.210   1.00 27.53  ? 74   ASN A N   1 
ATOM   494 C CA  . ASN A 1 74  ? 10.319  -12.300 3.306   1.00 31.69  ? 74   ASN A CA  1 
ATOM   495 C C   . ASN A 1 74  ? 9.836   -13.582 3.979   1.00 33.47  ? 74   ASN A C   1 
ATOM   496 O O   . ASN A 1 74  ? 9.807   -13.665 5.206   1.00 35.06  ? 74   ASN A O   1 
ATOM   497 C CB  . ASN A 1 74  ? 10.501  -11.219 4.381   1.00 33.68  ? 74   ASN A CB  1 
ATOM   498 C CG  . ASN A 1 74  ? 11.347  -10.058 3.893   1.00 36.75  ? 74   ASN A CG  1 
ATOM   499 O OD1 . ASN A 1 74  ? 12.276  -10.253 3.124   1.00 39.15  ? 74   ASN A OD1 1 
ATOM   500 N ND2 . ASN A 1 74  ? 11.043  -8.856  4.349   1.00 37.94  ? 74   ASN A ND2 1 
ATOM   501 N N   . GLY A 1 75  ? 9.461   -14.581 3.184   1.00 33.37  ? 75   GLY A N   1 
ATOM   502 C CA  . GLY A 1 75  ? 9.018   -15.849 3.753   1.00 36.97  ? 75   GLY A CA  1 
ATOM   503 C C   . GLY A 1 75  ? 7.572   -15.924 4.225   1.00 38.43  ? 75   GLY A C   1 
ATOM   504 O O   . GLY A 1 75  ? 7.070   -17.015 4.568   1.00 37.76  ? 75   GLY A O   1 
ATOM   505 N N   . VAL A 1 76  ? 6.904   -14.770 4.238   1.00 34.33  ? 76   VAL A N   1 
ATOM   506 C CA  . VAL A 1 76  ? 5.512   -14.664 4.657   1.00 32.86  ? 76   VAL A CA  1 
ATOM   507 C C   . VAL A 1 76  ? 4.555   -14.962 3.512   1.00 29.78  ? 76   VAL A C   1 
ATOM   508 O O   . VAL A 1 76  ? 4.741   -14.461 2.388   1.00 28.20  ? 76   VAL A O   1 
ATOM   509 C CB  . VAL A 1 76  ? 5.213   -13.252 5.143   1.00 30.03  ? 76   VAL A CB  1 
ATOM   510 C CG1 . VAL A 1 76  ? 3.776   -13.164 5.717   1.00 32.48  ? 76   VAL A CG1 1 
ATOM   511 C CG2 . VAL A 1 76  ? 6.226   -12.874 6.199   1.00 40.56  ? 76   VAL A CG2 1 
ATOM   512 N N   . THR A 1 77  ? 3.575   -15.820 3.787   1.00 30.76  ? 77   THR A N   1 
ATOM   513 C CA  . THR A 1 77  ? 2.571   -16.143 2.771   1.00 26.78  ? 77   THR A CA  1 
ATOM   514 C C   . THR A 1 77  ? 1.318   -15.399 3.190   1.00 24.29  ? 77   THR A C   1 
ATOM   515 O O   . THR A 1 77  ? 0.874   -15.483 4.335   1.00 27.36  ? 77   THR A O   1 
ATOM   516 C CB  . THR A 1 77  ? 2.211   -17.670 2.673   1.00 33.12  ? 77   THR A CB  1 
ATOM   517 O OG1 . THR A 1 77  ? 3.293   -18.401 2.073   1.00 33.35  ? 77   THR A OG1 1 
ATOM   518 C CG2 . THR A 1 77  ? 1.001   -17.856 1.759   1.00 33.00  ? 77   THR A CG2 1 
ATOM   519 N N   . VAL A 1 78  ? 0.764   -14.682 2.233   1.00 17.66  ? 78   VAL A N   1 
ATOM   520 C CA  . VAL A 1 78  ? -0.432  -13.907 2.465   1.00 17.91  ? 78   VAL A CA  1 
ATOM   521 C C   . VAL A 1 78  ? -1.559  -14.387 1.537   1.00 15.58  ? 78   VAL A C   1 
ATOM   522 O O   . VAL A 1 78  ? -1.336  -14.591 0.332   1.00 18.06  ? 78   VAL A O   1 
ATOM   523 C CB  . VAL A 1 78  ? -0.154  -12.354 2.143   1.00 17.43  ? 78   VAL A CB  1 
ATOM   524 C CG1 . VAL A 1 78  ? -1.466  -11.554 2.123   1.00 19.45  ? 78   VAL A CG1 1 
ATOM   525 C CG2 . VAL A 1 78  ? 0.801   -11.740 3.166   1.00 24.06  ? 78   VAL A CG2 1 
ATOM   526 N N   . THR A 1 79  ? -2.767  -14.543 2.082   1.00 16.74  ? 79   THR A N   1 
ATOM   527 C CA  . THR A 1 79  ? -3.939  -14.876 1.252   1.00 13.73  ? 79   THR A CA  1 
ATOM   528 C C   . THR A 1 79  ? -4.935  -13.726 1.503   1.00 15.06  ? 79   THR A C   1 
ATOM   529 O O   . THR A 1 79  ? -4.721  -12.900 2.384   1.00 16.16  ? 79   THR A O   1 
ATOM   530 C CB  . THR A 1 79  ? -4.645  -16.150 1.704   1.00 18.84  ? 79   THR A CB  1 
ATOM   531 O OG1 . THR A 1 79  ? -5.222  -15.936 3.005   1.00 19.43  ? 79   THR A OG1 1 
ATOM   532 C CG2 . THR A 1 79  ? -3.661  -17.330 1.750   1.00 19.39  ? 79   THR A CG2 1 
ATOM   533 N N   . PRO A 1 80  ? -6.038  -13.690 0.756   1.00 13.52  ? 80   PRO A N   1 
ATOM   534 C CA  . PRO A 1 80  ? -7.051  -12.632 0.927   1.00 15.72  ? 80   PRO A CA  1 
ATOM   535 C C   . PRO A 1 80  ? -7.667  -12.575 2.299   1.00 16.11  ? 80   PRO A C   1 
ATOM   536 O O   . PRO A 1 80  ? -8.095  -11.476 2.709   1.00 18.08  ? 80   PRO A O   1 
ATOM   537 C CB  . PRO A 1 80  ? -8.082  -12.905 -0.171  1.00 17.08  ? 80   PRO A CB  1 
ATOM   538 C CG  . PRO A 1 80  ? -7.255  -13.538 -1.237  1.00 16.24  ? 80   PRO A CG  1 
ATOM   539 C CD  . PRO A 1 80  ? -6.279  -14.425 -0.500  1.00 15.23  ? 80   PRO A CD  1 
ATOM   540 N N   . LYS A 1 81  ? -7.644  -13.672 3.032   1.00 16.05  ? 81   LYS A N   1 
ATOM   541 C CA  . LYS A 1 81  ? -8.265  -13.581 4.369   1.00 20.61  ? 81   LYS A CA  1 
ATOM   542 C C   . LYS A 1 81  ? -7.368  -12.918 5.425   1.00 22.23  ? 81   LYS A C   1 
ATOM   543 O O   . LYS A 1 81  ? -7.861  -12.549 6.491   1.00 22.42  ? 81   LYS A O   1 
ATOM   544 C CB  . LYS A 1 81  ? -8.684  -14.977 4.829   1.00 22.16  ? 81   LYS A CB  1 
ATOM   545 C CG  . LYS A 1 81  ? -7.535  -15.864 5.203   1.00 26.01  ? 81   LYS A CG  1 
ATOM   546 C CD  . LYS A 1 81  ? -8.031  -17.149 5.879   1.00 32.32  ? 81   LYS A CD  1 
ATOM   547 C CE  . LYS A 1 81  ? -9.244  -16.883 6.716   1.00 38.34  ? 81   LYS A CE  1 
ATOM   548 N NZ  . LYS A 1 81  ? -9.484  -17.981 7.676   1.00 48.27  ? 81   LYS A NZ  1 
ATOM   549 N N   . ASP A 1 82  ? -6.062  -12.809 5.168   1.00 17.17  ? 82   ASP A N   1 
ATOM   550 C CA  . ASP A 1 82  ? -5.128  -12.227 6.089   1.00 16.29  ? 82   ASP A CA  1 
ATOM   551 C C   . ASP A 1 82  ? -5.192  -10.729 6.141   1.00 18.06  ? 82   ASP A C   1 
ATOM   552 O O   . ASP A 1 82  ? -5.235  -10.071 5.106   1.00 21.94  ? 82   ASP A O   1 
ATOM   553 C CB  . ASP A 1 82  ? -3.729  -12.619 5.698   1.00 18.41  ? 82   ASP A CB  1 
ATOM   554 C CG  . ASP A 1 82  ? -3.512  -14.120 5.777   1.00 25.14  ? 82   ASP A CG  1 
ATOM   555 O OD1 . ASP A 1 82  ? -2.758  -14.654 4.945   1.00 22.00  ? 82   ASP A OD1 1 
ATOM   556 O OD2 . ASP A 1 82  ? -4.096  -14.757 6.689   1.00 25.32  ? 82   ASP A OD2 1 
ATOM   557 N N   . THR A 1 83  ? -5.303  -10.191 7.334   1.00 17.07  ? 83   THR A N   1 
ATOM   558 C CA  . THR A 1 83  ? -5.216  -8.741  7.434   1.00 16.78  ? 83   THR A CA  1 
ATOM   559 C C   . THR A 1 83  ? -3.737  -8.448  7.404   1.00 14.78  ? 83   THR A C   1 
ATOM   560 O O   . THR A 1 83  ? -2.906  -9.099  8.074   1.00 15.45  ? 83   THR A O   1 
ATOM   561 C CB  . THR A 1 83  ? -5.761  -8.211  8.747   1.00 18.77  ? 83   THR A CB  1 
ATOM   562 O OG1 . THR A 1 83  ? -7.127  -8.594  8.858   1.00 24.42  ? 83   THR A OG1 1 
ATOM   563 C CG2 . THR A 1 83  ? -5.568  -6.674  8.808   1.00 19.04  ? 83   THR A CG2 1 
ATOM   564 N N   . VAL A 1 84  ? -3.373  -7.464  6.595   1.00 12.59  ? 84   VAL A N   1 
ATOM   565 C CA  . VAL A 1 84  ? -1.961  -7.051  6.501   1.00 13.38  ? 84   VAL A CA  1 
ATOM   566 C C   . VAL A 1 84  ? -1.789  -5.567  6.657   1.00 12.08  ? 84   VAL A C   1 
ATOM   567 O O   . VAL A 1 84  ? -2.756  -4.755  6.434   1.00 12.83  ? 84   VAL A O   1 
ATOM   568 C CB  . VAL A 1 84  ? -1.277  -7.415  5.115   1.00 15.16  ? 84   VAL A CB  1 
ATOM   569 C CG1 . VAL A 1 84  ? -1.209  -8.941  4.960   1.00 18.17  ? 84   VAL A CG1 1 
ATOM   570 C CG2 . VAL A 1 84  ? -2.017  -6.761  3.962   1.00 15.68  ? 84   VAL A CG2 1 
ATOM   571 N N   . GLU A 1 85  ? -0.627  -5.191  7.142   1.00 11.86  ? 85   GLU A N   1 
ATOM   572 C CA  . GLU A 1 85  ? -0.305  -3.804  7.231   1.00 12.81  ? 85   GLU A CA  1 
ATOM   573 C C   . GLU A 1 85  ? 0.773   -3.519  6.137   1.00 12.26  ? 85   GLU A C   1 
ATOM   574 O O   . GLU A 1 85  ? 1.798   -4.234  6.060   1.00 14.28  ? 85   GLU A O   1 
ATOM   575 C CB  A GLU A 1 85  ? 0.219   -3.269  8.571   0.80 13.17  ? 85   GLU A CB  1 
ATOM   576 C CB  B GLU A 1 85  ? 0.288   -3.711  8.666   0.20 16.13  ? 85   GLU A CB  1 
ATOM   577 C CG  A GLU A 1 85  ? 0.588   -1.769  8.623   0.80 14.98  ? 85   GLU A CG  1 
ATOM   578 C CG  B GLU A 1 85  ? -0.373  -4.322  10.013  0.20 22.13  ? 85   GLU A CG  1 
ATOM   579 C CD  A GLU A 1 85  ? 1.111   -1.356  9.988   0.80 28.18  ? 85   GLU A CD  1 
ATOM   580 C CD  B GLU A 1 85  ? 0.650   -4.141  11.138  0.20 25.29  ? 85   GLU A CD  1 
ATOM   581 O OE1 A GLU A 1 85  ? 0.254   -1.108  10.863  0.80 27.35  ? 85   GLU A OE1 1 
ATOM   582 O OE1 B GLU A 1 85  ? 1.748   -4.696  10.981  0.20 25.98  ? 85   GLU A OE1 1 
ATOM   583 O OE2 A GLU A 1 85  ? 2.356   -1.317  10.155  0.80 31.52  ? 85   GLU A OE2 1 
ATOM   584 O OE2 B GLU A 1 85  ? 0.400   -3.441  12.133  0.20 28.58  ? 85   GLU A OE2 1 
ATOM   585 N N   . ILE A 1 86  ? 0.589   -2.502  5.316   1.00 11.91  ? 86   ILE A N   1 
ATOM   586 C CA  . ILE A 1 86  ? 1.577   -2.117  4.322   1.00 11.04  ? 86   ILE A CA  1 
ATOM   587 C C   . ILE A 1 86  ? 2.036   -0.708  4.577   1.00 13.18  ? 86   ILE A C   1 
ATOM   588 O O   . ILE A 1 86  ? 1.270   0.124   5.084   1.00 12.85  ? 86   ILE A O   1 
ATOM   589 C CB  . ILE A 1 86  ? 1.078   -2.231  2.866   1.00 11.69  ? 86   ILE A CB  1 
ATOM   590 C CG1 . ILE A 1 86  ? -0.202  -1.383  2.623   1.00 15.82  ? 86   ILE A CG1 1 
ATOM   591 C CG2 . ILE A 1 86  ? 0.832   -3.743  2.534   1.00 17.08  ? 86   ILE A CG2 1 
ATOM   592 C CD1 . ILE A 1 86  ? -0.726  -1.420  1.189   1.00 18.97  ? 86   ILE A CD1 1 
ATOM   593 N N   . GLN A 1 87  ? 3.302   -0.441  4.307   1.00 11.84  ? 87   GLN A N   1 
ATOM   594 C CA  . GLN A 1 87  ? 3.888   0.880   4.425   1.00 13.00  ? 87   GLN A CA  1 
ATOM   595 C C   . GLN A 1 87  ? 4.608   1.158   3.121   1.00 13.61  ? 87   GLN A C   1 
ATOM   596 O O   . GLN A 1 87  ? 5.288   0.261   2.583   1.00 13.35  ? 87   GLN A O   1 
ATOM   597 C CB  . GLN A 1 87  ? 4.870   0.987   5.604   1.00 15.52  ? 87   GLN A CB  1 
ATOM   598 C CG  . GLN A 1 87  ? 4.206   0.680   6.943   1.00 19.40  ? 87   GLN A CG  1 
ATOM   599 C CD  . GLN A 1 87  ? 5.112   0.923   8.155   1.00 28.41  ? 87   GLN A CD  1 
ATOM   600 O OE1 . GLN A 1 87  ? 4.834   0.421   9.254   1.00 36.93  ? 87   GLN A OE1 1 
ATOM   601 N NE2 . GLN A 1 87  ? 6.161   1.685   7.972   1.00 34.39  ? 87   GLN A NE2 1 
ATOM   602 N N   . GLY A 1 88  ? 4.492   2.370   2.616   1.00 11.52  ? 88   GLY A N   1 
ATOM   603 C CA  . GLY A 1 88  ? 5.164   2.739   1.376   1.00 11.24  ? 88   GLY A CA  1 
ATOM   604 C C   . GLY A 1 88  ? 4.750   4.116   0.959   1.00 13.54  ? 88   GLY A C   1 
ATOM   605 O O   . GLY A 1 88  ? 4.173   4.859   1.764   1.00 14.78  ? 88   GLY A O   1 
ATOM   606 N N   . GLU A 1 89  ? 5.024   4.441   -0.282  1.00 15.36  ? 89   GLU A N   1 
ATOM   607 C CA  . GLU A 1 89  ? 4.716   5.790   -0.801  1.00 13.21  ? 89   GLU A CA  1 
ATOM   608 C C   . GLU A 1 89  ? 3.599   5.831   -1.767  1.00 14.64  ? 89   GLU A C   1 
ATOM   609 O O   . GLU A 1 89  ? 3.474   4.961   -2.626  1.00 16.13  ? 89   GLU A O   1 
ATOM   610 C CB  . GLU A 1 89  ? 5.909   6.375   -1.553  1.00 18.08  ? 89   GLU A CB  1 
ATOM   611 C CG  . GLU A 1 89  ? 7.192   6.435   -0.749  1.00 19.87  ? 89   GLU A CG  1 
ATOM   612 C CD  . GLU A 1 89  ? 8.022   5.204   -0.837  1.00 23.27  ? 89   GLU A CD  1 
ATOM   613 O OE1 . GLU A 1 89  ? 7.665   4.273   -1.589  1.00 23.42  ? 89   GLU A OE1 1 
ATOM   614 O OE2 . GLU A 1 89  ? 9.051   5.183   -0.142  1.00 26.95  ? 89   GLU A OE2 1 
ATOM   615 N N   . VAL A 1 90  ? 2.770   6.863   -1.623  1.00 14.32  ? 90   VAL A N   1 
ATOM   616 C CA  . VAL A 1 90  ? 1.705   7.096   -2.605  1.00 15.46  ? 90   VAL A CA  1 
ATOM   617 C C   . VAL A 1 90  ? 2.453   7.529   -3.886  1.00 17.24  ? 90   VAL A C   1 
ATOM   618 O O   . VAL A 1 90  ? 3.312   8.408   -3.837  1.00 20.07  ? 90   VAL A O   1 
ATOM   619 C CB  . VAL A 1 90  ? 0.751   8.260   -2.123  1.00 15.95  ? 90   VAL A CB  1 
ATOM   620 C CG1 . VAL A 1 90  ? -0.175  8.724   -3.313  1.00 19.05  ? 90   VAL A CG1 1 
ATOM   621 C CG2 . VAL A 1 90  ? -0.143  7.749   -1.035  1.00 17.33  ? 90   VAL A CG2 1 
ATOM   622 N N   . ASP A 1 91  ? 2.191   6.858   -5.008  1.00 15.86  ? 91   ASP A N   1 
ATOM   623 C CA  . ASP A 1 91  ? 2.807   7.157   -6.320  1.00 18.26  ? 91   ASP A CA  1 
ATOM   624 C C   . ASP A 1 91  ? 1.622   7.575   -7.166  1.00 17.28  ? 91   ASP A C   1 
ATOM   625 O O   . ASP A 1 91  ? 0.830   6.743   -7.611  1.00 18.42  ? 91   ASP A O   1 
ATOM   626 C CB  . ASP A 1 91  ? 3.389   5.859   -6.915  1.00 19.39  ? 91   ASP A CB  1 
ATOM   627 C CG  . ASP A 1 91  ? 4.376   6.103   -8.018  1.00 35.34  ? 91   ASP A CG  1 
ATOM   628 O OD1 . ASP A 1 91  ? 4.589   7.276   -8.365  1.00 39.07  ? 91   ASP A OD1 1 
ATOM   629 O OD2 . ASP A 1 91  ? 4.952   5.109   -8.525  1.00 43.62  ? 91   ASP A OD2 1 
ATOM   630 N N   . LYS A 1 92  ? 1.536   8.867   -7.442  1.00 19.05  ? 92   LYS A N   1 
ATOM   631 C CA  . LYS A 1 92  ? 0.390   9.392   -8.161  1.00 19.53  ? 92   LYS A CA  1 
ATOM   632 C C   . LYS A 1 92  ? 0.857   10.102  -9.364  1.00 22.12  ? 92   LYS A C   1 
ATOM   633 O O   . LYS A 1 92  ? 1.723   10.960  -9.295  1.00 26.15  ? 92   LYS A O   1 
ATOM   634 C CB  . LYS A 1 92  ? -0.361  10.378  -7.273  1.00 23.34  ? 92   LYS A CB  1 
ATOM   635 C CG  . LYS A 1 92  ? -1.703  10.850  -7.828  1.00 30.42  ? 92   LYS A CG  1 
ATOM   636 C CD  . LYS A 1 92  ? -2.217  12.049  -7.038  1.00 35.81  ? 92   LYS A CD  1 
ATOM   637 C CE  . LYS A 1 92  ? -3.353  11.680  -6.109  1.00 37.55  ? 92   LYS A CE  1 
ATOM   638 N NZ  . LYS A 1 92  ? -3.823  12.897  -5.309  1.00 33.97  ? 92   LYS A NZ  1 
ATOM   639 N N   . ASP A 1 93  ? 0.250   9.721   -10.483 1.00 24.63  ? 93   ASP A N   1 
ATOM   640 C CA  . ASP A 1 93  ? 0.538   10.313  -11.795 1.00 27.02  ? 93   ASP A CA  1 
ATOM   641 C C   . ASP A 1 93  ? -0.761  10.799  -12.389 1.00 26.09  ? 93   ASP A C   1 
ATOM   642 O O   . ASP A 1 93  ? -1.784  10.614  -11.829 1.00 24.73  ? 93   ASP A O   1 
ATOM   643 C CB  . ASP A 1 93  ? 1.149   9.255   -12.699 1.00 33.86  ? 93   ASP A CB  1 
ATOM   644 C CG  . ASP A 1 93  ? 2.609   9.057   -12.426 1.00 41.37  ? 93   ASP A CG  1 
ATOM   645 O OD1 . ASP A 1 93  ? 3.020   9.240   -11.256 1.00 53.09  ? 93   ASP A OD1 1 
ATOM   646 O OD2 . ASP A 1 93  ? 3.348   8.713   -13.369 1.00 50.12  ? 93   ASP A OD2 1 
ATOM   647 N N   . TRP A 1 94  ? -0.704  11.365  -13.599 1.00 27.97  ? 94   TRP A N   1 
ATOM   648 C CA  . TRP A 1 94  ? -1.924  11.849  -14.233 1.00 30.50  ? 94   TRP A CA  1 
ATOM   649 C C   . TRP A 1 94  ? -2.967  10.763  -14.446 1.00 23.87  ? 94   TRP A C   1 
ATOM   650 O O   . TRP A 1 94  ? -4.166  11.020  -14.370 1.00 27.74  ? 94   TRP A O   1 
ATOM   651 C CB  . TRP A 1 94  ? -1.592  12.503  -15.587 1.00 29.10  ? 94   TRP A CB  1 
ATOM   652 C CG  . TRP A 1 94  ? -1.095  11.543  -16.622 1.00 26.79  ? 94   TRP A CG  1 
ATOM   653 C CD1 . TRP A 1 94  ? 0.152   11.025  -16.749 1.00 24.18  ? 94   TRP A CD1 1 
ATOM   654 C CD2 . TRP A 1 94  ? -1.888  10.903  -17.619 1.00 20.31  ? 94   TRP A CD2 1 
ATOM   655 N NE1 . TRP A 1 94  ? 0.191   10.088  -17.757 1.00 29.59  ? 94   TRP A NE1 1 
ATOM   656 C CE2 . TRP A 1 94  ? -1.059  9.993   -18.301 1.00 20.61  ? 94   TRP A CE2 1 
ATOM   657 C CE3 . TRP A 1 94  ? -3.222  11.005  -17.980 1.00 24.09  ? 94   TRP A CE3 1 
ATOM   658 C CZ2 . TRP A 1 94  ? -1.540  9.188   -19.330 1.00 25.20  ? 94   TRP A CZ2 1 
ATOM   659 C CZ3 . TRP A 1 94  ? -3.697  10.218  -19.002 1.00 21.47  ? 94   TRP A CZ3 1 
ATOM   660 C CH2 . TRP A 1 94  ? -2.873  9.325   -19.654 1.00 21.75  ? 94   TRP A CH2 1 
ATOM   661 N N   . ASN A 1 95  ? -2.520  9.518   -14.601 1.00 20.40  ? 95   ASN A N   1 
ATOM   662 C CA  . ASN A 1 95  ? -3.439  8.470   -14.875 1.00 19.53  ? 95   ASN A CA  1 
ATOM   663 C C   . ASN A 1 95  ? -3.538  7.396   -13.829 1.00 20.94  ? 95   ASN A C   1 
ATOM   664 O O   . ASN A 1 95  ? -4.225  6.421   -14.053 1.00 21.29  ? 95   ASN A O   1 
ATOM   665 C CB  . ASN A 1 95  ? -3.068  7.757   -16.181 1.00 17.37  ? 95   ASN A CB  1 
ATOM   666 C CG  . ASN A 1 95  ? -1.673  7.178   -16.166 1.00 23.55  ? 95   ASN A CG  1 
ATOM   667 O OD1 . ASN A 1 95  ? -0.882  7.418   -15.244 1.00 26.07  ? 95   ASN A OD1 1 
ATOM   668 N ND2 . ASN A 1 95  ? -1.349  6.426   -17.202 1.00 19.76  ? 95   ASN A ND2 1 
ATOM   669 N N   . SER A 1 96  ? -2.890  7.577   -12.703 1.00 17.52  ? 96   SER A N   1 
ATOM   670 C CA  . SER A 1 96  ? -2.995  6.440   -11.792 1.00 23.30  ? 96   SER A CA  1 
ATOM   671 C C   . SER A 1 96  ? -2.563  6.806   -10.388 1.00 21.18  ? 96   SER A C   1 
ATOM   672 O O   . SER A 1 96  ? -1.880  7.799   -10.167 1.00 22.31  ? 96   SER A O   1 
ATOM   673 C CB  . SER A 1 96  ? -2.073  5.292   -12.280 1.00 26.86  ? 96   SER A CB  1 
ATOM   674 O OG  . SER A 1 96  ? -0.693  5.645   -12.181 1.00 28.90  ? 96   SER A OG  1 
ATOM   675 N N   . VAL A 1 97  ? -2.995  5.990   -9.420  1.00 20.13  ? 97   VAL A N   1 
ATOM   676 C CA  . VAL A 1 97  ? -2.480  6.187   -8.071  1.00 19.79  ? 97   VAL A CA  1 
ATOM   677 C C   . VAL A 1 97  ? -2.195  4.760   -7.627  1.00 17.36  ? 97   VAL A C   1 
ATOM   678 O O   . VAL A 1 97  ? -2.906  3.776   -8.017  1.00 23.12  ? 97   VAL A O   1 
ATOM   679 C CB  . VAL A 1 97  ? -3.459  6.934   -7.139  1.00 23.28  ? 97   VAL A CB  1 
ATOM   680 C CG1 . VAL A 1 97  ? -4.734  6.131   -6.912  1.00 23.37  ? 97   VAL A CG1 1 
ATOM   681 C CG2 . VAL A 1 97  ? -2.769  7.206   -5.788  1.00 23.37  ? 97   VAL A CG2 1 
ATOM   682 N N   . GLU A 1 98  ? -1.080  4.560   -6.940  1.00 16.95  ? 98   GLU A N   1 
ATOM   683 C CA  . GLU A 1 98  ? -0.756  3.215   -6.477  1.00 16.13  ? 98   GLU A CA  1 
ATOM   684 C C   . GLU A 1 98  ? 0.103   3.466   -5.223  1.00 18.18  ? 98   GLU A C   1 
ATOM   685 O O   . GLU A 1 98  ? 0.536   4.575   -4.914  1.00 18.86  ? 98   GLU A O   1 
ATOM   686 C CB  A GLU A 1 98  ? -0.192  2.340   -7.642  0.30 20.83  ? 98   GLU A CB  1 
ATOM   687 C CB  B GLU A 1 98  ? 0.290   2.483   -7.370  0.70 19.33  ? 98   GLU A CB  1 
ATOM   688 C CG  A GLU A 1 98  ? -1.034  2.335   -9.013  0.30 24.84  ? 98   GLU A CG  1 
ATOM   689 C CG  B GLU A 1 98  ? 1.825   2.989   -7.347  0.70 33.22  ? 98   GLU A CG  1 
ATOM   690 C CD  A GLU A 1 98  ? -0.598  1.272   -10.026 0.30 29.37  ? 98   GLU A CD  1 
ATOM   691 C CD  B GLU A 1 98  ? 2.681   2.303   -8.425  0.70 38.29  ? 98   GLU A CD  1 
ATOM   692 O OE1 A GLU A 1 98  ? -1.219  1.186   -11.102 0.30 30.85  ? 98   GLU A OE1 1 
ATOM   693 O OE1 B GLU A 1 98  ? 3.907   2.540   -8.462  0.70 40.24  ? 98   GLU A OE1 1 
ATOM   694 O OE2 A GLU A 1 98  ? 0.353   0.522   -9.753  0.30 34.12  ? 98   GLU A OE2 1 
ATOM   695 O OE2 B GLU A 1 98  ? 2.114   1.527   -9.234  0.70 31.75  ? 98   GLU A OE2 1 
ATOM   696 N N   . ILE A 1 99  ? 0.287   2.433   -4.456  1.00 13.24  ? 99   ILE A N   1 
ATOM   697 C CA  . ILE A 1 99  ? 1.212   2.503   -3.328  1.00 13.34  ? 99   ILE A CA  1 
ATOM   698 C C   . ILE A 1 99  ? 2.462   1.684   -3.679  1.00 13.31  ? 99   ILE A C   1 
ATOM   699 O O   . ILE A 1 99  ? 2.324   0.511   -4.085  1.00 16.14  ? 99   ILE A O   1 
ATOM   700 C CB  . ILE A 1 99  ? 0.629   1.866   -2.038  1.00 15.06  ? 99   ILE A CB  1 
ATOM   701 C CG1 . ILE A 1 99  ? -0.726  2.485   -1.683  1.00 18.49  ? 99   ILE A CG1 1 
ATOM   702 C CG2 . ILE A 1 99  ? 1.654   2.059   -0.860  1.00 15.35  ? 99   ILE A CG2 1 
ATOM   703 C CD1 . ILE A 1 99  ? -0.603  4.001   -1.514  1.00 16.14  ? 99   ILE A CD1 1 
ATOM   704 N N   . ASP A 1 100 ? 3.651   2.269   -3.544  1.00 14.43  ? 100  ASP A N   1 
ATOM   705 C CA  . ASP A 1 100 ? 4.908   1.478   -3.798  1.00 15.23  ? 100  ASP A CA  1 
ATOM   706 C C   . ASP A 1 100 ? 5.239   0.944   -2.432  1.00 14.30  ? 100  ASP A C   1 
ATOM   707 O O   . ASP A 1 100 ? 5.659   1.707   -1.569  1.00 15.54  ? 100  ASP A O   1 
ATOM   708 C CB  A ASP A 1 100 ? 5.869   2.554   -4.337  0.60 18.13  ? 100  ASP A CB  1 
ATOM   709 C CB  B ASP A 1 100 ? 6.229   2.190   -4.146  0.40 21.94  ? 100  ASP A CB  1 
ATOM   710 C CG  A ASP A 1 100 ? 5.449   3.096   -5.739  0.60 26.62  ? 100  ASP A CG  1 
ATOM   711 C CG  B ASP A 1 100 ? 7.376   1.162   -4.541  0.40 19.13  ? 100  ASP A CG  1 
ATOM   712 O OD1 A ASP A 1 100 ? 4.782   2.369   -6.507  0.60 29.69  ? 100  ASP A OD1 1 
ATOM   713 O OD1 B ASP A 1 100 ? 7.927   0.476   -3.653  0.40 30.34  ? 100  ASP A OD1 1 
ATOM   714 O OD2 A ASP A 1 100 ? 5.836   4.239   -6.032  0.60 36.22  ? 100  ASP A OD2 1 
ATOM   715 O OD2 B ASP A 1 100 ? 7.683   1.059   -5.740  0.40 32.47  ? 100  ASP A OD2 1 
ATOM   716 N N   . VAL A 1 101 ? 5.071   -0.357  -2.244  1.00 13.01  ? 101  VAL A N   1 
ATOM   717 C CA  . VAL A 1 101 ? 5.216   -0.933  -0.917  1.00 13.24  ? 101  VAL A CA  1 
ATOM   718 C C   . VAL A 1 101 ? 6.636   -1.219  -0.468  1.00 14.25  ? 101  VAL A C   1 
ATOM   719 O O   . VAL A 1 101 ? 7.389   -1.953  -1.168  1.00 16.86  ? 101  VAL A O   1 
ATOM   720 C CB  . VAL A 1 101 ? 4.337   -2.212  -0.829  1.00 14.24  ? 101  VAL A CB  1 
ATOM   721 C CG1 . VAL A 1 101 ? 4.515   -2.859  0.533   1.00 15.55  ? 101  VAL A CG1 1 
ATOM   722 C CG2 . VAL A 1 101 ? 2.834   -1.858  -1.141  1.00 14.32  ? 101  VAL A CG2 1 
ATOM   723 N N   . LYS A 1 102 ? 7.009   -0.685  0.694   1.00 12.06  ? 102  LYS A N   1 
ATOM   724 C CA  . LYS A 1 102 ? 8.357   -0.991  1.248   1.00 14.20  ? 102  LYS A CA  1 
ATOM   725 C C   . LYS A 1 102 ? 8.317   -2.141  2.230   1.00 16.13  ? 102  LYS A C   1 
ATOM   726 O O   . LYS A 1 102 ? 9.317   -2.820  2.444   1.00 14.66  ? 102  LYS A O   1 
ATOM   727 C CB  . LYS A 1 102 ? 8.920   0.219   2.002   1.00 15.31  ? 102  LYS A CB  1 
ATOM   728 C CG  . LYS A 1 102 ? 9.402   1.325   1.128   1.00 18.29  ? 102  LYS A CG  1 
ATOM   729 C CD  . LYS A 1 102 ? 10.720  0.871   0.381   1.00 23.03  ? 102  LYS A CD  1 
ATOM   730 C CE  . LYS A 1 102 ? 11.422  2.028   -0.301  1.00 29.61  ? 102  LYS A CE  1 
ATOM   731 N NZ  . LYS A 1 102 ? 12.612  1.520   -1.129  1.00 31.34  ? 102  LYS A NZ  1 
ATOM   732 N N   . GLN A 1 103 ? 7.168   -2.383  2.851   1.00 12.84  ? 103  GLN A N   1 
ATOM   733 C CA  . GLN A 1 103 ? 7.038   -3.387  3.869   1.00 14.33  ? 103  GLN A CA  1 
ATOM   734 C C   . GLN A 1 103 ? 5.621   -3.901  3.966   1.00 14.76  ? 103  GLN A C   1 
ATOM   735 O O   . GLN A 1 103 ? 4.655   -3.132  3.909   1.00 13.41  ? 103  GLN A O   1 
ATOM   736 C CB  A GLN A 1 103 ? 7.434   -2.587  5.128   0.30 18.14  ? 103  GLN A CB  1 
ATOM   737 C CB  B GLN A 1 103 ? 7.601   -3.054  5.257   0.70 18.59  ? 103  GLN A CB  1 
ATOM   738 C CG  A GLN A 1 103 ? 6.534   -1.368  5.616   0.30 25.59  ? 103  GLN A CG  1 
ATOM   739 C CG  B GLN A 1 103 ? 7.335   -4.123  6.388   0.70 20.72  ? 103  GLN A CG  1 
ATOM   740 C CD  A GLN A 1 103 ? 6.906   -0.985  7.053   0.30 29.79  ? 103  GLN A CD  1 
ATOM   741 C CD  B GLN A 1 103 ? 8.233   -4.029  7.579   0.70 34.20  ? 103  GLN A CD  1 
ATOM   742 O OE1 A GLN A 1 103 ? 7.892   -0.275  7.290   0.30 32.30  ? 103  GLN A OE1 1 
ATOM   743 O OE1 B GLN A 1 103 ? 9.002   -3.104  7.731   0.70 31.05  ? 103  GLN A OE1 1 
ATOM   744 N NE2 A GLN A 1 103 ? 6.139   -1.490  8.015   0.30 31.05  ? 103  GLN A NE2 1 
ATOM   745 N NE2 B GLN A 1 103 ? 8.141   -5.031  8.442   0.70 32.94  ? 103  GLN A NE2 1 
ATOM   746 N N   . ILE A 1 104 ? 5.475   -5.203  4.105   1.00 14.13  ? 104  ILE A N   1 
ATOM   747 C CA  . ILE A 1 104 ? 4.191   -5.812  4.297   1.00 15.58  ? 104  ILE A CA  1 
ATOM   748 C C   . ILE A 1 104 ? 4.335   -6.782  5.455   1.00 16.39  ? 104  ILE A C   1 
ATOM   749 O O   . ILE A 1 104 ? 5.307   -7.601  5.503   1.00 21.29  ? 104  ILE A O   1 
ATOM   750 C CB  . ILE A 1 104 ? 3.676   -6.506  2.994   1.00 14.78  ? 104  ILE A CB  1 
ATOM   751 C CG1 . ILE A 1 104 ? 2.300   -7.099  3.285   1.00 16.36  ? 104  ILE A CG1 1 
ATOM   752 C CG2 . ILE A 1 104 ? 4.719   -7.587  2.475   1.00 17.86  ? 104  ILE A CG2 1 
ATOM   753 C CD1 . ILE A 1 104 ? 1.549   -7.481  2.035   1.00 20.14  ? 104  ILE A CD1 1 
ATOM   754 N N   . ARG A 1 105 ? 3.427   -6.696  6.407   1.00 15.76  ? 105  ARG A N   1 
ATOM   755 C CA  . ARG A 1 105 ? 3.401   -7.646  7.523   1.00 17.96  ? 105  ARG A CA  1 
ATOM   756 C C   . ARG A 1 105 ? 1.976   -8.088  7.866   1.00 17.76  ? 105  ARG A C   1 
ATOM   757 O O   . ARG A 1 105 ? 1.007   -7.364  7.677   1.00 17.22  ? 105  ARG A O   1 
ATOM   758 C CB  . ARG A 1 105 ? 4.080   -7.077  8.770   1.00 23.80  ? 105  ARG A CB  1 
ATOM   759 C CG  . ARG A 1 105 ? 3.576   -5.780  9.287   1.00 33.16  ? 105  ARG A CG  1 
ATOM   760 C CD  . ARG A 1 105 ? 4.465   -5.347  10.492  1.00 38.76  ? 105  ARG A CD  1 
ATOM   761 N NE  . ARG A 1 105 ? 4.323   -6.340  11.559  1.00 44.93  ? 105  ARG A NE  1 
ATOM   762 C CZ  . ARG A 1 105 ? 3.523   -6.201  12.610  1.00 49.02  ? 105  ARG A CZ  1 
ATOM   763 N NH1 . ARG A 1 105 ? 2.809   -5.095  12.765  1.00 48.70  ? 105  ARG A NH1 1 
ATOM   764 N NH2 . ARG A 1 105 ? 3.376   -7.201  13.471  1.00 50.44  ? 105  ARG A NH2 1 
ATOM   765 N N   . LYS A 1 106 ? 1.810   -9.343  8.300   1.00 17.33  ? 106  LYS A N   1 
ATOM   766 C CA  . LYS A 1 106 ? 0.493   -9.800  8.674   1.00 19.69  ? 106  LYS A CA  1 
ATOM   767 C C   . LYS A 1 106 ? 0.114   -9.250  10.069  1.00 20.67  ? 106  LYS A C   1 
ATOM   768 O O   . LYS A 1 106 ? 0.965   -9.043  10.958  1.00 28.56  ? 106  LYS A O   1 
ATOM   769 C CB  . LYS A 1 106 ? 0.465   -11.347 8.688   1.00 27.16  ? 106  LYS A CB  1 
ATOM   770 C CG  . LYS A 1 106 ? 0.520   -11.937 7.289   1.00 31.22  ? 106  LYS A CG  1 
ATOM   771 C CD  . LYS A 1 106 ? -0.132  -13.330 7.136   1.00 37.84  ? 106  LYS A CD  1 
ATOM   772 C CE  . LYS A 1 106 ? 0.691   -14.430 7.751   1.00 39.53  ? 106  LYS A CE  1 
ATOM   773 N NZ  . LYS A 1 106 ? 0.417   -15.694 7.005   1.00 33.84  ? 106  LYS A NZ  1 
ATOM   774 N N   . VAL A 1 107 ? -1.152  -8.998  10.268  1.00 21.51  ? 107  VAL A N   1 
ATOM   775 C CA  . VAL A 1 107 ? -1.582  -8.545  11.585  1.00 21.73  ? 107  VAL A CA  1 
ATOM   776 C C   . VAL A 1 107 ? -2.975  -9.089  11.909  1.00 27.55  ? 107  VAL A C   1 
ATOM   777 O O   . VAL A 1 107 ? -3.390  -10.137 11.393  1.00 30.44  ? 107  VAL A O   1 
ATOM   778 C CB  . VAL A 1 107 ? -1.600  -7.066  11.703  1.00 29.42  ? 107  VAL A CB  1 
ATOM   779 C CG1 . VAL A 1 107 ? -0.182  -6.596  11.734  1.00 36.56  ? 107  VAL A CG1 1 
ATOM   780 C CG2 . VAL A 1 107 ? -2.405  -6.444  10.564  1.00 28.91  ? 107  VAL A CG2 1 
HETATM 781 S S   . SO4 B 2 .   ? -13.051 1.670   -5.174  1.00 27.42  ? 501  SO4 A S   1 
HETATM 782 O O1  . SO4 B 2 .   ? -13.136 0.216   -4.962  1.00 34.65  ? 501  SO4 A O1  1 
HETATM 783 O O2  . SO4 B 2 .   ? -14.407 2.223   -4.962  1.00 39.85  ? 501  SO4 A O2  1 
HETATM 784 O O3  . SO4 B 2 .   ? -12.109 2.345   -4.269  1.00 26.95  ? 501  SO4 A O3  1 
HETATM 785 O O4  . SO4 B 2 .   ? -12.584 1.872   -6.580  1.00 35.69  ? 501  SO4 A O4  1 
HETATM 786 O O   . HOH C 3 .   ? -6.087  1.403   5.645   1.00 15.68  ? 1001 HOH A O   1 
HETATM 787 O O   . HOH C 3 .   ? 3.431   -13.194 -4.786  1.00 22.30  ? 1002 HOH A O   1 
HETATM 788 O O   . HOH C 3 .   ? -4.400  -10.112 2.651   1.00 15.64  ? 1003 HOH A O   1 
HETATM 789 O O   . HOH C 3 .   ? -0.611  6.661   7.149   1.00 17.10  ? 1004 HOH A O   1 
HETATM 790 O O   . HOH C 3 .   ? -5.126  2.235   -7.851  1.00 20.12  ? 1005 HOH A O   1 
HETATM 791 O O   . HOH C 3 .   ? 8.009   -6.675  3.804   1.00 20.90  ? 1006 HOH A O   1 
HETATM 792 O O   . HOH C 3 .   ? 10.254  -5.096  3.550   1.00 20.55  ? 1007 HOH A O   1 
HETATM 793 O O   . HOH C 3 .   ? -11.785 7.624   4.111   1.00 25.11  ? 1008 HOH A O   1 
HETATM 794 O O   . HOH C 3 .   ? 7.772   -3.137  -3.555  1.00 23.63  ? 1009 HOH A O   1 
HETATM 795 O O   . HOH C 3 .   ? 3.971   -2.965  7.539   1.00 26.69  ? 1010 HOH A O   1 
HETATM 796 O O   . HOH C 3 .   ? 5.364   -9.783  -5.734  1.00 26.06  ? 1011 HOH A O   1 
HETATM 797 O O   . HOH C 3 .   ? -13.357 5.824   5.611   1.00 32.91  ? 1012 HOH A O   1 
HETATM 798 O O   . HOH C 3 .   ? -7.765  -0.010  7.689   1.00 25.19  ? 1013 HOH A O   1 
HETATM 799 O O   . HOH C 3 .   ? 0.883   5.420   -10.049 1.00 31.14  ? 1014 HOH A O   1 
HETATM 800 O O   . HOH C 3 .   ? 4.266   -10.841 8.953   1.00 25.59  ? 1015 HOH A O   1 
HETATM 801 O O   . HOH C 3 .   ? 2.711   5.944   8.496   1.00 29.48  ? 1016 HOH A O   1 
HETATM 802 O O   . HOH C 3 .   ? 9.382   11.022  9.829   1.00 33.39  ? 1017 HOH A O   1 
HETATM 803 O O   . HOH C 3 .   ? -14.061 -1.659  -0.034  1.00 33.05  ? 1018 HOH A O   1 
HETATM 804 O O   . HOH C 3 .   ? 10.865  -12.483 -0.323  1.00 34.27  ? 1019 HOH A O   1 
HETATM 805 O O   . HOH C 3 .   ? -11.011 -1.534  6.878   1.00 30.86  ? 1020 HOH A O   1 
HETATM 806 O O   . HOH C 3 .   ? -5.162  -12.009 9.649   1.00 38.69  ? 1021 HOH A O   1 
HETATM 807 O O   . HOH C 3 .   ? 0.538   14.933  -6.578  0.68 25.36  ? 1022 HOH A O   1 
HETATM 808 O O   . HOH C 3 .   ? -3.595  9.181   8.651   0.50 23.62  ? 1023 HOH A O   1 
HETATM 809 O O   . HOH C 3 .   ? 9.241   2.198   -2.223  1.00 31.56  ? 1024 HOH A O   1 
HETATM 810 O O   . HOH C 3 .   ? -10.370 -5.834  3.366   1.00 36.21  ? 1025 HOH A O   1 
HETATM 811 O O   . HOH C 3 .   ? 6.817   6.203   11.584  1.00 46.49  ? 1026 HOH A O   1 
HETATM 812 O O   . HOH C 3 .   ? -10.548 1.584   6.205   1.00 38.18  ? 1027 HOH A O   1 
HETATM 813 O O   . HOH C 3 .   ? 12.940  -6.082  2.211   1.00 37.12  ? 1028 HOH A O   1 
HETATM 814 O O   . HOH C 3 .   ? 3.908   -13.689 9.265   1.00 36.15  ? 1029 HOH A O   1 
HETATM 815 O O   . HOH C 3 .   ? 5.616   4.798   9.482   1.00 38.12  ? 1030 HOH A O   1 
HETATM 816 O O   . HOH C 3 .   ? 4.702   9.383   -9.472  1.00 52.58  ? 1031 HOH A O   1 
HETATM 817 O O   . HOH C 3 .   ? 3.352   -17.207 6.661   1.00 50.69  ? 1032 HOH A O   1 
HETATM 818 O O   . HOH C 3 .   ? -8.412  -3.688  7.545   1.00 39.55  ? 1033 HOH A O   1 
HETATM 819 O O   . HOH C 3 .   ? 0.860   14.011  -13.461 1.00 52.93  ? 1034 HOH A O   1 
HETATM 820 O O   . HOH C 3 .   ? -10.536 -10.578 2.070   1.00 43.77  ? 1035 HOH A O   1 
HETATM 821 O O   . HOH C 3 .   ? -15.013 -1.151  -6.607  1.00 46.44  ? 1036 HOH A O   1 
HETATM 822 O O   . HOH C 3 .   ? 7.119   -9.796  5.203   1.00 39.94  ? 1037 HOH A O   1 
HETATM 823 O O   . HOH C 3 .   ? 5.979   9.060   -6.478  1.00 51.67  ? 1038 HOH A O   1 
HETATM 824 O O   . HOH C 3 .   ? -14.575 3.477   -2.285  1.00 42.33  ? 1039 HOH A O   1 
HETATM 825 O O   . HOH C 3 .   ? -9.588  -6.546  -7.506  1.00 36.93  ? 1040 HOH A O   1 
HETATM 826 O O   . HOH C 3 .   ? -3.791  -14.102 9.462   1.00 43.58  ? 1041 HOH A O   1 
HETATM 827 O O   . HOH C 3 .   ? 9.915   13.586  9.133   1.00 42.44  ? 1042 HOH A O   1 
HETATM 828 O O   . HOH C 3 .   ? 2.490   7.802   -18.349 0.70 47.84  ? 1043 HOH A O   1 
HETATM 829 O O   . HOH C 3 .   ? -12.899 -3.904  7.402   1.00 46.32  ? 1044 HOH A O   1 
HETATM 830 O O   . HOH C 3 .   ? -11.990 10.273  2.187   1.00 36.99  ? 1045 HOH A O   1 
HETATM 831 O O   . HOH C 3 .   ? 0.679   13.894  -9.140  1.00 40.08  ? 1046 HOH A O   1 
HETATM 832 O O   . HOH C 3 .   ? 7.600   -3.808  -8.449  1.00 48.95  ? 1047 HOH A O   1 
HETATM 833 O O   . HOH C 3 .   ? 1.472   5.520   -16.940 1.00 38.38  ? 1048 HOH A O   1 
HETATM 834 O O   . HOH C 3 .   ? 2.795   -11.387 14.488  1.00 42.77  ? 1049 HOH A O   1 
HETATM 835 O O   . HOH C 3 .   ? 13.666  3.247   -4.866  1.00 52.55  ? 1051 HOH A O   1 
HETATM 836 O O   . HOH C 3 .   ? -11.954 -3.996  9.892   1.00 54.80  ? 1053 HOH A O   1 
HETATM 837 O O   . HOH C 3 .   ? 16.372  -3.266  -8.310  1.00 47.63  ? 1054 HOH A O   1 
HETATM 838 O O   . HOH C 3 .   ? -3.558  -11.187 13.957  1.00 40.73  ? 1055 HOH A O   1 
HETATM 839 O O   . HOH C 3 .   ? 4.732   -10.162 13.002  1.00 51.09  ? 1056 HOH A O   1 
HETATM 840 O O   . HOH C 3 .   ? 6.173   -13.632 -6.659  1.00 55.61  ? 1057 HOH A O   1 
HETATM 841 O O   . HOH C 3 .   ? 7.347   -6.446  12.430  1.00 57.38  ? 1058 HOH A O   1 
HETATM 842 O O   . HOH C 3 .   ? 0.716   13.197  5.021   1.00 49.71  ? 1059 HOH A O   1 
HETATM 843 O O   . HOH C 3 .   ? -10.347 -13.739 8.380   1.00 54.62  ? 1060 HOH A O   1 
HETATM 844 O O   . HOH C 3 .   ? 1.530   8.532   7.194   1.00 34.19  ? 1061 HOH A O   1 
HETATM 845 O O   . HOH C 3 .   ? 10.804  -18.073 5.136   1.00 52.00  ? 1062 HOH A O   1 
HETATM 846 O O   . HOH C 3 .   ? -7.593  3.689   -7.120  1.00 44.20  ? 1063 HOH A O   1 
HETATM 847 O O   . HOH C 3 .   ? 4.411   14.271  0.469   1.00 60.15  ? 1064 HOH A O   1 
HETATM 848 O O   . HOH C 3 .   ? 3.574   14.063  -12.156 1.00 56.57  ? 1065 HOH A O   1 
HETATM 849 O O   . HOH C 3 .   ? 6.713   -9.930  8.253   1.00 43.53  ? 1066 HOH A O   1 
HETATM 850 O O   . HOH C 3 .   ? -1.377  10.056  5.836   1.00 51.20  ? 1067 HOH A O   1 
HETATM 851 O O   . HOH C 3 .   ? -9.008  -6.828  7.230   1.00 41.37  ? 1068 HOH A O   1 
HETATM 852 O O   . HOH C 3 .   ? -0.164  2.649   -12.959 1.00 55.65  ? 1069 HOH A O   1 
HETATM 853 O O   . HOH C 3 .   ? -8.056  9.588   -10.140 1.00 47.12  ? 1070 HOH A O   1 
HETATM 854 O O   . HOH C 3 .   ? 4.316   0.598   -10.115 1.00 63.14  ? 1071 HOH A O   1 
HETATM 855 O O   . HOH C 3 .   ? -5.692  19.027  -5.535  1.00 45.98  ? 1072 HOH A O   1 
HETATM 856 O O   . HOH C 3 .   ? 4.523   -9.854  -8.297  1.00 66.65  ? 1073 HOH A O   1 
HETATM 857 O O   . HOH C 3 .   ? 15.094  -1.287  -0.135  1.00 31.10  ? 1075 HOH A O   1 
HETATM 858 O O   . HOH C 3 .   ? 13.459  -8.577  1.806   1.00 53.57  ? 1076 HOH A O   1 
HETATM 859 O O   . HOH C 3 .   ? 3.980   12.773  4.642   1.00 70.61  ? 1077 HOH A O   1 
HETATM 860 O O   . HOH C 3 .   ? -8.782  -2.789  9.608   1.00 62.10  ? 1078 HOH A O   1 
HETATM 861 O O   . HOH C 3 .   ? 10.469  29.324  1.981   1.00 67.88  ? 1079 HOH A O   1 
HETATM 862 O O   . HOH C 3 .   ? -2.159  -16.555 8.255   1.00 39.17  ? 1080 HOH A O   1 
HETATM 863 O O   . HOH C 3 .   ? -9.936  13.614  0.191   1.00 50.73  ? 1081 HOH A O   1 
HETATM 864 O O   . HOH C 3 .   ? -9.682  1.493   -7.079  1.00 37.07  ? 1082 HOH A O   1 
HETATM 865 O O   . HOH C 3 .   ? -15.097 5.342   1.045   1.00 31.62  ? 1083 HOH A O   1 
HETATM 866 O O   . HOH C 3 .   ? 4.853   15.525  -4.368  1.00 44.36  ? 1084 HOH A O   1 
HETATM 867 O O   . HOH C 3 .   ? 2.922   13.262  -9.984  1.00 50.97  ? 1085 HOH A O   1 
HETATM 868 O O   . HOH C 3 .   ? 18.487  -2.198  -8.170  1.00 71.09  ? 1086 HOH A O   1 
HETATM 869 O O   . HOH C 3 .   ? -1.435  -8.183  15.253  1.00 37.98  ? 1087 HOH A O   1 
HETATM 870 O O   . HOH C 3 .   ? 4.531   3.485   8.024   1.00 105.98 ? 1089 HOH A O   1 
HETATM 871 O O   . HOH C 3 .   ? 6.038   11.358  7.424   1.00 44.28  ? 1090 HOH A O   1 
HETATM 872 O O   . HOH C 3 .   ? -4.172  10.143  -10.286 1.00 39.34  ? 1091 HOH A O   1 
HETATM 873 O O   . HOH C 3 .   ? -8.093  11.962  -10.864 1.00 50.00  ? 1093 HOH A O   1 
HETATM 874 O O   . HOH C 3 .   ? -6.151  10.605  -16.115 1.00 54.94  ? 1094 HOH A O   1 
HETATM 875 O O   . HOH C 3 .   ? -7.551  -11.401 9.187   1.00 46.89  ? 1095 HOH A O   1 
HETATM 876 O O   . HOH C 3 .   ? -10.557 -17.315 10.741  1.00 55.08  ? 1096 HOH A O   1 
HETATM 877 O O   . HOH C 3 .   ? 3.857   -0.450  12.997  1.00 78.83  ? 1097 HOH A O   1 
HETATM 878 O O   . HOH C 3 .   ? -4.167  -14.434 -14.449 1.00 52.95  ? 1098 HOH A O   1 
HETATM 879 O O   . HOH C 3 .   ? -6.095  5.087   -10.336 1.00 62.12  ? 1099 HOH A O   1 
HETATM 880 O O   . HOH C 3 .   ? -7.610  -2.305  -9.500  1.00 30.56  ? 1100 HOH A O   1 
HETATM 881 O O   . HOH C 3 .   ? 0.857   0.262   12.918  0.20 21.14  ? 1101 HOH A O   1 
HETATM 882 O O   . HOH C 3 .   ? 2.655   -20.832 0.152   1.00 55.50  ? 1102 HOH A O   1 
HETATM 883 O O   . HOH C 3 .   ? -9.977  -4.362  -8.829  1.00 45.77  ? 1103 HOH A O   1 
HETATM 884 O O   . HOH C 3 .   ? 9.422   -10.708 6.954   1.00 58.97  ? 1104 HOH A O   1 
HETATM 885 O O   . HOH C 3 .   ? -10.054 -2.324  -7.743  1.00 39.92  ? 1105 HOH A O   1 
HETATM 886 O O   . HOH C 3 .   ? 4.005   16.265  -1.222  1.00 98.80  ? 1106 HOH A O   1 
HETATM 887 O O   . HOH C 3 .   ? -7.895  -0.798  -7.460  1.00 65.33  ? 1107 HOH A O   1 
HETATM 888 O O   . HOH C 3 .   ? 5.130   8.338   13.456  1.00 119.75 ? 1108 HOH A O   1 
HETATM 889 O O   . HOH C 3 .   ? 9.112   -6.975  -11.641 1.00 51.72  ? 1109 HOH A O   1 
HETATM 890 O O   . HOH C 3 .   ? -8.751  20.110  -6.341  1.00 57.34  ? 1110 HOH A O   1 
HETATM 891 O O   . HOH C 3 .   ? -10.226 9.915   -2.380  1.00 44.95  ? 1111 HOH A O   1 
HETATM 892 O O   . HOH C 3 .   ? -13.868 -1.248  -2.758  1.00 43.10  ? 1112 HOH A O   1 
HETATM 893 O O   . HOH C 3 .   ? 6.894   5.917   -17.471 1.00 54.34  ? 1113 HOH A O   1 
HETATM 894 O O   . HOH C 3 .   ? -6.277  -12.225 -14.394 1.00 52.16  ? 1114 HOH A O   1 
HETATM 895 O O   . HOH C 3 .   ? 9.595   -14.850 0.293   1.00 42.38  ? 1115 HOH A O   1 
HETATM 896 O O   . HOH C 3 .   ? -0.689  -10.384 -16.112 1.00 83.61  ? 1117 HOH A O   1 
HETATM 897 O O   . HOH C 3 .   ? -6.753  -10.072 -13.220 1.00 52.93  ? 1118 HOH A O   1 
HETATM 898 O O   . HOH C 3 .   ? 16.228  2.723   -3.527  1.00 78.82  ? 1119 HOH A O   1 
HETATM 899 O O   . HOH C 3 .   ? -3.156  2.038   -10.460 1.00 34.59  ? 1120 HOH A O   1 
HETATM 900 O O   . HOH C 3 .   ? 1.412   24.557  4.439   1.00 53.68  ? 1121 HOH A O   1 
HETATM 901 O O   . HOH C 3 .   ? 5.741   7.555   -16.372 1.00 47.64  ? 1123 HOH A O   1 
HETATM 902 O O   . HOH C 3 .   ? 4.383   11.414  -11.448 1.00 77.79  ? 1125 HOH A O   1 
HETATM 903 O O   . HOH C 3 .   ? 12.565  -17.265 3.166   1.00 48.67  ? 1127 HOH A O   1 
HETATM 904 O O   . HOH C 3 .   ? 4.643   15.140  3.706   1.00 57.17  ? 1128 HOH A O   1 
HETATM 905 O O   . HOH C 3 .   ? -13.546 -4.837  3.945   1.00 69.49  ? 1129 HOH A O   1 
HETATM 906 O O   . HOH C 3 .   ? 9.454   30.289  -0.149  0.74 57.24  ? 1131 HOH A O   1 
HETATM 907 O O   . HOH C 3 .   ? 9.719   -8.404  -8.118  0.70 37.05  ? 1132 HOH A O   1 
HETATM 908 O O   . HOH C 3 .   ? -7.940  -8.154  11.661  1.00 47.74  ? 1133 HOH A O   1 
HETATM 909 O O   . HOH C 3 .   ? -10.859 12.264  1.984   1.00 53.91  ? 1137 HOH A O   1 
HETATM 910 O O   . HOH C 3 .   ? -9.097  -9.853  7.189   1.00 41.01  ? 1138 HOH A O   1 
# 
